data_1DEQ
#
_entry.id   1DEQ
#
_cell.length_a   176.006
_cell.length_b   94.935
_cell.length_c   209.805
_cell.angle_alpha   90.00
_cell.angle_beta   94.41
_cell.angle_gamma   90.00
#
_symmetry.space_group_name_H-M   'P 1 21 1'
#
loop_
_entity.id
_entity.type
_entity.pdbx_description
1 polymer 'FIBRINOGEN (ALPHA CHAIN)'
2 polymer 'FIBRINOGEN (BETA CHAIN)'
3 polymer 'FIBRINOGEN (GAMMA CHAIN)'
4 polymer FIBRINOGEN
#
loop_
_entity_poly.entity_id
_entity_poly.type
_entity_poly.pdbx_seq_one_letter_code
_entity_poly.pdbx_strand_id
1 'polypeptide(L)'
;EDGSDPPSGDFLTEGGGVRGPRLVERQQSACKETGWPFCSDEDWNTKCPSGCRMKGLIDEVDQDFTSRINKLRDSLFNYQ
KNSKDSNTLTKNIVELMRGDFAKANNNDNTFKQINEDLRSRIEILRRKVIEQVQRINLLQKNVRDQLVDMKRLEVDIDIK
IRSCKGSCSRALEHKVDLEDYKNQQKQLEQVIAINLLPSRDIQYLPILKMSTITGPVPREFKSQLQEAPLEWKALLEMQQ
TKMVLETFGGDGHARGDSVSQGTGLAPGSPRKPGTSSIGNVNPGSYGPGSSGTWNPGRPEPGSAGTWNPGRPEPGSAGTW
NPGRPEPGSAGTWNPGRPEPGSAGTWNPGRPEPGSAGTWNTGSSGSSSFRPDSSGHGNIRPSSPDWGTFR
;
A,D,N,Q
2 'polypeptide(L)'
;KVERKPPDADGCLHADPDLGVLCPTGCKLQDTLVRQERPIRKSIEDLRNTVDSVSRTSSSTFQYITLLKNMWKGRQNQVQ
DNENVVNEYSSHLEKHQLYIDETVKNNIPTKLRVLRSILENLRSKIQKLESDVSTQMEYCRTPCTVTCNIPVVSGKECEK
IIRNEGETSEMYLIQPEDSSKPYRVYCDMKTEKGGWTVIQNRQDGSVDFGRKWDPYKQGFGNIATNAEGKKYCGVPGEYW
LGNDRISQLTNMGPTKLLIEMEDWKGDKVTALYEGFTVQNEANKYQLSVSKYKGTAGNALIEGASQLVGENRTMTIHNSM
FFSTYDRDNDGWKTTDPRKQCSKEDGGGWWYNRCHAANPNGRYYWGGAYTWDMAKHGTDDGVVWMNWQGSWYSMKKMSKM
IRPYFPEQ
;
B,E,O,R
3 'polypeptide(L)'
;YVATRDNCCILDERFGSYCPTTCGIADFLNNYQTSVDKDLRTLEGILYQVENKTSEARELVKAIQISYNPDQPSKPNNIE
SATKNSKSMMEEIMKYETLISTHESTIRFLQEIYNSNSQKIVNLRDKVVQLEANCQEPCQDTVKIHDVTGRDCQDVANKG
AKESGLYFIRPLKAKQQFLVYCEIDGSGNGWTVFQKRLDGSLDFKKNWIQYKEGFGHLSPTGNTEFWLGNEKIHLISTQS
TIPYVLRIQLEDWNGRTSTADYASFKVTGENDKYRLTYAYFIGGDAGDAFDGYDFGDDSSDKFFTSHNGMQFSTWDSDND
KYDGNCAEQDGSGWWMNKCHAGHLNGVYYQGGTYSKTSTPNGYDNGIIWATWKSRWYSMKKTTMKIIPLNRLAIGEGQQH
QLGGAKQAGDV
;
C,F,P,S
4 'polypeptide(L)'
;(UNK)(UNK)(UNK)(UNK)(UNK)(UNK)(UNK)(UNK)(UNK)(UNK)(UNK)(UNK)(UNK)(UNK)(UNK)(UNK)
(UNK)(UNK)(UNK)(UNK)(UNK)(UNK)(UNK)(UNK)(UNK)(UNK)(UNK)(UNK)(UNK)(UNK)(UNK)(UNK)
(UNK)(UNK)(UNK)(UNK)(UNK)(UNK)(UNK)(UNK)(UNK)(UNK)(UNK)(UNK)(UNK)(UNK)(UNK)(UNK)
(UNK)(UNK)(UNK)(UNK)(UNK)(UNK)(UNK)(UNK)(UNK)(UNK)(UNK)(UNK)(UNK)(UNK)(UNK)(UNK)
(UNK)(UNK)(UNK)(UNK)(UNK)(UNK)(UNK)(UNK)(UNK)(UNK)(UNK)(UNK)(UNK)(UNK)(UNK)(UNK)
(UNK)(UNK)(UNK)(UNK)(UNK)(UNK)(UNK)(UNK)(UNK)(UNK)
;
M,Z
#
# COMPACT_ATOMS: atom_id res chain seq x y z
CA ASN A 45 -43.72 -17.00 -50.49
CA THR A 46 -42.39 -20.23 -50.31
CA LYS A 47 -42.14 -23.45 -51.50
CA CYS A 48 -39.13 -23.62 -50.61
CA PRO A 49 -35.76 -24.90 -49.85
CA SER A 50 -32.23 -25.26 -51.79
CA GLY A 51 -28.99 -26.66 -53.93
CA CYS A 52 -25.36 -27.60 -52.80
CA ARG A 53 -23.17 -26.09 -51.09
CA MET A 54 -25.71 -27.34 -48.74
CA LYS A 55 -23.66 -30.28 -47.93
CA GLY A 56 -20.42 -28.05 -47.89
CA LEU A 57 -22.30 -25.81 -45.62
CA ILE A 58 -23.59 -28.96 -43.56
CA ASP A 59 -20.00 -30.04 -43.89
CA GLU A 60 -18.81 -26.84 -42.30
CA VAL A 61 -21.43 -27.08 -39.14
CA ASP A 62 -21.08 -30.64 -37.29
CA GLN A 63 -17.06 -30.01 -37.32
CA ASP A 64 -17.30 -27.14 -34.99
CA PHE A 65 -19.66 -29.05 -32.89
CA THR A 66 -17.81 -32.35 -32.95
CA SER A 67 -14.44 -30.73 -32.36
CA ARG A 68 -15.61 -28.18 -29.52
CA ILE A 69 -16.09 -31.57 -27.52
CA ASN A 70 -12.56 -32.33 -28.48
CA LYS A 71 -12.01 -29.65 -26.08
CA LEU A 72 -14.70 -31.13 -24.65
CA ARG A 73 -12.52 -34.10 -24.46
CA ASP A 74 -9.87 -31.58 -23.47
CA SER A 75 -11.93 -28.95 -21.44
CA LEU A 76 -13.86 -30.84 -18.76
CA PHE A 77 -11.48 -33.59 -18.53
CA ASN A 78 -8.79 -31.75 -17.24
CA TYR A 79 -8.86 -28.63 -14.97
CA GLN A 80 -11.83 -31.10 -13.67
CA LYS A 81 -9.43 -33.94 -12.82
CA ASN A 82 -6.33 -31.79 -12.29
CA SER A 83 -8.00 -30.44 -10.59
CA LYS A 84 -9.31 -33.59 -8.99
CA ASP A 85 -6.57 -35.60 -7.23
CA SER A 86 -5.65 -32.02 -6.07
CA ASN A 87 -8.95 -31.04 -4.77
CA THR A 88 -9.58 -32.80 -2.62
CA LEU A 89 -5.87 -32.85 -1.53
CA THR A 90 -6.75 -29.73 -0.76
CA LYS A 91 -9.23 -31.18 1.78
CA ASN A 92 -6.41 -33.19 3.18
CA ILE A 93 -4.01 -30.25 3.73
CA VAL A 94 -6.53 -27.66 4.81
CA GLU A 95 -7.76 -30.57 7.12
CA LEU A 96 -4.35 -30.67 8.89
CA MET A 97 -5.72 -27.64 10.17
CA ARG A 98 -8.74 -29.09 11.65
CA GLY A 99 -5.61 -29.84 13.57
CA ASP A 100 -2.98 -27.16 14.02
CA PHE A 101 -5.95 -26.06 15.78
CA ALA A 102 -8.08 -28.65 17.52
CA LYS A 103 -4.88 -29.83 19.89
CA ALA A 104 -5.60 -26.15 20.55
CA ASN A 105 -8.91 -27.47 21.81
CA ASN A 106 -7.81 -29.17 25.06
CA ASN A 107 -4.55 -27.30 24.64
CA ASP A 108 -6.65 -24.19 25.34
CA ASN A 109 -9.40 -26.22 26.94
CA THR A 110 -6.86 -27.44 29.43
CA PHE A 111 -5.55 -24.05 30.55
CA LYS A 112 -9.15 -23.52 31.43
CA GLN A 113 -9.20 -26.48 33.80
CA ILE A 114 -5.72 -25.52 35.09
CA ASN A 115 -5.92 -21.95 36.26
CA GLU A 116 -9.50 -22.74 37.17
CA ASP A 117 -8.05 -24.73 40.05
CA LEU A 118 -5.25 -22.21 40.60
CA ARG A 119 -7.20 -18.95 40.62
CA SER A 120 -8.91 -21.30 43.10
CA ARG A 121 -6.17 -22.61 45.45
CA ILE A 122 -5.27 -18.89 45.44
CA GLU A 123 -8.52 -18.09 47.37
CA ILE A 124 -8.37 -20.53 50.24
CA LEU A 125 -4.81 -19.31 50.59
CA ARG A 126 -5.75 -15.64 50.06
CA ARG A 127 -8.41 -16.26 52.67
CA LYS A 128 -6.62 -18.72 54.97
CA VAL A 129 -3.65 -16.37 54.93
CA ILE A 130 -5.65 -13.42 56.27
CA GLU A 131 -7.75 -15.39 58.71
CA GLN A 132 -4.36 -15.85 60.25
CA VAL A 133 -2.63 -12.60 59.47
CA GLN A 134 -5.50 -10.91 61.30
CA ARG A 135 -5.47 -13.68 63.90
CA ILE A 136 -1.99 -12.19 64.23
CA ASN A 137 -2.69 -8.49 64.62
CA LEU A 138 -5.09 -9.69 67.32
CA LEU A 139 -2.65 -11.42 69.70
CA GLN A 140 -0.38 -8.56 68.60
CA LYS A 141 -2.60 -6.36 70.75
CA ASN A 142 -3.62 -8.91 73.33
CA VAL A 143 0.02 -9.18 74.28
CA ARG A 144 0.67 -5.44 73.99
CA ASP A 145 -1.69 -5.73 76.91
CA GLN A 146 -0.27 -8.85 78.54
CA LEU A 147 3.07 -7.03 78.00
CA VAL A 148 1.94 -3.73 79.51
CA ASP A 149 -0.44 -5.20 82.11
CA MET A 150 2.55 -7.14 83.33
CA LYS A 151 5.05 -4.21 83.51
CA ARG A 152 2.34 -3.04 85.89
CA LEU A 153 2.34 -6.03 88.22
CA GLU A 154 6.11 -6.12 88.21
CA VAL A 155 6.49 -2.49 89.24
CA ASP A 156 3.53 -2.90 91.51
CA ILE A 157 4.73 -6.08 93.10
CA ASP A 158 8.29 -4.65 93.26
CA ILE A 159 6.82 -1.97 95.43
CA LYS A 160 4.40 -4.31 97.20
CA ILE A 161 7.57 -6.03 98.53
CA ARG A 162 9.93 -3.33 99.72
CA SER A 163 6.92 -2.19 101.74
CA CYS A 164 7.04 -5.64 103.23
CA LYS A 165 10.59 -5.03 104.37
CA GLY A 166 9.50 -2.76 107.20
CA SER A 167 6.81 -5.02 108.64
CA CYS A 168 8.35 -8.51 108.77
CA SER A 169 11.72 -10.10 109.31
CA ARG A 170 13.90 -10.57 106.19
CA ALA A 171 13.64 -8.57 102.91
CA LEU A 172 14.18 -9.63 99.31
CA GLU A 173 16.34 -6.84 97.76
CA HIS A 174 14.43 -6.84 94.51
CA LYS A 175 14.76 -4.15 91.86
CA VAL A 176 12.70 -4.22 88.64
CA ASP A 177 14.87 -3.70 85.55
CA LEU A 178 12.49 -1.80 83.37
CA GLU A 179 14.76 -1.75 80.35
CA ASP A 180 13.99 -5.35 79.37
CA TYR A 181 10.34 -4.52 79.85
CA LYS A 182 10.97 -1.15 78.17
CA ASN A 183 12.44 -3.13 75.27
CA GLN A 184 9.63 -5.66 74.86
CA GLN A 185 7.33 -2.71 74.62
CA LYS A 186 9.44 -1.04 71.90
CA GLN A 187 10.23 -4.12 69.83
CA LEU A 188 6.58 -5.29 69.91
CA GLU A 189 5.43 -1.81 68.97
CA GLN A 190 7.99 -1.62 66.19
CA VAL A 191 6.89 -5.17 65.23
CA ILE A 192 3.45 -4.34 63.83
CA ALA A 193 5.27 -2.60 61.00
CA ILE A 194 2.90 -3.40 58.14
CA ASN A 195 0.43 -6.02 56.83
CA LEU A 196 -1.46 -7.29 53.76
CA LEU A 197 -2.06 -4.91 50.87
CA PRO A 198 -3.95 -4.03 47.60
CA SER A 199 -5.96 -6.51 45.84
CA ARG A 200 -8.17 -8.46 43.43
CA ASP A 201 -8.00 -11.74 41.55
CA ILE A 202 -9.58 -12.94 38.24
CA GLN A 203 -10.09 -9.55 36.58
CA TYR A 204 -11.55 -10.73 33.23
CA LEU A 205 -12.27 -14.35 32.26
CA PRO A 206 -14.46 -17.37 31.87
CA ILE A 207 -16.75 -16.77 29.13
CA LEU A 208 -14.22 -16.14 26.82
CA LYS A 209 -12.05 -19.22 26.78
CA MET A 210 -13.94 -19.56 23.49
CA SER A 211 -17.35 -18.58 22.54
CA THR A 212 -17.21 -18.30 18.77
CA ILE A 213 -15.09 -21.33 17.30
CA THR A 214 -15.07 -24.80 15.99
CA GLY A 215 -15.45 -27.82 14.58
CA PRO A 216 -16.62 -27.90 11.36
CA VAL A 217 -15.30 -29.08 8.90
CA PRO A 218 -15.31 -32.51 8.64
CA ARG A 219 -14.97 -35.29 6.39
CA GLU A 220 -17.52 -33.96 3.99
CA PHE A 221 -20.75 -35.75 4.40
CA LYS A 222 -22.27 -34.51 7.06
CA SER A 223 -25.44 -34.35 5.73
CA GLN A 224 -26.71 -37.52 7.47
CA LYS B 28 -33.84 -40.06 -47.72
CA LEU B 29 -31.79 -37.25 -47.85
CA GLN B 30 -33.17 -35.74 -44.97
CA ASP B 31 -33.67 -38.57 -42.48
CA THR B 32 -29.92 -37.98 -42.20
CA LEU B 33 -29.91 -34.37 -40.96
CA VAL B 34 -32.37 -35.88 -38.49
CA ARG B 35 -30.04 -38.71 -37.39
CA GLN B 36 -27.02 -36.49 -36.75
CA GLU B 37 -28.97 -33.91 -34.71
CA ARG B 38 -31.23 -35.74 -32.25
CA PRO B 39 -28.11 -37.37 -30.69
CA ILE B 40 -27.01 -33.80 -30.06
CA ARG B 41 -30.25 -33.09 -28.26
CA LYS B 42 -28.96 -36.06 -26.27
CA SER B 43 -25.23 -35.25 -26.21
CA ILE B 44 -26.86 -32.13 -24.81
CA GLU B 45 -28.56 -34.04 -21.96
CA ASP B 46 -25.28 -35.91 -21.36
CA LEU B 47 -22.86 -33.01 -20.97
CA ARG B 48 -25.96 -31.37 -19.43
CA ASN B 49 -26.92 -33.71 -16.58
CA THR B 50 -23.22 -34.72 -16.50
CA VAL B 51 -21.76 -31.26 -15.92
CA ASP B 52 -24.64 -29.84 -13.87
CA SER B 53 -24.15 -32.51 -11.19
CA VAL B 54 -20.38 -31.81 -10.98
CA SER B 55 -20.92 -28.08 -11.17
CA ARG B 56 -22.44 -26.93 -7.89
CA THR B 57 -20.00 -29.65 -6.96
CA SER B 58 -17.13 -27.57 -8.25
CA SER B 59 -19.58 -24.73 -7.36
CA SER B 60 -21.00 -25.50 -3.89
CA THR B 61 -18.58 -25.87 -2.62
CA PHE B 62 -16.32 -22.91 -3.28
CA GLN B 63 -18.46 -21.32 -0.59
CA TYR B 64 -16.51 -23.47 1.91
CA ILE B 65 -12.97 -22.68 0.71
CA THR B 66 -14.50 -19.36 1.61
CA LEU B 67 -15.90 -20.25 5.10
CA LEU B 68 -12.85 -22.29 5.85
CA LYS B 69 -10.47 -19.62 4.52
CA ASN B 70 -12.53 -17.29 6.78
CA MET B 71 -12.96 -19.22 10.05
CA TRP B 72 -9.20 -19.48 9.68
CA LYS B 73 -7.66 -16.04 9.95
CA GLY B 74 -10.91 -15.35 11.75
CA ARG B 75 -9.18 -17.02 14.71
CA GLN B 76 -5.75 -15.45 14.64
CA ASN B 77 -6.69 -12.46 15.96
CA GLN B 78 -10.18 -13.85 17.57
CA VAL B 79 -7.86 -15.95 19.94
CA GLN B 80 -4.59 -13.42 20.04
CA ASP B 81 -6.87 -11.06 21.82
CA ASN B 82 -6.81 -13.88 24.34
CA GLU B 83 -3.24 -13.87 23.86
CA ASN B 84 -2.67 -10.54 25.67
CA VAL B 85 -5.48 -11.55 28.04
CA VAL B 86 -3.61 -14.23 29.89
CA ASN B 87 -0.40 -12.50 28.79
CA GLU B 88 -1.38 -9.48 30.91
CA TYR B 89 -3.71 -11.22 33.32
CA SER B 90 -0.50 -13.16 33.91
CA SER B 91 1.63 -10.23 35.12
CA HIS B 92 -1.11 -9.90 37.72
CA LEU B 93 -1.07 -13.28 39.49
CA GLU B 94 2.44 -12.13 40.45
CA LYS B 95 0.58 -10.36 43.22
CA HIS B 96 -0.43 -13.67 44.69
CA GLN B 97 3.17 -14.88 44.17
CA LEU B 98 4.77 -12.40 46.54
CA TYR B 99 1.77 -12.74 48.84
CA ILE B 100 3.13 -16.11 49.38
CA ASP B 101 6.71 -14.89 49.13
CA GLU B 102 7.14 -11.80 51.37
CA THR B 103 4.77 -13.86 53.51
CA VAL B 104 5.14 -17.45 54.78
CA LYS B 105 8.84 -16.80 54.18
CA ASN B 106 9.24 -13.16 55.21
CA ASN B 107 6.54 -11.70 57.42
CA ILE B 108 3.91 -14.18 58.68
CA PRO B 109 6.61 -16.02 60.52
CA THR B 110 8.66 -13.15 61.97
CA LYS B 111 5.40 -11.61 63.22
CA LEU B 112 4.93 -14.68 65.35
CA ARG B 113 8.39 -15.52 66.80
CA VAL B 114 8.62 -12.12 68.52
CA LEU B 115 5.14 -12.92 69.53
CA ARG B 116 6.51 -16.08 71.15
CA SER B 117 9.75 -14.43 72.10
CA ILE B 118 7.91 -12.09 74.54
CA LEU B 119 5.08 -14.50 75.05
CA GLU B 120 7.31 -17.31 76.39
CA ASN B 121 9.54 -14.71 78.03
CA LEU B 122 6.39 -13.39 79.66
CA ARG B 123 5.98 -16.94 80.92
CA SER B 124 9.28 -16.64 82.72
CA LYS B 125 8.98 -13.34 84.62
CA ILE B 126 5.82 -14.79 86.06
CA GLN B 127 7.84 -17.52 87.69
CA LYS B 128 10.49 -15.14 89.04
CA LEU B 129 7.62 -13.28 90.58
CA GLU B 130 5.43 -16.29 91.45
CA SER B 131 8.34 -17.37 93.70
CA ASP B 132 9.44 -14.00 95.04
CA VAL B 133 5.93 -13.78 96.48
CA SER B 134 6.01 -17.22 98.05
CA THR B 135 9.39 -16.12 99.35
CA GLN B 136 8.57 -12.77 100.99
CA MET B 137 5.44 -14.64 101.93
CA GLU B 138 7.72 -16.90 103.87
CA TYR B 139 10.13 -14.17 104.82
CA CYS B 140 6.90 -12.87 106.36
CA ARG B 141 6.13 -15.65 108.86
CA THR B 142 8.27 -13.79 111.33
CA PRO B 143 7.80 -10.01 111.79
CA CYS B 144 10.29 -7.18 111.96
CA THR B 145 11.00 -6.25 115.61
CA VAL B 146 12.52 -3.36 117.53
CA THR B 147 13.71 -2.83 121.10
CA CYS B 148 12.95 0.81 121.71
CA ASN B 149 14.04 1.83 125.20
CA ILE B 150 12.09 5.04 125.87
CA PRO B 151 14.28 8.07 126.26
CA VAL B 152 14.43 9.78 129.61
CA VAL B 153 13.24 13.27 128.56
CA SER B 154 9.65 14.03 127.50
CA GLY B 155 6.91 16.60 126.80
CA LYS B 156 3.68 17.23 124.91
CA GLU B 157 5.79 17.58 121.85
CA CYS B 158 9.49 17.56 120.86
CA GLU B 159 10.34 21.25 121.25
CA LYS B 160 9.59 20.60 124.91
CA ILE B 161 12.28 18.00 124.82
CA ILE B 162 15.07 19.96 123.21
CA ARG B 163 14.56 23.04 125.41
CA ASN B 164 13.93 20.42 128.00
CA GLU B 165 17.46 19.24 126.97
CA GLY B 166 16.92 15.93 125.11
CA GLU B 167 19.22 16.69 122.19
CA THR B 168 19.79 13.48 120.14
CA SER B 169 17.54 13.12 117.18
CA GLU B 170 15.82 9.87 118.11
CA MET B 171 12.64 8.19 119.30
CA TYR B 172 11.25 10.01 122.30
CA LEU B 173 7.89 9.73 123.86
CA ILE B 174 5.33 12.51 124.26
CA GLN B 175 2.07 13.43 125.90
CA PRO B 176 0.45 16.60 124.55
CA GLU B 177 -2.73 16.23 126.63
CA ASP B 178 -2.79 15.11 130.26
CA SER B 179 -5.51 12.78 129.02
CA SER B 180 -3.48 11.93 125.92
CA LYS B 181 -2.06 8.54 126.93
CA PRO B 182 1.51 9.26 125.79
CA TYR B 183 2.67 7.86 122.49
CA ARG B 184 6.11 7.58 120.90
CA VAL B 185 7.30 9.72 118.01
CA TYR B 186 10.62 10.29 116.34
CA CYS B 187 11.92 13.84 116.69
CA ASP B 188 14.77 15.43 114.81
CA MET B 189 16.65 17.60 117.18
CA LYS B 190 19.28 18.99 114.80
CA THR B 191 17.78 19.72 111.37
CA GLU B 192 16.84 23.35 111.88
CA LYS B 193 16.76 24.22 115.57
CA GLY B 194 15.30 20.85 116.34
CA GLY B 195 12.03 20.19 118.18
CA TRP B 196 10.62 18.90 114.94
CA THR B 197 8.20 16.09 115.57
CA VAL B 198 8.25 13.82 112.52
CA ILE B 199 4.62 13.63 111.32
CA GLN B 200 5.15 11.31 108.42
CA ASN B 201 8.27 9.50 107.24
CA ARG B 202 9.26 8.44 103.65
CA GLN B 203 12.79 7.10 102.91
CA ASP B 204 12.76 3.62 101.44
CA GLY B 205 9.12 2.67 100.99
CA SER B 206 9.50 0.00 103.59
CA VAL B 207 5.85 0.50 104.42
CA ASP B 208 2.44 0.27 102.76
CA PHE B 209 0.83 3.67 102.55
CA GLY B 210 -1.77 1.88 100.55
CA ARG B 211 -3.95 2.03 103.62
CA LYS B 212 -7.52 3.05 104.40
CA TRP B 213 -8.98 5.67 106.77
CA ASP B 214 -8.65 4.42 110.32
CA PRO B 215 -5.04 3.47 109.65
CA TYR B 216 -4.50 7.09 108.59
CA LYS B 217 -6.29 9.11 111.20
CA GLN B 218 -4.86 6.65 113.69
CA GLY B 219 -1.35 6.76 112.26
CA PHE B 220 0.86 4.05 110.83
CA GLY B 221 4.47 3.14 110.07
CA ASN B 222 7.39 2.35 112.36
CA ILE B 223 8.33 5.43 114.41
CA ALA B 224 11.96 4.47 114.35
CA THR B 225 14.39 1.59 114.54
CA ASN B 226 17.34 0.50 116.75
CA ALA B 227 20.63 1.66 115.20
CA GLU B 228 23.81 -0.40 114.63
CA GLY B 229 23.88 -2.01 118.05
CA LYS B 230 22.57 0.67 120.44
CA LYS B 231 19.61 -0.07 122.71
CA TYR B 232 17.54 2.87 121.65
CA CYS B 233 16.21 3.16 118.07
CA GLY B 234 18.20 6.20 116.94
CA VAL B 235 16.96 5.34 113.47
CA PRO B 236 13.69 6.91 112.20
CA GLY B 237 10.93 4.85 110.72
CA GLU B 238 8.69 5.64 107.71
CA TYR B 239 5.29 6.44 109.09
CA TRP B 240 2.20 8.62 109.04
CA LEU B 241 1.80 9.96 112.53
CA GLY B 242 -1.98 9.76 112.50
CA ASN B 243 -4.21 12.63 111.52
CA ASP B 244 -5.82 12.76 114.98
CA ARG B 245 -2.54 13.37 116.72
CA ILE B 246 -1.34 15.57 113.90
CA SER B 247 -4.24 17.92 114.31
CA GLN B 248 -4.15 17.74 118.10
CA LEU B 249 -0.54 18.68 117.82
CA THR B 250 -1.38 21.34 115.27
CA ASN B 251 -4.50 22.50 117.15
CA MET B 252 -2.11 23.48 119.95
CA GLY B 253 -1.63 26.69 118.02
CA PRO B 254 1.63 27.74 116.36
CA THR B 255 2.61 24.63 114.46
CA LYS B 256 5.22 25.59 111.84
CA LEU B 257 5.29 22.91 109.10
CA LEU B 258 8.47 21.84 107.31
CA ILE B 259 8.66 19.18 104.63
CA GLU B 260 11.93 17.93 103.19
CA MET B 261 12.70 15.65 100.23
CA GLU B 262 15.60 14.21 98.31
CA ASP B 263 16.67 13.55 94.73
CA TRP B 264 17.64 10.01 93.71
CA LYS B 265 20.36 12.11 92.06
CA GLY B 266 21.35 13.51 95.42
CA ASP B 267 19.54 16.84 95.48
CA LYS B 268 17.11 17.71 98.28
CA VAL B 269 14.65 20.47 99.09
CA THR B 270 12.68 22.00 101.94
CA ALA B 271 9.07 23.10 101.96
CA LEU B 272 8.35 25.26 105.03
CA TYR B 273 4.69 25.95 105.55
CA GLU B 274 4.94 28.21 108.58
CA GLY B 275 1.28 27.62 109.41
CA PHE B 276 0.26 24.01 109.13
CA THR B 277 -3.14 23.45 110.88
CA VAL B 278 -4.94 20.17 110.31
CA GLN B 279 -8.42 19.69 111.76
CA ASN B 280 -10.58 16.86 113.00
CA GLU B 281 -12.24 13.79 111.57
CA ALA B 282 -15.67 15.44 111.58
CA ASN B 283 -13.86 18.29 109.79
CA LYS B 284 -12.42 15.80 107.31
CA TYR B 285 -9.10 16.75 108.83
CA GLN B 286 -9.36 19.89 106.76
CA LEU B 287 -5.66 20.59 106.18
CA SER B 288 -4.45 24.07 105.14
CA VAL B 289 -1.32 26.10 105.77
CA SER B 290 -0.52 29.78 106.24
CA LYS B 291 2.76 30.78 104.63
CA TYR B 292 5.23 28.74 102.65
CA LYS B 293 8.93 29.35 102.06
CA GLY B 294 11.25 26.85 100.40
CA THR B 295 12.97 25.58 97.26
CA ALA B 296 10.24 23.35 95.84
CA GLY B 297 7.17 25.52 95.13
CA ASN B 298 4.05 25.85 97.27
CA ALA B 299 2.33 22.67 96.25
CA LEU B 300 -0.49 23.09 98.76
CA ILE B 301 -1.90 26.57 98.27
CA GLU B 302 -0.72 26.95 94.67
CA GLY B 303 -1.54 23.93 92.52
CA ALA B 304 1.03 22.57 90.06
CA SER B 305 3.75 25.07 89.01
CA GLN B 306 3.26 23.86 85.47
CA LEU B 307 -0.51 23.83 85.01
CA VAL B 308 -1.99 27.35 84.73
CA GLY B 309 -5.36 28.90 85.56
CA GLU B 310 -8.07 26.42 86.59
CA ASN B 311 -5.57 23.66 85.90
CA ARG B 312 -3.11 25.04 88.43
CA THR B 313 -5.96 25.88 90.79
CA MET B 314 -7.32 22.39 90.40
CA THR B 315 -4.38 21.34 92.54
CA ILE B 316 -4.40 23.40 95.70
CA HIS B 317 -4.83 21.53 99.01
CA ASN B 318 -5.16 24.51 101.25
CA SER B 319 -8.66 23.99 102.60
CA MET B 320 -8.79 20.40 101.39
CA PHE B 321 -10.52 17.60 103.21
CA PHE B 322 -8.45 14.47 103.89
CA SER B 323 -9.36 11.58 101.61
CA THR B 324 -8.05 7.99 101.38
CA TYR B 325 -8.69 5.17 98.93
CA ASP B 326 -11.65 4.06 101.07
CA ARG B 327 -12.71 7.56 102.19
CA ASP B 328 -13.09 10.24 99.51
CA ASN B 329 -13.27 14.02 99.74
CA ASP B 330 -11.14 15.16 96.78
CA GLY B 331 -12.24 17.57 94.08
CA TRP B 332 -14.82 15.26 92.59
CA LYS B 333 -18.32 14.74 91.28
CA THR B 334 -20.13 11.63 92.57
CA THR B 335 -19.39 9.77 89.36
CA ASP B 336 -17.29 7.24 87.47
CA PRO B 337 -14.28 6.16 89.56
CA ARG B 338 -12.28 7.66 86.68
CA LYS B 339 -12.63 10.71 88.93
CA GLN B 340 -11.79 9.74 92.55
CA CYS B 341 -8.17 10.83 93.03
CA SER B 342 -7.38 8.33 95.77
CA LYS B 343 -7.86 4.99 94.07
CA GLU B 344 -7.44 1.46 95.49
CA ASP B 345 -4.07 0.87 97.17
CA GLY B 346 -3.56 4.56 96.62
CA GLY B 347 -2.30 6.63 99.53
CA GLY B 348 -5.08 8.66 101.11
CA TRP B 349 -4.22 12.30 101.84
CA TRP B 350 -5.79 15.77 101.32
CA TYR B 351 -6.98 15.55 97.70
CA ASN B 352 -8.68 18.26 95.57
CA ARG B 353 -9.12 17.67 91.84
CA CYS B 354 -6.35 15.35 92.91
CA HIS B 355 -2.74 16.35 93.39
CA ALA B 356 0.00 18.90 92.98
CA ALA B 357 2.04 16.64 95.27
CA ASN B 358 1.41 13.48 97.28
CA PRO B 359 4.08 12.51 99.89
CA ASN B 360 1.79 9.62 100.76
CA GLY B 361 2.21 8.12 97.30
CA ARG B 362 3.80 4.84 96.28
CA TYR B 363 7.58 4.78 96.58
CA TYR B 364 8.20 4.09 92.89
CA TRP B 365 11.56 2.40 92.76
CA GLY B 366 14.08 4.81 91.24
CA GLY B 367 11.32 7.38 91.32
CA ALA B 368 10.64 8.56 87.78
CA TYR B 369 7.97 6.31 86.40
CA THR B 370 5.11 5.86 83.90
CA TRP B 371 1.51 4.71 83.70
CA ASP B 372 2.38 1.32 82.19
CA MET B 373 3.73 1.16 85.73
CA ALA B 374 0.98 2.87 87.67
CA LYS B 375 -1.43 0.08 88.72
CA HIS B 376 -4.15 2.65 88.07
CA GLY B 377 -2.25 4.76 85.60
CA THR B 378 -2.79 7.43 88.23
CA ASP B 379 0.14 9.59 89.22
CA ASP B 380 0.60 7.13 92.07
CA GLY B 381 4.14 8.19 92.93
CA VAL B 382 5.18 10.15 95.97
CA VAL B 383 5.34 13.61 94.38
CA TRP B 384 6.07 17.28 94.69
CA MET B 385 5.33 18.53 91.17
CA ASN B 386 6.49 22.08 91.82
CA TRP B 387 10.00 20.59 91.79
CA GLN B 388 10.33 17.29 89.95
CA GLY B 389 7.35 17.52 87.66
CA SER B 390 5.17 14.45 87.88
CA TRP B 391 5.49 10.66 87.53
CA TYR B 392 8.47 10.77 89.86
CA SER B 393 7.95 9.04 93.23
CA MET B 394 10.45 11.02 95.26
CA LYS B 395 13.75 9.69 96.58
CA LYS B 396 13.02 10.90 100.10
CA MET B 397 10.48 13.14 101.72
CA SER B 398 8.90 13.45 105.16
CA LYS B 399 6.77 15.95 107.12
CA MET B 400 7.68 17.56 110.50
CA ILE B 401 6.34 20.11 112.96
CA ARG B 402 7.91 22.48 115.57
CA PRO B 403 5.50 25.16 116.80
CA TYR B 404 5.54 28.73 115.57
CA PHE B 405 7.09 31.60 117.47
CA PRO B 406 8.49 34.32 115.13
CA GLU B 407 7.43 35.31 111.61
CA ASP C 27 -36.46 -23.25 -43.33
CA PHE C 28 -38.10 -24.99 -40.54
CA LEU C 29 -34.84 -26.33 -40.73
CA ASN C 30 -32.50 -23.49 -40.58
CA ASN C 31 -34.42 -21.91 -37.87
CA TYR C 32 -34.39 -25.02 -35.90
CA GLN C 33 -30.75 -25.34 -36.28
CA THR C 34 -30.19 -21.93 -35.02
CA SER C 35 -31.95 -22.18 -31.70
CA VAL C 36 -29.86 -25.06 -30.76
CA ASP C 37 -26.79 -23.13 -31.30
CA LYS C 38 -27.92 -20.44 -29.07
CA ASP C 39 -28.67 -22.85 -26.41
CA LEU C 40 -25.33 -24.37 -26.68
CA ARG C 41 -23.69 -21.10 -26.30
CA THR C 42 -25.56 -20.42 -23.21
CA LEU C 43 -23.18 -23.49 -22.44
CA GLU C 44 -20.12 -21.20 -23.19
CA GLY C 45 -19.66 -18.65 -20.98
CA ILE C 46 -19.82 -21.39 -18.53
CA LEU C 47 -16.59 -22.51 -18.36
CA TYR C 48 -14.46 -19.57 -18.54
CA GLN C 49 -16.08 -18.01 -15.72
CA VAL C 50 -15.98 -21.07 -13.42
CA GLU C 51 -12.40 -21.26 -14.19
CA ASN C 52 -12.39 -17.55 -13.50
CA LYS C 53 -13.70 -18.20 -9.96
CA THR C 54 -11.94 -21.39 -8.87
CA SER C 55 -9.02 -19.70 -10.48
CA GLU C 56 -9.55 -16.25 -8.36
CA ALA C 57 -10.48 -18.21 -5.38
CA ARG C 58 -7.40 -19.79 -6.33
CA GLU C 59 -5.49 -16.66 -6.48
CA LEU C 60 -6.46 -15.67 -3.56
CA VAL C 61 -5.86 -19.06 -1.92
CA LYS C 62 -2.18 -18.77 -2.88
CA ALA C 63 -1.77 -15.25 -1.35
CA ILE C 64 -3.60 -16.58 1.75
CA GLN C 65 -0.93 -19.26 2.14
CA ILE C 66 1.85 -16.65 1.64
CA SER C 67 0.35 -14.40 4.40
CA TYR C 68 0.24 -17.32 6.80
CA ASN C 69 3.93 -18.34 6.17
CA PRO C 70 3.04 -15.95 7.80
CA ASP C 71 0.11 -16.28 10.19
CA GLN C 72 1.91 -19.25 11.93
CA PRO C 73 1.11 -18.12 15.75
CA SER C 74 3.73 -20.17 17.16
CA LYS C 75 5.04 -16.92 18.30
CA PRO C 76 2.48 -16.55 20.66
CA ASN C 77 4.42 -19.51 22.42
CA ASN C 78 2.28 -18.40 24.83
CA ILE C 79 -1.06 -20.10 25.46
CA GLU C 80 0.89 -23.32 25.86
CA SER C 81 3.46 -21.59 28.02
CA ALA C 82 0.95 -20.15 30.47
CA THR C 83 -1.01 -23.42 30.60
CA LYS C 84 2.36 -24.72 31.83
CA ASN C 85 3.66 -21.94 34.14
CA SER C 86 0.35 -22.62 35.91
CA LYS C 87 1.12 -26.15 37.04
CA SER C 88 4.33 -24.47 38.23
CA MET C 89 2.59 -21.71 40.11
CA MET C 90 1.18 -24.91 41.53
CA GLU C 91 4.48 -26.37 42.78
CA GLU C 92 4.83 -23.09 44.66
CA ILE C 93 1.16 -22.67 45.60
CA MET C 94 1.27 -25.88 47.60
CA LYS C 95 4.26 -25.70 49.92
CA TYR C 96 2.22 -22.73 51.03
CA GLU C 97 -1.29 -24.05 51.76
CA THR C 98 0.52 -26.12 54.39
CA LEU C 99 3.34 -23.70 55.25
CA ILE C 100 0.52 -22.02 57.06
CA SER C 101 -1.43 -25.01 58.30
CA THR C 102 1.59 -24.84 60.60
CA HIS C 103 1.51 -21.06 60.84
CA GLU C 104 -1.97 -21.86 62.27
CA SER C 105 -0.38 -23.66 65.19
CA THR C 106 2.37 -21.09 65.43
CA ILE C 107 -0.68 -18.90 66.04
CA ARG C 108 -2.95 -21.34 67.92
CA PHE C 109 -0.20 -22.08 70.42
CA LEU C 110 0.94 -18.48 70.53
CA GLN C 111 -2.52 -17.90 72.01
CA GLU C 112 -2.47 -20.78 74.50
CA ILE C 113 0.85 -19.47 75.82
CA TYR C 114 -0.30 -15.93 76.40
CA ASN C 115 -3.19 -17.40 78.32
CA SER C 116 -1.49 -19.86 80.66
CA ASN C 117 0.58 -16.70 80.81
CA SER C 118 -2.49 -14.54 81.27
CA GLN C 119 -3.15 -17.29 83.76
CA LYS C 120 0.03 -17.65 85.84
CA ILE C 121 0.04 -13.83 85.81
CA VAL C 122 -3.56 -13.98 87.02
CA ASN C 123 -2.52 -16.35 89.75
CA LEU C 124 0.50 -14.23 90.63
CA ARG C 125 -2.02 -11.50 91.38
CA ASP C 126 -4.03 -12.99 94.24
CA LYS C 127 -0.89 -14.13 96.01
CA VAL C 128 0.63 -10.69 95.92
CA VAL C 129 -2.64 -9.81 97.59
CA GLN C 130 -2.21 -12.52 100.17
CA LEU C 131 1.19 -10.85 100.64
CA GLU C 132 0.24 -7.23 101.17
CA ALA C 133 -2.15 -8.88 103.61
CA ASN C 134 0.92 -9.33 105.82
CA CYS C 135 3.39 -6.43 105.54
CA GLN C 136 0.74 -4.32 107.27
CA GLU C 137 1.66 -4.59 110.95
CA PRO C 138 4.69 -2.41 111.75
CA CYS C 139 7.75 -4.05 113.33
CA GLN C 140 7.23 -5.41 116.78
CA ASP C 141 8.63 -3.60 119.75
CA THR C 142 9.77 -5.22 122.90
CA VAL C 143 9.64 -2.33 125.36
CA LYS C 144 6.12 -2.71 126.68
CA ILE C 145 4.91 -0.43 129.45
CA HIS C 146 2.39 -1.62 132.03
CA ASP C 147 -0.93 0.11 132.59
CA VAL C 148 -1.41 0.75 136.31
CA THR C 149 0.49 3.56 137.97
CA GLY C 150 0.37 5.75 141.07
CA ARG C 151 2.50 8.13 143.16
CA ASP C 152 5.28 5.57 142.93
CA CYS C 153 6.09 1.96 141.89
CA GLN C 154 5.20 0.60 145.25
CA ASP C 155 1.83 2.19 144.77
CA VAL C 156 1.51 -0.01 141.65
CA ALA C 157 3.41 -2.79 143.25
CA ASN C 158 0.70 -2.81 145.91
CA LYS C 159 -1.83 -1.77 143.28
CA GLY C 160 -1.09 -5.18 141.86
CA ALA C 161 2.10 -4.66 139.85
CA LYS C 162 3.85 -8.06 140.17
CA GLU C 163 6.63 -7.52 137.64
CA SER C 164 9.55 -5.17 137.22
CA GLY C 165 9.79 -2.88 134.26
CA LEU C 166 8.76 0.52 133.04
CA TYR C 167 5.60 2.09 134.50
CA PHE C 168 3.93 5.49 134.71
CA ILE C 169 3.38 7.41 137.96
CA ARG C 170 2.33 10.78 139.35
CA PRO C 171 3.16 11.86 142.93
CA LEU C 172 0.30 14.02 144.14
CA LYS C 173 1.93 17.47 144.06
CA ALA C 174 3.24 16.43 140.66
CA LYS C 175 1.70 17.88 137.52
CA GLN C 176 1.77 15.44 134.56
CA GLN C 177 2.67 11.82 135.31
CA PHE C 178 5.85 10.14 134.05
CA LEU C 179 7.43 6.76 133.44
CA VAL C 180 10.29 5.49 135.57
CA TYR C 181 12.09 2.23 136.13
CA CYS C 182 10.47 0.15 138.91
CA GLU C 183 12.41 -2.69 140.44
CA ILE C 184 10.21 -5.15 142.29
CA ASP C 185 10.52 -8.51 144.13
CA GLY C 186 8.56 -11.33 145.71
CA SER C 187 8.11 -9.33 148.87
CA GLY C 188 6.27 -6.74 146.78
CA ASN C 189 8.61 -3.72 146.82
CA GLY C 190 7.98 -0.75 144.52
CA TRP C 191 11.71 0.00 144.38
CA THR C 192 11.38 2.96 142.03
CA VAL C 193 14.79 3.84 140.68
CA PHE C 194 16.08 7.22 139.69
CA GLN C 195 19.56 6.29 138.62
CA LYS C 196 21.58 3.26 137.58
CA ARG C 197 24.67 2.83 135.49
CA LEU C 198 26.76 0.01 133.97
CA ASP C 199 28.62 0.94 130.84
CA GLY C 200 29.47 4.14 129.07
CA SER C 201 26.30 5.20 127.33
CA LEU C 202 25.68 8.59 129.01
CA ASP C 203 28.18 11.42 129.01
CA PHE C 204 26.95 12.28 132.48
CA LYS C 205 28.58 15.71 132.01
CA LYS C 206 25.13 17.24 131.61
CA ASN C 207 23.39 20.35 132.94
CA TRP C 208 20.79 21.43 135.47
CA ILE C 209 17.72 21.10 133.22
CA GLN C 210 19.16 18.03 131.65
CA TYR C 211 19.61 16.83 135.24
CA LYS C 212 16.58 18.76 136.43
CA GLU C 213 14.49 16.67 134.04
CA GLY C 214 16.93 13.82 133.72
CA PHE C 215 18.41 11.92 130.80
CA GLY C 216 19.42 8.51 129.57
CA HIS C 217 16.87 5.81 128.84
CA LEU C 218 14.62 3.41 130.61
CA SER C 219 14.66 -0.24 129.72
CA PRO C 220 12.10 -2.70 131.20
CA THR C 221 15.33 -4.58 131.94
CA GLY C 222 17.25 -1.70 133.44
CA ASN C 223 20.28 -2.49 131.31
CA THR C 224 19.63 1.14 130.50
CA GLU C 225 22.10 3.65 131.96
CA PHE C 226 19.91 6.63 133.15
CA TRP C 227 19.42 9.66 135.38
CA LEU C 228 15.79 10.09 136.41
CA GLY C 229 16.10 13.84 136.68
CA ASN C 230 16.42 15.81 139.91
CA GLU C 231 12.94 17.31 140.13
CA LYS C 232 11.09 14.17 139.17
CA ILE C 233 12.91 12.26 141.87
CA HIS C 234 12.26 15.06 144.29
CA LEU C 235 8.54 15.00 143.43
CA ILE C 236 8.48 11.48 144.84
CA SER C 237 11.34 12.10 147.30
CA THR C 238 8.93 14.70 148.78
CA GLN C 239 5.24 13.65 148.86
CA SER C 240 2.43 13.00 151.37
CA THR C 241 4.89 13.18 154.30
CA ILE C 242 5.69 9.47 154.36
CA PRO C 243 8.88 7.42 154.95
CA TYR C 244 11.33 7.24 152.00
CA VAL C 245 14.62 5.31 151.74
CA LEU C 246 17.42 5.84 149.21
CA ARG C 247 19.12 2.40 148.78
CA ILE C 248 22.30 2.24 146.80
CA GLN C 249 23.31 -1.24 145.47
CA LEU C 250 26.89 -1.07 144.23
CA GLU C 251 29.03 -3.48 142.20
CA ASP C 252 32.74 -3.86 141.50
CA TRP C 253 34.59 -5.24 138.55
CA ASN C 254 34.55 -8.54 140.41
CA GLY C 255 30.89 -9.36 140.92
CA ARG C 256 30.56 -7.85 144.37
CA THR C 257 27.46 -6.00 145.47
CA SER C 258 27.01 -3.88 148.57
CA THR C 259 23.77 -2.10 149.39
CA ALA C 260 23.95 1.06 151.45
CA ASP C 261 20.52 2.45 152.38
CA TYR C 262 19.93 5.90 153.83
CA ALA C 263 17.08 6.70 156.16
CA SER C 264 14.41 9.20 155.11
CA PHE C 265 15.24 10.30 151.57
CA LYS C 266 14.45 13.93 150.85
CA VAL C 267 15.59 16.05 147.96
CA THR C 268 14.79 19.76 147.58
CA GLY C 269 12.92 21.53 144.79
CA GLU C 270 14.73 23.73 142.31
CA ASN C 271 14.00 26.48 144.82
CA ASP C 272 16.87 24.96 146.67
CA LYS C 273 18.99 23.49 143.91
CA TYR C 274 17.41 20.05 144.41
CA ARG C 275 19.14 19.70 147.75
CA LEU C 276 19.94 16.31 149.22
CA THR C 277 18.46 15.14 152.52
CA TYR C 278 18.06 12.02 154.76
CA ALA C 279 17.49 11.62 158.45
CA TYR C 280 20.37 9.28 159.22
CA PHE C 281 22.35 6.52 157.56
CA ILE C 282 21.63 2.80 158.21
CA GLY C 283 22.86 -0.79 157.82
CA GLY C 284 24.57 -0.59 154.44
CA ASP C 285 27.79 -2.54 153.84
CA ALA C 286 28.99 -0.07 151.23
CA GLY C 287 29.44 2.36 154.06
CA ASP C 288 28.24 6.01 154.48
CA ALA C 289 30.13 7.98 151.81
CA PHE C 290 27.59 10.71 152.41
CA ASP C 291 28.97 11.05 155.96
CA GLY C 292 32.09 12.54 154.44
CA TYR C 293 35.53 10.85 154.57
CA ASP C 294 39.23 11.26 155.12
CA PHE C 295 41.73 10.60 152.41
CA GLY C 296 44.16 12.56 154.54
CA ASP C 297 44.52 15.07 151.75
CA ASP C 298 43.55 17.39 154.60
CA SER C 299 41.84 17.26 158.02
CA SER C 300 38.70 19.03 156.96
CA ASP C 301 38.20 16.14 154.53
CA LYS C 302 35.27 14.54 156.36
CA PHE C 303 33.47 17.91 156.49
CA PHE C 304 34.59 18.82 153.02
CA THR C 305 32.76 15.84 151.54
CA SER C 306 29.92 15.79 153.99
CA HIS C 307 27.18 14.82 151.63
CA ASN C 308 23.79 15.02 153.35
CA GLY C 309 22.14 18.35 153.11
CA MET C 310 23.35 19.67 149.79
CA GLN C 311 21.95 21.64 146.90
CA PHE C 312 22.51 19.23 144.07
CA SER C 313 24.53 20.82 141.30
CA THR C 314 26.17 20.79 137.88
CA TRP C 315 28.84 22.44 135.80
CA ASP C 316 26.63 25.44 134.94
CA SER C 317 24.69 26.12 138.19
CA ASP C 318 27.41 25.86 140.86
CA ASN C 319 26.04 24.72 144.26
CA ASP C 320 29.31 23.23 145.53
CA LYS C 321 30.45 24.28 148.98
CA TYR C 322 33.83 24.70 147.40
CA ASP C 323 35.35 27.64 145.48
CA GLY C 324 34.71 27.28 141.76
CA ASN C 325 32.60 24.16 141.01
CA CYS C 326 33.21 20.38 141.31
CA ALA C 327 30.45 19.50 138.89
CA GLU C 328 32.49 20.65 135.92
CA GLN C 329 36.10 19.53 136.53
CA ASP C 330 34.73 16.26 137.85
CA GLY C 331 32.32 16.68 134.99
CA SER C 332 28.96 15.66 136.47
CA GLY C 333 25.53 16.40 137.76
CA TRP C 334 25.64 15.48 141.38
CA TRP C 335 25.33 17.38 144.62
CA MET C 336 28.88 18.32 145.68
CA ASN C 337 30.26 20.21 148.67
CA LYS C 338 34.01 20.97 148.44
CA CYS C 339 33.38 17.92 146.27
CA HIS C 340 32.80 14.30 147.20
CA ALA C 341 33.06 11.46 149.57
CA GLY C 342 30.94 9.47 147.19
CA HIS C 343 29.58 10.70 143.86
CA LEU C 344 28.18 8.34 141.30
CA ASN C 345 28.04 10.46 138.21
CA GLY C 346 31.78 10.39 137.65
CA VAL C 347 33.48 9.68 134.37
CA TYR C 348 32.68 5.96 134.21
CA TYR C 349 36.19 4.60 134.00
CA GLN C 350 36.51 1.07 132.60
CA GLY C 351 37.95 -1.66 134.80
CA GLY C 352 37.30 0.60 137.71
CA THR C 353 40.96 1.25 138.29
CA TYR C 354 42.30 4.59 137.14
CA SER C 355 44.57 7.49 138.06
CA LYS C 356 45.72 11.08 138.27
CA THR C 357 47.02 10.57 134.76
CA SER C 358 43.53 9.62 133.59
CA THR C 359 42.20 13.22 133.61
CA PRO C 360 44.43 16.22 132.98
CA ASN C 361 44.58 17.48 136.58
CA GLY C 362 43.55 14.04 137.76
CA TYR C 363 40.26 13.66 139.61
CA ASP C 364 38.36 11.01 141.54
CA ASN C 365 36.04 12.18 138.81
CA GLY C 366 34.75 8.64 138.54
CA ILE C 367 31.95 6.57 140.06
CA ILE C 368 33.63 6.34 143.54
CA TRP C 369 32.46 5.58 147.08
CA ALA C 370 35.49 5.75 149.41
CA THR C 371 33.31 4.25 152.12
CA TRP C 372 33.43 1.04 150.06
CA LYS C 373 36.30 1.28 147.60
CA SER C 374 39.31 3.32 146.45
CA ARG C 375 39.43 6.95 145.46
CA TRP C 376 40.54 5.53 142.13
CA TYR C 377 38.35 2.56 141.56
CA SER C 378 35.26 3.38 139.46
CA MET C 379 32.39 0.97 140.00
CA LYS C 380 30.79 -1.24 137.40
CA LYS C 381 27.29 -0.61 138.67
CA THR C 382 25.10 1.89 140.52
CA THR C 383 21.41 1.94 141.27
CA MET C 384 20.12 4.66 143.68
CA LYS C 385 16.38 3.97 144.05
CA ILE C 386 13.85 4.74 146.77
CA ILE C 387 10.84 3.37 148.61
CA PRO C 388 8.75 3.94 151.77
CA LEU C 389 10.91 3.30 154.88
CA ASN C 390 7.69 1.56 155.95
CA ARG C 391 8.66 -1.27 153.57
CA LEU C 392 11.92 -3.16 153.87
CA ALA C 393 12.74 -2.72 157.56
CA ILE C 394 16.10 -4.55 157.40
CA GLY C 395 16.66 -7.14 154.66
CA GLU C 396 15.11 -10.55 153.95
CA ASN D 45 -29.60 -47.62 -59.37
CA THR D 46 -29.63 -44.23 -60.19
CA LYS D 47 -31.40 -41.91 -58.58
CA CYS D 48 -34.22 -38.44 -59.27
CA PRO D 49 -34.95 -34.36 -61.08
CA SER D 50 -33.10 -30.77 -60.87
CA GLY D 51 -35.38 -27.19 -61.00
CA CYS D 52 -34.83 -23.04 -63.37
CA ARG D 53 -33.06 -24.76 -65.89
CA MET D 54 -35.84 -27.15 -65.47
CA LYS D 55 -38.33 -24.50 -66.02
CA GLY D 56 -36.14 -23.00 -68.91
CA LEU D 57 -36.03 -26.44 -70.27
CA ILE D 58 -39.93 -26.82 -69.60
CA ASP D 59 -40.06 -23.37 -71.07
CA GLU D 60 -37.86 -25.12 -73.87
CA VAL D 61 -41.19 -25.75 -73.16
CA ASP D 62 -45.08 -24.69 -73.23
CA GLN D 63 -44.06 -21.96 -76.06
CA ASP D 64 -43.18 -24.57 -78.54
CA PHE D 65 -46.25 -26.43 -77.64
CA THR D 66 -48.60 -23.48 -77.54
CA SER D 67 -47.25 -21.99 -80.73
CA ARG D 68 -47.02 -25.39 -82.82
CA ILE D 69 -50.98 -25.10 -82.51
CA ASN D 70 -50.55 -22.57 -84.00
CA LYS D 71 -50.22 -24.65 -87.34
CA LEU D 72 -53.97 -26.30 -87.15
CA ARG D 73 -55.24 -22.53 -88.27
CA ASP D 74 -54.44 -22.95 -91.17
CA SER D 75 -55.98 -26.58 -91.55
CA LEU D 76 -58.56 -29.58 -91.86
CA PHE D 77 -59.65 -25.57 -91.89
CA ASN D 78 -57.48 -25.37 -94.86
CA TYR D 79 -59.41 -28.01 -96.55
CA GLN D 80 -62.57 -26.27 -95.87
CA LYS D 81 -61.31 -23.15 -97.36
CA ASN D 82 -60.37 -24.90 -100.47
CA SER D 83 -61.26 -27.40 -101.09
CA LYS D 84 -63.40 -26.85 -99.95
CA ASP D 85 -64.00 -24.37 -101.64
CA SER D 86 -61.63 -24.50 -104.45
CA ASN D 87 -62.35 -28.07 -104.99
CA THR D 88 -65.96 -27.44 -105.05
CA LEU D 89 -66.76 -24.94 -106.87
CA THR D 90 -64.85 -27.03 -109.39
CA LYS D 91 -67.52 -29.73 -109.37
CA ASN D 92 -70.27 -27.07 -109.11
CA ILE D 93 -68.84 -25.25 -112.14
CA VAL D 94 -67.64 -28.51 -113.70
CA GLU D 95 -71.38 -28.92 -114.37
CA LEU D 96 -70.84 -26.64 -117.37
CA MET D 97 -68.30 -29.05 -118.86
CA ARG D 98 -70.69 -32.01 -118.61
CA GLY D 99 -72.53 -30.27 -121.44
CA ASP D 100 -69.53 -30.56 -123.82
CA PHE D 101 -69.64 -34.32 -123.37
CA ALA D 102 -73.33 -33.83 -124.17
CA LYS D 103 -72.62 -31.85 -127.31
CA ALA D 104 -70.34 -34.64 -128.47
CA ASN D 105 -73.17 -36.91 -127.34
CA ASN D 106 -75.68 -36.22 -130.15
CA ASN D 107 -72.91 -34.59 -132.18
CA ASP D 108 -71.35 -37.93 -133.20
CA ASN D 109 -74.61 -39.86 -133.08
CA THR D 110 -75.99 -37.30 -135.51
CA PHE D 111 -72.80 -37.69 -137.53
CA LYS D 112 -73.31 -41.49 -137.60
CA GLN D 113 -76.72 -41.35 -139.35
CA ILE D 114 -75.19 -39.52 -142.31
CA ASN D 115 -71.70 -40.96 -142.90
CA GLU D 116 -73.97 -43.98 -143.33
CA ASP D 117 -76.29 -42.22 -145.76
CA LEU D 118 -73.22 -41.39 -147.83
CA ARG D 119 -71.80 -44.94 -147.55
CA SER D 120 -75.25 -46.27 -148.42
CA ARG D 121 -75.48 -44.19 -151.64
CA ILE D 122 -71.72 -44.56 -152.09
CA GLU D 123 -72.28 -48.33 -152.37
CA ILE D 124 -75.23 -48.36 -154.73
CA LEU D 125 -73.37 -45.75 -156.81
CA ARG D 126 -69.99 -47.53 -156.84
CA ARG D 127 -71.79 -50.65 -158.15
CA LYS D 128 -73.79 -48.96 -160.85
CA VAL D 129 -70.69 -47.08 -161.94
CA ILE D 130 -69.45 -50.60 -162.61
CA GLU D 131 -72.20 -52.43 -164.51
CA GLN D 132 -71.79 -49.45 -166.85
CA VAL D 133 -67.98 -49.28 -167.24
CA GLN D 134 -68.37 -53.00 -167.80
CA ARG D 135 -70.91 -52.52 -170.58
CA ILE D 136 -68.35 -50.09 -171.92
CA ASN D 137 -65.03 -51.89 -171.62
CA LEU D 138 -67.37 -54.38 -173.28
CA LEU D 139 -69.34 -52.47 -175.92
CA GLN D 140 -66.25 -50.32 -176.27
CA LYS D 141 -64.75 -53.72 -177.20
CA ASN D 142 -67.53 -54.71 -179.57
CA VAL D 143 -66.79 -51.70 -181.82
CA ARG D 144 -63.19 -52.86 -181.93
CA ASP D 145 -64.27 -55.87 -184.02
CA GLN D 146 -67.26 -54.23 -185.80
CA LEU D 147 -64.69 -51.65 -186.90
CA VAL D 148 -62.25 -54.34 -188.00
CA ASP D 149 -64.97 -56.42 -189.71
CA MET D 150 -65.66 -53.24 -191.65
CA LYS D 151 -62.01 -52.47 -192.36
CA ARG D 152 -61.70 -55.72 -194.34
CA LEU D 153 -65.16 -55.91 -195.87
CA GLU D 154 -64.54 -52.45 -197.30
CA VAL D 155 -61.39 -53.65 -199.02
CA ASP D 156 -62.75 -57.00 -200.16
CA ILE D 157 -65.78 -55.17 -201.48
CA ASP D 158 -63.59 -52.40 -202.97
CA ILE D 159 -61.80 -55.21 -204.75
CA LYS D 160 -64.97 -57.21 -205.36
CA ILE D 161 -66.06 -54.22 -207.49
CA ARG D 162 -63.09 -53.27 -209.72
CA SER D 163 -63.21 -56.95 -210.66
CA CYS D 164 -66.73 -56.27 -211.79
CA LYS D 165 -65.46 -53.58 -214.15
CA GLY D 166 -64.12 -56.10 -216.59
CA SER D 167 -67.21 -58.27 -216.80
CA CYS D 168 -70.16 -55.91 -217.10
CA SER D 169 -70.94 -52.53 -218.64
CA ARG D 170 -70.23 -49.49 -216.44
CA ALA D 171 -67.79 -49.34 -213.48
CA LEU D 172 -67.96 -47.35 -210.23
CA GLU D 173 -64.48 -45.84 -209.78
CA HIS D 174 -64.34 -46.56 -206.08
CA LYS D 175 -61.22 -46.28 -203.98
CA VAL D 176 -61.16 -47.13 -200.23
CA ASP D 177 -59.59 -44.37 -198.14
CA LEU D 178 -57.91 -46.44 -195.49
CA GLU D 179 -56.75 -43.44 -193.49
CA ASP D 180 -60.15 -42.78 -191.90
CA TYR D 181 -60.39 -46.48 -191.16
CA LYS D 182 -56.71 -46.42 -190.16
CA ASN D 183 -57.67 -43.60 -187.80
CA GLN D 184 -60.71 -45.27 -186.17
CA GLN D 185 -58.38 -48.15 -185.48
CA LYS D 186 -55.80 -45.91 -183.79
CA GLN D 187 -58.18 -43.66 -181.87
CA LEU D 188 -60.19 -46.58 -180.52
CA GLU D 189 -56.99 -48.43 -179.60
CA GLN D 190 -55.65 -45.32 -177.90
CA VAL D 191 -59.09 -44.95 -176.29
CA ILE D 192 -58.90 -47.88 -173.91
CA ALA D 193 -56.25 -45.90 -172.04
CA ILE D 194 -57.08 -46.92 -168.46
CA ASN D 195 -59.92 -47.99 -166.14
CA LEU D 196 -60.98 -48.30 -162.50
CA LEU D 197 -58.52 -49.37 -159.75
CA PRO D 198 -58.11 -49.45 -155.91
CA SER D 199 -59.00 -48.55 -153.39
CA ARG D 200 -61.67 -49.18 -150.47
CA ASP D 201 -64.30 -47.87 -147.60
CA ILE D 202 -65.33 -47.61 -144.03
CA GLN D 203 -63.18 -49.40 -141.39
CA TYR D 204 -63.76 -49.17 -137.59
CA LEU D 205 -67.55 -49.27 -136.35
CA PRO D 206 -68.63 -47.60 -133.62
CA ILE D 207 -67.67 -50.13 -130.84
CA LEU D 208 -65.80 -47.62 -129.32
CA LYS D 209 -67.98 -44.53 -129.36
CA MET D 210 -68.18 -45.56 -125.70
CA SER D 211 -68.13 -48.87 -124.11
CA THR D 212 -67.02 -48.16 -120.57
CA ILE D 213 -68.85 -44.90 -119.24
CA THR D 214 -71.78 -43.43 -117.49
CA GLY D 215 -70.31 -44.59 -114.22
CA PRO D 216 -70.98 -47.03 -111.92
CA VAL D 217 -69.05 -47.25 -109.57
CA PRO D 218 -70.29 -44.23 -108.44
CA ARG D 219 -70.62 -42.06 -105.59
CA GLU D 220 -72.05 -44.76 -103.43
CA PHE D 221 -75.73 -44.37 -103.12
CA LYS D 222 -77.11 -45.54 -105.88
CA SER D 223 -79.72 -47.22 -104.39
CA GLN D 224 -82.68 -45.10 -105.22
CA LYS E 28 -49.28 -25.22 -54.52
CA LEU E 29 -46.71 -24.95 -56.87
CA GLN E 30 -46.86 -28.45 -57.49
CA ASP E 31 -50.95 -28.37 -57.96
CA THR E 32 -50.80 -25.56 -60.88
CA LEU E 33 -48.59 -27.58 -63.50
CA VAL E 34 -50.92 -30.38 -62.93
CA ARG E 35 -53.77 -28.37 -64.11
CA GLN E 36 -51.96 -27.42 -67.17
CA GLU E 37 -51.18 -30.93 -67.94
CA ARG E 38 -55.04 -31.47 -67.90
CA PRO E 39 -56.44 -29.26 -70.62
CA ILE E 40 -53.15 -30.23 -72.47
CA ARG E 41 -54.32 -33.60 -72.38
CA LYS E 42 -57.79 -32.47 -72.87
CA SER E 43 -56.83 -30.60 -75.89
CA ILE E 44 -55.18 -33.55 -77.34
CA GLU E 45 -58.23 -35.59 -76.89
CA ASP E 46 -60.28 -33.06 -78.59
CA LEU E 47 -57.99 -32.99 -81.79
CA ARG E 48 -57.73 -36.63 -82.09
CA ASN E 49 -60.86 -38.35 -81.58
CA THR E 50 -62.24 -35.61 -83.37
CA VAL E 51 -60.58 -37.29 -85.91
CA ASP E 52 -60.70 -41.40 -86.10
CA SER E 53 -63.36 -40.18 -87.38
CA VAL E 54 -63.66 -37.36 -89.83
CA SER E 55 -60.53 -39.18 -90.65
CA ARG E 56 -61.59 -41.68 -93.32
CA THR E 57 -63.91 -39.11 -94.55
CA SER E 58 -61.08 -36.91 -95.73
CA SER E 59 -59.49 -40.36 -96.38
CA SER E 60 -62.12 -42.53 -98.10
CA THR E 61 -63.24 -39.68 -100.33
CA PHE E 62 -59.66 -39.75 -101.09
CA GLN E 63 -58.90 -42.89 -103.46
CA TYR E 64 -62.38 -42.14 -104.80
CA ILE E 65 -61.92 -38.32 -106.28
CA THR E 66 -58.68 -40.29 -107.71
CA LEU E 67 -61.32 -42.47 -109.57
CA LEU E 68 -63.65 -40.19 -111.29
CA LYS E 69 -60.28 -38.22 -112.46
CA ASN E 70 -59.34 -41.61 -114.14
CA MET E 71 -63.04 -42.74 -115.28
CA TRP E 72 -62.81 -39.36 -117.42
CA LYS E 73 -58.61 -39.85 -118.33
CA GLY E 74 -60.43 -42.79 -120.07
CA ARG E 75 -62.22 -40.46 -122.32
CA GLN E 76 -59.70 -37.63 -123.60
CA ASN E 77 -56.38 -39.84 -124.52
CA GLN E 78 -60.05 -41.71 -125.03
CA VAL E 79 -61.32 -39.21 -128.00
CA GLN E 80 -58.13 -37.24 -129.45
CA ASP E 81 -56.52 -40.87 -130.77
CA ASN E 82 -59.95 -42.33 -132.12
CA GLU E 83 -60.46 -40.64 -133.21
CA ASN E 84 -57.93 -38.81 -135.43
CA VAL E 85 -57.35 -42.23 -136.96
CA VAL E 86 -61.00 -42.20 -138.10
CA ASN E 87 -59.96 -39.04 -139.98
CA GLU E 88 -56.82 -40.53 -141.53
CA TYR E 89 -59.42 -43.31 -142.10
CA SER E 90 -61.54 -41.13 -143.42
CA SER E 91 -58.57 -39.83 -145.36
CA HIS E 92 -59.32 -42.25 -147.31
CA LEU E 93 -62.58 -41.18 -148.83
CA GLU E 94 -61.37 -38.31 -151.18
CA LYS E 95 -59.23 -41.08 -152.71
CA HIS E 96 -62.38 -42.82 -153.97
CA GLN E 97 -64.39 -39.75 -154.56
CA LEU E 98 -61.93 -38.51 -157.09
CA TYR E 99 -62.13 -42.29 -158.32
CA ILE E 100 -65.71 -41.25 -159.02
CA ASP E 101 -65.63 -37.60 -160.11
CA GLU E 102 -62.58 -38.16 -162.34
CA THR E 103 -64.39 -41.05 -164.04
CA VAL E 104 -68.13 -40.21 -164.30
CA LYS E 105 -67.29 -36.69 -165.53
CA ASN E 106 -64.00 -37.22 -167.40
CA ASN E 107 -62.44 -40.65 -168.10
CA ILE E 108 -65.83 -42.01 -169.25
CA PRO E 109 -68.00 -39.26 -170.60
CA THR E 110 -65.19 -39.05 -173.15
CA LYS E 111 -64.45 -42.80 -173.52
CA LEU E 112 -68.05 -42.92 -174.76
CA ARG E 113 -67.91 -39.79 -176.89
CA VAL E 114 -65.41 -41.31 -179.33
CA LEU E 115 -66.75 -44.85 -179.13
CA ARG E 116 -70.01 -43.08 -180.12
CA SER E 117 -68.43 -40.94 -182.82
CA ILE E 118 -66.96 -43.94 -184.58
CA LEU E 119 -70.08 -46.07 -184.14
CA GLU E 120 -71.60 -43.29 -186.27
CA ASN E 121 -68.86 -43.18 -188.88
CA LEU E 122 -69.48 -46.92 -189.30
CA ARG E 123 -73.20 -46.43 -189.87
CA SER E 124 -72.46 -44.42 -193.03
CA LYS E 125 -69.85 -46.91 -194.11
CA ILE E 126 -72.14 -49.91 -194.10
CA GLN E 127 -74.64 -47.84 -196.05
CA LYS E 128 -72.04 -46.44 -198.43
CA LEU E 129 -71.11 -50.00 -199.15
CA GLU E 130 -74.66 -51.46 -198.90
CA SER E 131 -75.48 -49.18 -201.82
CA ASP E 132 -72.33 -49.44 -203.92
CA VAL E 133 -73.04 -53.17 -204.08
CA SER E 134 -76.65 -52.68 -205.18
CA THR E 135 -75.11 -50.20 -207.64
CA GLN E 136 -72.40 -52.29 -209.30
CA MET E 137 -75.00 -55.01 -208.92
CA GLU E 138 -77.08 -52.86 -211.23
CA TYR E 139 -74.10 -51.67 -213.24
CA CYS E 140 -73.82 -55.41 -213.77
CA ARG E 141 -77.15 -56.08 -215.53
CA THR E 142 -75.38 -55.40 -218.78
CA PRO E 143 -71.89 -56.87 -219.43
CA CYS E 144 -68.76 -55.31 -220.80
CA THR E 145 -68.33 -56.03 -224.52
CA VAL E 146 -65.62 -55.90 -227.11
CA THR E 147 -65.55 -56.01 -230.92
CA CYS E 148 -62.29 -57.76 -231.70
CA ASN E 149 -61.78 -58.08 -235.41
CA ILE E 150 -59.22 -60.86 -235.75
CA PRO E 151 -55.89 -59.77 -237.16
CA VAL E 152 -54.85 -61.03 -240.54
CA VAL E 153 -51.58 -62.75 -239.59
CA SER E 154 -51.34 -65.88 -237.44
CA GLY E 155 -49.33 -68.86 -236.20
CA LYS E 156 -48.99 -71.47 -233.45
CA GLU E 157 -47.72 -68.67 -231.26
CA CYS E 158 -46.72 -64.97 -231.52
CA GLU E 159 -43.11 -65.20 -232.64
CA LYS E 160 -44.55 -66.86 -235.76
CA ILE E 161 -46.51 -63.69 -236.29
CA ILE E 162 -43.72 -61.16 -235.86
CA ARG E 163 -41.30 -63.01 -238.15
CA ASN E 164 -44.46 -63.70 -240.10
CA GLU E 165 -44.62 -59.85 -240.11
CA GLY E 166 -47.61 -58.97 -237.84
CA GLU E 167 -45.86 -56.21 -235.92
CA THR E 168 -48.40 -54.22 -233.89
CA SER E 169 -48.71 -55.36 -230.30
CA GLU E 170 -52.37 -56.39 -230.20
CA MET E 171 -54.83 -59.28 -230.13
CA TYR E 172 -53.88 -61.89 -232.66
CA LEU E 173 -55.17 -65.34 -233.00
CA ILE E 174 -53.12 -68.54 -232.87
CA GLN E 175 -53.20 -72.26 -233.44
CA PRO E 176 -50.24 -74.15 -231.96
CA GLU E 177 -51.62 -77.61 -232.81
CA ASP E 178 -53.38 -78.45 -236.08
CA SER E 179 -55.95 -79.98 -233.76
CA SER E 180 -55.76 -76.99 -231.44
CA LYS E 181 -58.95 -75.14 -232.47
CA PRO E 182 -57.27 -71.68 -232.65
CA TYR E 183 -57.78 -69.28 -229.78
CA ARG E 184 -57.07 -65.58 -229.41
CA VAL E 185 -54.23 -64.19 -227.31
CA TYR E 186 -52.72 -60.78 -226.98
CA CYS E 187 -49.07 -60.56 -228.07
CA ASP E 188 -46.61 -57.80 -227.39
CA MET E 189 -44.55 -57.33 -230.46
CA LYS E 190 -42.24 -54.54 -229.29
CA THR E 191 -41.21 -55.09 -225.67
CA GLU E 192 -38.02 -57.06 -226.21
CA LYS E 193 -37.87 -58.43 -229.76
CA GLY E 194 -41.58 -59.16 -229.64
CA GLY E 195 -43.21 -62.53 -230.21
CA TRP E 196 -44.11 -62.59 -226.56
CA THR E 197 -47.44 -64.34 -226.03
CA VAL E 198 -49.05 -62.74 -222.91
CA ILE E 199 -49.77 -65.66 -220.62
CA GLN E 200 -51.29 -63.78 -217.76
CA ASN E 201 -52.22 -60.07 -217.54
CA ARG E 202 -52.44 -57.83 -214.41
CA GLN E 203 -52.77 -54.04 -214.66
CA ASP E 204 -55.89 -52.75 -212.93
CA GLY E 205 -57.44 -55.71 -211.16
CA SER E 206 -60.43 -55.45 -213.46
CA VAL E 207 -60.77 -59.23 -213.06
CA ASP E 208 -61.47 -61.78 -210.37
CA PHE E 209 -58.49 -64.04 -210.01
CA GLY E 210 -60.36 -65.43 -207.08
CA ARG E 211 -61.20 -68.38 -209.26
CA LYS E 212 -61.16 -72.18 -208.98
CA TRP E 213 -59.38 -74.89 -210.94
CA ASP E 214 -61.13 -75.29 -214.28
CA PRO E 215 -61.18 -71.51 -214.74
CA TYR E 216 -57.42 -71.60 -214.29
CA LYS E 217 -56.30 -74.55 -216.38
CA GLN E 218 -58.82 -73.36 -218.96
CA GLY E 219 -57.76 -69.72 -218.75
CA PHE E 220 -59.63 -66.55 -217.86
CA GLY E 221 -59.63 -62.79 -218.22
CA ASN E 222 -60.22 -60.56 -221.23
CA ILE E 223 -57.44 -61.07 -223.81
CA ALA E 224 -57.62 -57.48 -224.79
CA THR E 225 -59.96 -54.60 -225.54
CA ASN E 226 -60.78 -52.23 -228.40
CA ALA E 227 -58.72 -49.03 -228.15
CA GLU E 228 -59.94 -45.42 -228.46
CA GLY E 229 -62.09 -45.95 -231.51
CA LYS E 230 -60.22 -48.52 -233.61
CA LYS E 231 -61.96 -51.73 -234.77
CA TYR E 232 -59.35 -54.07 -233.36
CA CYS E 233 -58.73 -54.24 -229.59
CA GLY E 234 -55.16 -52.93 -229.52
CA VAL E 235 -55.60 -52.83 -225.75
CA PRO E 236 -54.51 -55.87 -223.68
CA GLY E 237 -56.79 -57.46 -221.12
CA GLU E 238 -55.95 -58.83 -217.66
CA TYR E 239 -56.15 -62.61 -217.87
CA TRP E 240 -54.65 -65.97 -217.10
CA LEU E 241 -54.06 -67.71 -220.40
CA GLY E 242 -55.06 -71.13 -219.12
CA ASN E 243 -52.57 -73.62 -217.75
CA ASP E 244 -53.36 -76.17 -220.43
CA ARG E 245 -52.49 -73.83 -223.28
CA ILE E 246 -49.59 -72.40 -221.28
CA SER E 247 -48.03 -75.83 -220.95
CA GLN E 248 -48.90 -76.80 -224.51
CA LEU E 249 -47.16 -73.63 -225.55
CA THR E 250 -44.30 -74.34 -223.18
CA ASN E 251 -44.22 -78.06 -224.07
CA MET E 252 -43.29 -76.90 -227.57
CA GLY E 253 -39.74 -76.73 -226.25
CA PRO E 254 -37.76 -73.46 -225.92
CA THR E 255 -40.21 -71.25 -224.09
CA LYS E 256 -38.24 -68.36 -222.55
CA LEU E 257 -40.31 -66.75 -219.78
CA LEU E 258 -40.35 -63.04 -219.03
CA ILE E 259 -42.35 -61.38 -216.28
CA GLU E 260 -42.61 -57.65 -215.85
CA MET E 261 -44.06 -55.52 -213.07
CA GLU E 262 -44.52 -51.89 -212.04
CA ASP E 263 -44.33 -49.76 -208.96
CA TRP E 264 -47.29 -47.58 -207.98
CA LYS E 265 -44.40 -45.12 -207.54
CA GLY E 266 -43.48 -45.56 -211.19
CA ASP E 267 -40.67 -48.10 -211.00
CA LYS E 268 -40.87 -51.37 -212.93
CA VAL E 269 -38.85 -54.54 -213.24
CA THR E 270 -38.35 -57.61 -215.38
CA ALA E 271 -38.03 -61.24 -214.40
CA LEU E 272 -36.67 -63.36 -217.23
CA TYR E 273 -36.84 -67.06 -216.57
CA GLU E 274 -35.22 -68.26 -219.77
CA GLY E 275 -36.62 -71.73 -219.28
CA PHE E 276 -40.26 -71.74 -218.24
CA THR E 277 -41.83 -75.19 -218.72
CA VAL E 278 -45.28 -75.83 -217.20
CA GLN E 279 -46.69 -79.36 -217.40
CA ASN E 280 -50.09 -80.99 -217.53
CA GLU E 281 -53.12 -81.35 -215.30
CA ALA E 282 -52.21 -84.93 -214.40
CA ASN E 283 -48.80 -83.48 -213.54
CA LYS E 284 -50.44 -80.76 -211.48
CA TYR E 285 -49.11 -78.40 -214.12
CA GLN E 286 -45.76 -78.82 -212.42
CA LEU E 287 -44.20 -75.41 -213.16
CA SER E 288 -40.44 -74.88 -212.96
CA VAL E 289 -37.95 -72.69 -214.84
CA SER E 290 -34.33 -73.02 -215.94
CA LYS E 291 -32.41 -69.81 -215.63
CA TYR E 292 -33.49 -66.41 -214.32
CA LYS E 293 -32.06 -62.97 -215.10
CA GLY E 294 -33.68 -59.72 -214.01
CA THR E 295 -33.97 -56.89 -211.50
CA ALA E 296 -36.35 -58.40 -208.97
CA GLY E 297 -34.77 -61.59 -207.59
CA ASN E 298 -35.52 -65.15 -208.61
CA ALA E 299 -38.73 -65.64 -206.72
CA LEU E 300 -39.39 -69.09 -208.17
CA ILE E 301 -36.23 -71.12 -207.66
CA GLU E 302 -34.94 -69.11 -204.70
CA GLY E 303 -37.64 -68.44 -202.11
CA ALA E 304 -37.94 -65.00 -200.51
CA SER E 305 -34.84 -62.79 -200.70
CA GLN E 306 -35.40 -61.95 -197.06
CA LEU E 307 -36.11 -65.28 -195.39
CA VAL E 308 -32.99 -67.46 -195.04
CA GLY E 309 -32.35 -71.18 -194.83
CA GLU E 310 -35.46 -73.37 -194.71
CA ASN E 311 -37.48 -70.15 -194.50
CA ARG E 312 -36.15 -68.96 -197.87
CA THR E 313 -36.31 -72.52 -199.19
CA MET E 314 -39.89 -72.78 -198.04
CA THR E 315 -40.72 -70.41 -200.92
CA ILE E 316 -39.31 -71.89 -204.07
CA HIS E 317 -41.82 -72.78 -206.78
CA ASN E 318 -39.47 -74.47 -209.17
CA SER E 319 -40.90 -77.99 -209.21
CA MET E 320 -44.15 -76.86 -207.64
CA PHE E 321 -47.57 -78.25 -208.44
CA PHE E 322 -50.25 -75.75 -209.43
CA SER E 323 -52.79 -75.17 -206.65
CA THR E 324 -55.96 -73.01 -206.52
CA TYR E 325 -58.28 -72.19 -203.63
CA ASP E 326 -60.38 -75.25 -204.56
CA ARG E 327 -57.47 -77.44 -205.66
CA ASP E 328 -54.46 -77.70 -203.30
CA ASN E 329 -50.89 -78.82 -203.93
CA ASP E 330 -48.80 -76.34 -201.97
CA GLY E 331 -46.22 -77.14 -199.32
CA TRP E 332 -48.70 -78.50 -196.81
CA LYS E 333 -49.69 -81.22 -194.38
CA THR E 334 -53.26 -82.50 -194.63
CA THR E 335 -54.32 -80.38 -191.67
CA ASP E 336 -55.93 -77.24 -190.29
CA PRO E 337 -56.75 -74.82 -193.14
CA ARG E 338 -54.37 -72.51 -191.26
CA LYS E 339 -51.94 -74.30 -193.57
CA GLN E 340 -53.39 -74.30 -197.14
CA CYS E 341 -51.67 -71.41 -198.93
CA SER E 342 -54.42 -70.79 -201.45
CA LYS E 343 -57.43 -69.93 -199.37
CA GLU E 344 -60.99 -69.05 -200.43
CA ASP E 345 -61.18 -66.30 -203.05
CA GLY E 346 -57.42 -66.60 -203.11
CA GLY E 347 -55.71 -66.83 -206.48
CA GLY E 348 -54.63 -70.36 -207.29
CA TRP E 349 -51.06 -70.71 -208.65
CA TRP E 350 -47.94 -72.87 -208.03
CA TYR E 351 -47.74 -72.87 -204.23
CA ASN E 352 -45.12 -74.49 -201.96
CA ARG E 353 -45.08 -73.66 -198.25
CA CYS E 354 -46.91 -70.79 -199.92
CA HIS E 355 -45.32 -67.88 -201.67
CA ALA E 356 -42.23 -65.89 -202.46
CA ALA E 357 -44.42 -64.09 -205.02
CA ASN E 358 -47.93 -64.48 -206.40
CA PRO E 359 -48.85 -62.51 -209.58
CA ASN E 360 -52.23 -64.19 -209.31
CA GLY E 361 -52.93 -62.40 -206.04
CA ARG E 362 -55.57 -59.80 -205.35
CA TYR E 363 -54.92 -56.39 -206.78
CA TYR E 364 -54.80 -54.56 -203.45
CA TRP E 365 -55.69 -50.96 -204.19
CA GLY E 366 -52.55 -48.83 -203.94
CA GLY E 367 -50.66 -52.05 -203.36
CA ALA E 368 -49.00 -51.98 -199.94
CA TYR E 369 -51.47 -53.39 -197.51
CA THR E 370 -52.03 -55.18 -194.18
CA TRP E 371 -53.83 -58.16 -192.71
CA ASP E 372 -56.62 -56.09 -191.17
CA MET E 373 -57.18 -55.84 -194.92
CA ALA E 374 -56.45 -59.37 -196.08
CA LYS E 375 -59.84 -61.15 -195.89
CA HIS E 376 -57.85 -64.12 -194.62
CA GLY E 377 -54.91 -62.19 -193.27
CA THR E 378 -52.90 -64.16 -195.79
CA ASP E 379 -50.42 -62.35 -197.97
CA ASP E 380 -53.22 -62.10 -200.51
CA GLY E 381 -51.66 -59.34 -202.57
CA VAL E 382 -50.11 -59.74 -206.02
CA VAL E 383 -46.47 -60.03 -204.99
CA TRP E 384 -42.85 -60.38 -205.89
CA MET E 385 -41.17 -60.35 -202.49
CA ASN E 386 -37.64 -60.38 -203.83
CA TRP E 387 -38.31 -56.75 -204.83
CA GLN E 388 -41.13 -55.06 -202.86
CA GLY E 389 -41.05 -57.19 -199.74
CA SER E 390 -44.50 -58.47 -198.88
CA TRP E 391 -48.00 -57.13 -198.27
CA TYR E 392 -47.73 -55.09 -201.41
CA SER E 393 -50.09 -56.15 -204.21
CA MET E 394 -48.09 -54.89 -207.13
CA LYS E 395 -48.85 -51.90 -209.38
CA LYS E 396 -48.62 -53.97 -212.53
CA MET E 397 -47.23 -57.35 -213.49
CA SER E 398 -47.89 -59.88 -216.23
CA LYS E 399 -46.29 -63.05 -217.63
CA MET E 400 -45.22 -63.62 -221.27
CA ILE E 401 -43.49 -66.21 -223.46
CA ARG E 402 -41.38 -66.12 -226.62
CA PRO E 403 -39.51 -69.41 -227.30
CA TYR E 404 -35.86 -69.92 -226.56
CA PHE E 405 -33.12 -69.73 -229.17
CA PRO E 406 -29.80 -68.48 -227.76
CA GLU E 407 -28.38 -68.66 -224.21
CA ASP F 27 -37.66 -36.83 -64.35
CA PHE F 28 -40.87 -38.63 -64.39
CA LEU F 29 -42.60 -35.66 -65.73
CA ASN F 30 -40.17 -35.33 -68.46
CA ASN F 31 -40.70 -38.82 -69.51
CA TYR F 32 -44.35 -38.32 -69.60
CA GLN F 33 -43.99 -35.31 -71.68
CA THR F 34 -41.94 -37.10 -74.15
CA SER F 35 -44.29 -39.92 -74.99
CA VAL F 36 -46.92 -37.52 -75.91
CA ASP F 37 -44.72 -35.88 -78.35
CA LYS F 38 -44.01 -39.06 -80.04
CA ASP F 39 -47.59 -39.81 -80.32
CA LEU F 40 -48.28 -36.52 -81.80
CA ARG F 41 -45.72 -37.01 -84.38
CA THR F 42 -47.87 -40.14 -85.20
CA LEU F 43 -50.66 -37.47 -85.35
CA GLU F 44 -48.05 -35.91 -87.78
CA GLY F 45 -47.26 -37.84 -90.47
CA ILE F 46 -49.84 -37.98 -91.02
CA LEU F 47 -51.95 -35.10 -91.59
CA TYR F 48 -49.26 -34.79 -94.01
CA GLN F 49 -51.15 -35.34 -95.55
CA VAL F 50 -54.82 -34.95 -96.09
CA GLU F 51 -53.53 -31.45 -96.34
CA ASN F 52 -50.54 -32.74 -98.25
CA LYS F 53 -52.85 -34.67 -100.60
CA THR F 54 -55.88 -32.38 -101.03
CA SER F 55 -53.19 -29.78 -101.31
CA GLU F 56 -51.40 -31.84 -103.96
CA ALA F 57 -54.69 -33.05 -106.16
CA ARG F 58 -55.42 -29.45 -106.10
CA GLU F 59 -52.23 -28.65 -107.75
CA LEU F 60 -53.32 -30.68 -108.96
CA VAL F 61 -56.89 -29.51 -109.63
CA LYS F 62 -55.55 -26.00 -110.23
CA ALA F 63 -53.62 -27.29 -112.77
CA ILE F 64 -56.90 -28.96 -113.95
CA GLN F 65 -58.96 -25.79 -114.49
CA ILE F 66 -55.86 -23.96 -115.83
CA SER F 67 -55.18 -26.78 -118.37
CA TYR F 68 -58.76 -26.62 -119.60
CA ASN F 69 -58.33 -23.13 -120.92
CA PRO F 70 -56.52 -26.17 -122.13
CA ASP F 71 -58.30 -29.38 -123.10
CA GLN F 72 -61.38 -27.43 -124.09
CA PRO F 73 -60.82 -29.77 -127.34
CA SER F 74 -62.23 -27.03 -129.67
CA LYS F 75 -59.45 -27.40 -132.05
CA PRO F 76 -60.87 -30.72 -133.24
CA ASN F 77 -63.08 -28.46 -135.54
CA ASN F 78 -62.42 -31.56 -137.61
CA ILE F 79 -65.63 -33.79 -136.10
CA GLU F 80 -68.54 -31.22 -136.94
CA SER F 81 -66.70 -30.10 -140.04
CA ALA F 82 -66.31 -33.70 -141.15
CA THR F 83 -70.05 -34.29 -140.56
CA LYS F 84 -70.73 -31.50 -142.75
CA ASN F 85 -68.27 -31.84 -145.62
CA SER F 86 -70.09 -35.11 -145.70
CA LYS F 87 -73.37 -33.36 -146.43
CA SER F 88 -71.49 -31.54 -149.20
CA MET F 89 -69.88 -34.73 -150.48
CA MET F 90 -72.88 -35.92 -150.53
CA GLU F 91 -74.66 -33.45 -152.81
CA GLU F 92 -72.35 -33.97 -155.79
CA ILE F 93 -72.79 -37.69 -155.07
CA MET F 94 -76.39 -37.95 -156.32
CA LYS F 95 -76.00 -35.44 -159.15
CA TYR F 96 -73.67 -38.26 -160.18
CA GLU F 97 -76.45 -40.83 -159.80
CA THR F 98 -78.01 -39.20 -162.87
CA LEU F 99 -74.80 -39.26 -164.85
CA ILE F 100 -75.06 -42.98 -164.38
CA SER F 101 -78.65 -42.86 -165.66
CA THR F 102 -77.21 -40.57 -168.31
CA HIS F 103 -74.28 -42.86 -169.01
CA GLU F 104 -76.57 -45.91 -168.72
CA SER F 105 -78.74 -44.87 -171.68
CA THR F 106 -76.22 -43.25 -173.99
CA ILE F 107 -74.50 -46.58 -173.33
CA ARG F 108 -77.66 -48.55 -174.17
CA PHE F 109 -78.47 -46.58 -177.34
CA LEU F 110 -75.08 -47.18 -178.84
CA GLN F 111 -75.03 -50.95 -178.15
CA GLU F 112 -78.51 -50.93 -179.71
CA ILE F 113 -76.77 -49.29 -182.66
CA TYR F 114 -73.48 -51.21 -183.02
CA ASN F 115 -76.08 -53.94 -183.52
CA SER F 116 -78.09 -52.10 -186.17
CA ASN F 117 -74.68 -52.13 -187.82
CA SER F 118 -73.02 -55.55 -187.21
CA GLN F 119 -76.19 -57.06 -188.69
CA LYS F 120 -76.27 -54.64 -191.65
CA ILE F 121 -72.60 -55.54 -192.08
CA VAL F 122 -73.70 -59.20 -191.97
CA ASN F 123 -76.27 -58.46 -194.62
CA LEU F 124 -73.82 -56.50 -196.70
CA ARG F 125 -71.78 -59.67 -196.86
CA ASP F 126 -74.15 -62.01 -198.70
CA LYS F 127 -74.95 -59.36 -201.28
CA VAL F 128 -71.33 -58.74 -202.10
CA VAL F 129 -71.40 -62.49 -202.64
CA GLN F 130 -74.42 -62.19 -204.91
CA LEU F 131 -72.24 -59.58 -206.65
CA GLU F 132 -69.03 -61.53 -207.24
CA ALA F 133 -71.51 -64.07 -208.59
CA ASN F 134 -71.78 -61.67 -211.57
CA CYS F 135 -68.41 -60.12 -212.43
CA GLN F 136 -67.20 -63.56 -213.48
CA GLU F 137 -68.01 -63.72 -217.19
CA PRO F 138 -65.44 -61.70 -219.15
CA CYS F 139 -66.67 -58.94 -221.45
CA GLN F 140 -68.77 -60.11 -224.38
CA ASP F 141 -67.27 -60.14 -227.83
CA THR F 142 -69.18 -59.61 -230.99
CA VAL F 143 -66.85 -61.15 -233.57
CA LYS F 144 -68.15 -64.71 -233.60
CA ILE F 145 -66.72 -67.18 -236.07
CA HIS F 146 -68.86 -69.99 -237.49
CA ASP F 147 -67.94 -73.64 -237.15
CA VAL F 148 -68.03 -75.36 -240.52
CA THR F 149 -65.33 -74.78 -243.09
CA GLY F 150 -63.82 -76.33 -246.17
CA ARG F 151 -61.48 -75.57 -249.08
CA ASP F 152 -63.38 -72.29 -249.55
CA CYS F 153 -66.49 -70.37 -248.36
CA GLN F 154 -68.61 -71.81 -251.08
CA ASP F 155 -67.64 -75.19 -249.73
CA VAL F 156 -69.23 -74.09 -246.46
CA ALA F 157 -71.86 -72.06 -248.23
CA ASN F 158 -72.88 -75.32 -249.85
CA LYS F 159 -71.91 -77.20 -246.72
CA GLY F 160 -74.76 -75.23 -245.21
CA ALA F 161 -73.31 -71.79 -244.40
CA LYS F 162 -76.25 -69.43 -244.97
CA GLU F 163 -74.71 -66.31 -243.50
CA SER F 164 -71.80 -64.05 -244.37
CA GLY F 165 -69.00 -63.50 -241.92
CA LEU F 166 -65.71 -64.93 -240.79
CA TYR F 167 -65.09 -68.64 -241.39
CA PHE F 168 -62.19 -71.09 -241.34
CA ILE F 169 -61.04 -73.13 -244.36
CA ARG F 170 -58.26 -75.22 -245.77
CA PRO F 171 -57.73 -75.79 -249.50
CA LEU F 172 -56.43 -79.33 -249.98
CA LYS F 173 -52.78 -78.61 -250.82
CA ALA F 174 -52.88 -76.18 -247.90
CA LYS F 175 -51.20 -77.03 -244.58
CA GLN F 176 -53.00 -75.48 -241.59
CA GLN F 177 -56.45 -74.00 -242.20
CA PHE F 178 -57.20 -70.27 -241.94
CA LEU F 179 -60.01 -67.80 -241.42
CA VAL F 180 -61.11 -65.48 -244.23
CA TYR F 181 -63.98 -63.15 -244.99
CA CYS F 182 -66.80 -64.99 -246.80
CA GLU F 183 -69.44 -62.95 -248.58
CA ILE F 184 -72.59 -64.90 -249.32
CA ASP F 185 -76.08 -64.32 -250.74
CA GLY F 186 -79.50 -65.91 -251.30
CA SER F 187 -78.24 -67.76 -254.34
CA GLY F 188 -75.72 -69.46 -252.08
CA ASN F 189 -72.33 -68.05 -253.21
CA GLY F 190 -69.19 -68.71 -251.20
CA TRP F 191 -67.74 -65.42 -252.34
CA THR F 192 -64.49 -65.77 -250.39
CA VAL F 193 -62.75 -62.41 -250.26
CA PHE F 194 -59.02 -61.76 -250.19
CA GLN F 195 -59.05 -58.02 -250.17
CA LYS F 196 -61.36 -55.10 -249.60
CA ARG F 197 -60.81 -51.52 -248.57
CA LEU F 198 -62.84 -48.50 -247.47
CA ASP F 199 -61.01 -46.01 -245.33
CA GLY F 200 -57.42 -45.51 -244.25
CA SER F 201 -56.70 -48.21 -241.75
CA LEU F 202 -53.84 -50.10 -243.46
CA ASP F 203 -50.67 -48.49 -244.66
CA PHE F 204 -50.71 -50.89 -247.53
CA LYS F 205 -46.98 -50.08 -248.03
CA LYS F 206 -46.08 -53.53 -246.70
CA ASN F 207 -43.72 -56.26 -247.72
CA TRP F 208 -43.64 -59.67 -249.33
CA ILE F 209 -44.17 -61.79 -246.25
CA GLN F 210 -46.53 -59.20 -244.89
CA TYR F 211 -48.25 -59.58 -248.26
CA LYS F 212 -47.24 -63.20 -248.58
CA GLU F 213 -49.20 -63.91 -245.44
CA GLY F 214 -51.42 -60.85 -245.60
CA PHE F 215 -52.43 -58.16 -243.12
CA GLY F 216 -55.28 -56.01 -241.93
CA HIS F 217 -58.22 -57.52 -240.09
CA LEU F 218 -61.31 -59.54 -240.75
CA SER F 219 -64.66 -58.32 -239.53
CA PRO F 220 -67.81 -60.52 -239.87
CA THR F 221 -69.12 -57.26 -241.34
CA GLY F 222 -66.24 -56.67 -243.71
CA ASN F 223 -66.02 -53.03 -242.59
CA THR F 224 -62.51 -54.31 -242.03
CA GLU F 225 -59.87 -53.06 -244.54
CA PHE F 226 -57.64 -56.13 -245.27
CA TRP F 227 -55.23 -58.02 -247.47
CA LEU F 228 -55.75 -61.76 -247.30
CA GLY F 229 -52.10 -62.50 -248.10
CA ASN F 230 -50.83 -63.64 -251.50
CA GLU F 231 -50.00 -67.27 -250.70
CA LYS F 232 -53.26 -67.98 -248.85
CA ILE F 233 -55.22 -66.63 -251.77
CA HIS F 234 -53.08 -68.62 -254.10
CA LEU F 235 -53.73 -71.74 -252.09
CA ILE F 236 -57.35 -71.35 -252.98
CA SER F 237 -56.69 -69.59 -256.29
CA THR F 238 -54.93 -72.90 -257.25
CA GLN F 239 -56.67 -76.06 -255.96
CA SER F 240 -58.32 -79.22 -257.30
CA THR F 241 -58.19 -77.90 -260.89
CA ILE F 242 -61.59 -76.23 -260.82
CA PRO F 243 -63.09 -72.96 -262.16
CA TYR F 244 -62.20 -69.78 -260.18
CA VAL F 245 -63.44 -66.17 -260.75
CA LEU F 246 -61.82 -63.01 -259.43
CA ARG F 247 -64.76 -60.46 -259.13
CA ILE F 248 -63.88 -56.84 -258.32
CA GLN F 249 -66.83 -54.72 -257.03
CA LEU F 250 -65.71 -51.08 -257.04
CA GLU F 251 -67.20 -47.91 -255.58
CA ASP F 252 -66.72 -44.19 -256.11
CA TRP F 253 -67.15 -41.23 -253.84
CA ASN F 254 -70.70 -41.04 -255.14
CA GLY F 255 -72.30 -44.36 -254.37
CA ARG F 256 -71.49 -46.05 -257.67
CA THR F 257 -70.55 -49.68 -257.85
CA SER F 258 -69.19 -51.55 -260.86
CA THR F 259 -68.33 -55.23 -260.79
CA ALA F 260 -65.52 -56.43 -263.09
CA ASP F 261 -65.08 -60.22 -263.03
CA TYR F 262 -62.15 -62.03 -264.56
CA ALA F 263 -62.34 -65.58 -265.87
CA SER F 264 -60.28 -68.32 -264.33
CA PHE F 265 -58.40 -66.80 -261.42
CA LYS F 266 -54.96 -68.21 -260.84
CA VAL F 267 -52.13 -66.83 -258.74
CA THR F 268 -48.67 -68.38 -258.54
CA GLY F 269 -46.77 -69.73 -255.54
CA GLU F 270 -43.90 -67.76 -254.08
CA ASN F 271 -41.84 -69.92 -256.42
CA ASP F 272 -43.15 -67.51 -259.00
CA LYS F 273 -43.53 -64.38 -256.87
CA TYR F 274 -47.26 -65.11 -256.49
CA ARG F 275 -47.90 -64.34 -260.12
CA LEU F 276 -51.24 -63.26 -261.41
CA THR F 277 -53.32 -65.27 -263.88
CA TYR F 278 -56.78 -65.57 -265.48
CA ALA F 279 -57.89 -67.04 -268.76
CA TYR F 280 -59.72 -64.06 -270.17
CA PHE F 281 -61.77 -61.09 -268.94
CA ILE F 282 -65.62 -60.99 -268.87
CA GLY F 283 -68.72 -58.85 -268.53
CA GLY F 284 -67.57 -56.34 -265.93
CA ASP F 285 -68.72 -52.70 -266.20
CA ALA F 286 -65.61 -51.45 -264.42
CA GLY F 287 -63.67 -52.46 -267.49
CA ASP F 288 -60.49 -54.55 -267.90
CA ALA F 289 -57.74 -52.53 -266.23
CA PHE F 290 -55.72 -55.72 -266.31
CA ASP F 291 -55.75 -55.60 -270.10
CA GLY F 292 -53.44 -52.62 -269.86
CA TYR F 293 -54.43 -49.06 -270.87
CA ASP F 294 -53.35 -45.94 -272.68
CA PHE F 295 -52.97 -42.67 -270.92
CA GLY F 296 -51.05 -41.52 -273.90
CA ASP F 297 -48.04 -41.06 -271.66
CA ASP F 298 -46.55 -43.28 -274.36
CA SER F 299 -47.64 -45.80 -276.95
CA SER F 300 -46.31 -48.82 -275.08
CA ASP F 301 -48.76 -47.91 -272.33
CA LYS F 302 -51.22 -50.75 -272.91
CA PHE F 303 -48.35 -53.27 -272.86
CA PHE F 304 -46.65 -51.51 -270.02
CA THR F 305 -49.61 -51.96 -267.73
CA SER F 306 -50.66 -55.31 -269.10
CA HIS F 307 -51.71 -56.88 -265.86
CA ASN F 308 -52.52 -60.56 -266.48
CA GLY F 309 -49.60 -62.85 -265.98
CA MET F 310 -47.46 -61.08 -263.43
CA GLN F 311 -45.33 -62.01 -260.49
CA PHE F 312 -47.00 -60.13 -257.72
CA SER F 313 -44.55 -57.78 -256.00
CA THR F 314 -43.63 -55.30 -253.30
CA TRP F 315 -41.16 -52.59 -252.37
CA ASP F 316 -38.52 -55.11 -251.24
CA SER F 317 -38.81 -58.01 -253.71
CA ASP F 318 -39.15 -56.27 -257.07
CA ASN F 319 -41.05 -58.20 -259.71
CA ASP F 320 -42.06 -55.17 -261.77
CA LYS F 321 -41.48 -55.42 -265.52
CA TYR F 322 -40.01 -51.95 -265.23
CA ASP F 323 -36.56 -50.78 -264.21
CA GLY F 324 -36.40 -50.10 -260.49
CA ASN F 325 -39.70 -51.05 -258.73
CA CYS F 326 -43.26 -49.66 -258.76
CA ALA F 327 -44.16 -51.31 -255.52
CA GLU F 328 -42.14 -48.79 -253.52
CA GLN F 329 -42.66 -45.37 -255.16
CA ASP F 330 -46.32 -46.28 -255.62
CA GLY F 331 -45.86 -47.70 -252.16
CA SER F 332 -47.78 -51.00 -252.27
CA GLY F 333 -47.98 -54.72 -252.50
CA TRP F 334 -49.53 -55.50 -255.82
CA TRP F 335 -48.30 -57.16 -258.97
CA MET F 336 -46.89 -54.44 -261.23
CA ASN F 337 -45.35 -54.51 -264.72
CA LYS F 338 -43.88 -51.14 -265.83
CA CYS F 339 -46.50 -50.34 -263.23
CA HIS F 340 -50.27 -50.29 -263.49
CA ALA F 341 -53.40 -49.97 -265.49
CA GLY F 342 -55.30 -50.84 -262.37
CA HIS F 343 -53.78 -51.40 -258.94
CA LEU F 344 -55.83 -51.39 -255.78
CA ASN F 345 -53.26 -51.08 -253.08
CA GLY F 346 -52.48 -47.47 -253.77
CA VAL F 347 -52.22 -44.71 -251.24
CA TYR F 348 -55.92 -44.51 -250.30
CA TYR F 349 -56.55 -40.89 -251.15
CA GLN F 350 -59.61 -39.36 -249.58
CA GLY F 351 -62.34 -37.94 -251.79
CA GLY F 352 -60.86 -39.95 -254.57
CA THR F 353 -59.57 -36.93 -256.36
CA TYR F 354 -55.91 -36.15 -256.12
CA SER F 355 -52.84 -35.04 -258.01
CA LYS F 356 -49.18 -34.89 -259.01
CA THR F 357 -48.83 -32.55 -256.09
CA SER F 358 -50.15 -35.23 -253.73
CA THR F 359 -46.98 -37.33 -253.66
CA PRO F 360 -43.52 -35.83 -254.20
CA ASN F 361 -42.92 -37.03 -257.75
CA GLY F 362 -46.67 -37.52 -258.14
CA TYR F 363 -48.05 -40.99 -258.77
CA ASP F 364 -51.32 -42.68 -259.65
CA ASN F 365 -50.17 -44.36 -256.49
CA GLY F 366 -53.77 -44.51 -255.40
CA ILE F 367 -56.56 -47.07 -255.72
CA ILE F 368 -57.14 -46.45 -259.45
CA TRP F 369 -58.71 -48.44 -262.31
CA ALA F 370 -58.38 -46.33 -265.50
CA THR F 371 -60.77 -48.78 -267.16
CA TRP F 372 -63.45 -47.28 -264.88
CA LYS F 373 -62.17 -43.95 -263.60
CA SER F 374 -59.43 -41.34 -263.76
CA ARG F 375 -55.74 -41.92 -263.19
CA TRP F 376 -56.24 -39.45 -260.34
CA TYR F 377 -59.44 -40.57 -258.68
CA SER F 378 -58.90 -43.06 -255.85
CA MET F 379 -61.86 -45.31 -255.12
CA LYS F 380 -63.82 -45.42 -251.93
CA LYS F 381 -64.20 -49.18 -252.09
CA THR F 382 -62.47 -52.36 -253.30
CA THR F 383 -63.30 -56.04 -252.80
CA MET F 384 -61.39 -58.60 -254.96
CA LYS F 385 -62.86 -61.97 -254.01
CA ILE F 386 -63.22 -65.24 -255.86
CA ILE F 387 -65.40 -68.31 -256.41
CA PRO F 388 -65.85 -71.29 -258.76
CA LEU F 389 -66.62 -70.05 -262.30
CA ASN F 390 -69.12 -72.89 -262.08
CA ARG F 391 -71.24 -70.65 -259.83
CA LEU F 392 -72.45 -67.24 -260.98
CA ALA F 393 -72.55 -67.66 -264.76
CA ILE F 394 -73.58 -64.05 -265.49
CA GLY F 395 -75.49 -62.11 -262.83
CA GLU F 396 -78.95 -62.46 -261.27
CA UNK G 1 -18.81 -18.37 -57.37
CA UNK G 2 -20.42 -15.01 -57.24
CA UNK G 3 -18.63 -11.99 -60.02
CA UNK G 4 -19.36 -15.58 -62.42
CA UNK G 5 -22.91 -15.81 -61.42
CA UNK G 6 -24.09 -14.23 -64.87
CA UNK G 7 -27.74 -13.69 -63.36
CA UNK G 8 -31.29 -13.60 -61.81
CA UNK G 9 -34.76 -13.73 -61.71
CA UNK G 10 -35.88 -14.73 -58.74
CA UNK G 11 -34.65 -13.34 -56.01
CA UNK G 12 -35.25 -12.00 -52.87
CA UNK G 13 -38.60 -12.51 -52.55
CA UNK G 14 -41.23 -14.36 -50.41
CA UNK G 15 -27.00 -31.77 -54.81
CA UNK G 16 -29.02 -35.11 -55.63
CA UNK G 17 -30.71 -37.21 -54.14
CA UNK G 18 -33.98 -36.42 -52.02
CA UNK G 19 -36.17 -37.76 -49.33
CA UNK G 20 -57.29 -14.72 -50.28
CA UNK G 21 -60.90 -14.50 -48.52
CA UNK G 22 -62.21 -17.99 -47.21
CA UNK G 23 -64.32 -20.93 -45.91
CA UNK G 24 -63.09 -24.62 -44.78
CA UNK G 25 -62.96 -26.15 -41.32
CA UNK G 26 -60.66 -29.34 -40.34
CA UNK G 27 -59.56 -33.01 -40.99
CA UNK G 28 -56.42 -35.17 -40.69
CA UNK G 29 -52.84 -33.17 -39.97
CA UNK G 30 -54.99 -31.77 -37.76
CA UNK G 31 -56.29 -34.47 -35.46
CA UNK G 32 -53.11 -35.02 -34.86
CA UNK G 33 -50.44 -32.07 -35.41
CA UNK G 34 -48.00 -35.29 -36.48
CA UNK G 35 -45.22 -36.68 -38.89
CA UNK G 36 -42.78 -36.38 -41.46
CA UNK G 37 -40.43 -34.67 -44.36
CA UNK G 38 -38.41 -32.35 -46.72
CA UNK G 39 -40.46 -29.99 -48.52
CA UNK G 40 -43.54 -28.44 -48.31
CA UNK G 41 -45.45 -25.79 -46.39
CA UNK G 42 -42.20 -24.87 -45.85
CA UNK G 43 -39.76 -25.63 -45.84
CA UNK G 44 -39.24 -27.49 -44.82
CA UNK G 45 -35.72 -26.43 -45.02
CA UNK G 46 -19.18 -23.42 -67.00
CA UNK G 47 -17.65 -26.81 -66.83
CA UNK G 48 -13.62 -26.91 -64.87
CA UNK G 49 -16.25 -24.66 -62.17
CA UNK G 50 -18.81 -27.32 -62.06
CA UNK G 51 -17.53 -28.56 -58.50
CA UNK G 52 -19.70 -31.87 -58.90
CA UNK G 53 -22.16 -34.85 -59.34
CA UNK G 54 -24.39 -37.34 -58.39
CA UNK G 55 -26.52 -38.08 -60.85
CA UNK G 56 -25.35 -38.60 -63.88
CA UNK G 57 -21.69 -43.20 -59.95
CA UNK G 58 -23.78 -45.67 -58.85
CA UNK G 59 -27.04 -47.55 -59.72
CA UNK G 60 -37.72 -22.05 -58.98
CA UNK G 61 -40.13 -21.57 -55.82
CA UNK G 62 -42.88 -22.59 -54.84
CA UNK G 63 -43.83 -25.17 -52.96
CA UNK G 64 -46.73 -27.20 -52.80
CA UNK G 65 -35.98 -44.87 -44.80
CA UNK G 66 -39.26 -47.19 -44.45
CA UNK G 67 -42.61 -45.12 -44.19
CA UNK G 68 -46.21 -43.92 -43.61
CA UNK G 69 -47.86 -40.31 -44.45
CA UNK G 70 -49.34 -39.64 -46.03
CA UNK G 71 -52.32 -36.92 -46.55
CA UNK G 72 -54.99 -34.54 -45.01
CA UNK G 73 -56.64 -31.18 -45.82
CA UNK G 74 -54.94 -28.94 -48.90
CA UNK G 75 -55.13 -32.08 -50.20
CA UNK G 76 -58.74 -33.16 -50.26
CA UNK G 77 -58.04 -30.95 -53.62
CA UNK G 78 -54.51 -31.16 -55.70
CA UNK G 79 -54.55 -33.16 -57.41
CA UNK G 80 -52.52 -33.85 -57.72
CA UNK G 81 -49.71 -35.96 -58.22
CA UNK G 82 -45.84 -37.07 -57.64
CA UNK G 83 -42.84 -35.10 -55.73
CA UNK G 84 -39.32 -36.21 -56.51
CA UNK G 85 -39.32 -39.55 -55.68
CA UNK G 86 -39.00 -43.26 -56.09
CA UNK G 87 -37.82 -41.53 -58.44
CA UNK G 88 -37.94 -39.06 -59.08
CA UNK G 89 -40.48 -36.19 -59.95
CA UNK G 90 -39.13 -34.00 -62.56
CA ASN H 45 23.53 39.55 57.67
CA THR H 46 23.08 35.86 58.65
CA LYS H 47 26.16 34.24 60.20
CA CYS H 48 27.27 32.08 57.26
CA PRO H 49 30.29 29.88 58.07
CA SER H 50 33.64 29.40 56.37
CA GLY H 51 35.99 26.42 56.37
CA CYS H 52 39.60 25.21 56.82
CA ARG H 53 39.87 28.42 58.86
CA MET H 54 37.23 26.75 61.00
CA LYS H 55 39.59 23.97 61.93
CA GLY H 56 42.44 26.46 61.86
CA LEU H 57 40.13 27.66 64.63
CA ILE H 58 38.43 24.49 65.84
CA ASP H 59 42.10 23.45 66.23
CA GLU H 60 43.42 26.85 67.28
CA VAL H 61 41.80 25.32 70.35
CA ASP H 62 41.64 21.63 71.50
CA GLN H 63 45.45 21.58 71.69
CA ASP H 64 45.85 24.63 73.92
CA PHE H 65 42.71 24.11 75.95
CA THR H 66 43.88 20.45 76.00
CA SER H 67 47.52 21.19 76.82
CA ARG H 68 46.44 23.24 79.86
CA ILE H 69 44.90 20.19 81.48
CA ASN H 70 48.19 18.43 81.01
CA LYS H 71 50.36 21.25 82.39
CA LEU H 72 47.91 21.71 85.28
CA ARG H 73 47.25 18.17 86.50
CA ASP H 74 51.06 17.99 86.08
CA SER H 75 51.88 21.14 88.04
CA LEU H 76 49.42 19.99 90.72
CA PHE H 77 50.01 16.24 90.89
CA ASN H 78 53.06 15.89 91.97
CA TYR H 79 53.49 18.61 94.40
CA GLN H 80 50.25 18.19 95.85
CA LYS H 81 50.83 14.55 96.76
CA ASN H 82 54.54 14.85 97.58
CA SER H 83 55.00 18.21 99.31
CA LYS H 84 53.18 16.89 102.39
CA ASP H 85 54.71 13.50 102.62
CA SER H 86 56.13 16.77 104.08
CA ASN H 87 53.16 18.84 105.29
CA THR H 88 52.37 15.72 107.27
CA LEU H 89 55.97 16.07 108.50
CA THR H 90 55.62 19.76 109.33
CA LYS H 91 52.20 19.07 110.81
CA ASN H 92 54.02 16.28 112.62
CA ILE H 93 56.85 18.66 113.63
CA VAL H 94 53.99 20.51 115.26
CA GLU H 95 51.85 17.70 116.66
CA LEU H 96 55.00 16.95 118.62
CA MET H 97 54.60 20.11 120.78
CA ARG H 98 51.43 18.41 122.05
CA GLY H 99 53.77 16.13 123.98
CA ASP H 100 55.74 19.21 125.04
CA PHE H 101 52.75 21.09 126.39
CA ALA H 102 51.27 17.96 127.96
CA LYS H 103 54.41 18.46 130.01
CA ALA H 104 53.27 21.85 131.24
CA ASN H 105 49.64 21.11 131.98
CA ASN H 106 50.62 18.53 134.60
CA ASN H 107 54.06 19.87 135.43
CA ASP H 108 51.89 22.62 136.82
CA ASN H 109 48.63 20.96 137.70
CA THR H 110 51.25 19.36 139.90
CA PHE H 111 53.16 22.47 141.07
CA LYS H 112 49.72 23.75 141.86
CA GLN H 113 49.10 20.59 144.05
CA ILE H 114 52.46 21.00 145.86
CA ASN H 115 52.47 24.74 146.76
CA GLU H 116 49.01 25.05 148.27
CA ASP H 117 49.80 22.03 150.42
CA LEU H 118 52.76 24.11 151.39
CA ARG H 119 51.16 27.54 151.25
CA SER H 120 48.43 26.08 153.45
CA ARG H 121 50.68 24.30 155.96
CA ILE H 122 52.66 27.55 156.03
CA GLU H 123 49.67 29.73 156.84
CA ILE H 124 48.72 27.41 159.69
CA LEU H 125 52.26 27.63 160.86
CA ARG H 126 52.20 31.36 160.57
CA ARG H 127 49.14 30.91 162.85
CA LYS H 128 50.65 28.46 165.28
CA VAL H 129 53.46 30.94 165.51
CA ILE H 130 50.96 33.56 166.75
CA GLU H 131 48.63 31.92 169.31
CA GLN H 132 51.81 31.44 171.22
CA VAL H 133 53.41 34.71 170.19
CA GLN H 134 50.30 36.50 171.38
CA ARG H 135 50.58 34.80 174.75
CA ILE H 136 54.21 36.01 175.26
CA ASN H 137 53.20 39.68 175.13
CA LEU H 138 50.30 38.94 177.48
CA LEU H 139 52.24 37.09 180.14
CA GLN H 140 55.06 39.46 179.11
CA LYS H 141 53.07 42.07 181.03
CA ASN H 142 51.82 39.89 183.85
CA VAL H 143 55.51 39.78 184.65
CA ARG H 144 55.61 43.50 184.11
CA ASP H 145 52.67 43.51 186.54
CA GLN H 146 53.74 40.89 189.19
CA LEU H 147 57.19 42.42 189.23
CA VAL H 148 55.45 45.52 190.39
CA ASP H 149 52.94 44.24 193.01
CA MET H 150 56.04 42.46 194.12
CA LYS H 151 58.31 45.44 194.02
CA ARG H 152 55.38 47.04 195.74
CA LEU H 153 54.54 44.48 198.39
CA GLU H 154 58.11 43.80 199.42
CA VAL H 155 58.87 47.48 200.06
CA ASP H 156 55.61 47.96 201.95
CA ILE H 157 56.40 44.97 204.13
CA ASP H 158 60.04 45.91 204.62
CA ILE H 159 58.61 49.00 206.24
CA LYS H 160 55.70 47.12 207.86
CA ILE H 161 58.42 45.28 209.81
CA ARG H 162 60.90 47.84 211.15
CA SER H 163 57.77 49.46 212.51
CA CYS H 164 57.26 46.23 214.35
CA LYS H 165 60.65 46.57 215.99
CA GLY H 166 59.46 49.26 218.36
CA SER H 167 56.35 47.48 219.57
CA CYS H 168 57.39 43.88 220.26
CA SER H 169 60.42 41.97 221.48
CA ARG H 170 62.94 40.95 218.78
CA ALA H 171 63.44 42.60 215.38
CA LEU H 172 64.38 41.09 212.02
CA GLU H 173 67.07 43.41 210.57
CA HIS H 174 65.63 43.26 207.08
CA LYS H 175 66.67 45.60 204.27
CA VAL H 176 65.12 45.37 200.77
CA ASP H 177 67.74 45.23 197.99
CA LEU H 178 65.99 47.21 195.32
CA GLU H 179 68.67 46.63 192.71
CA ASP H 180 67.60 43.05 191.96
CA TYR H 181 64.06 44.30 191.73
CA LYS H 182 65.33 47.40 189.88
CA ASN H 183 66.92 45.02 187.47
CA GLN H 184 63.99 42.69 186.80
CA GLN H 185 62.10 45.89 186.00
CA LYS H 186 64.74 46.96 183.47
CA GLN H 187 65.45 43.58 181.87
CA LEU H 188 61.76 42.80 181.44
CA GLU H 189 61.14 46.28 180.06
CA GLN H 190 64.08 45.89 177.71
CA VAL H 191 62.71 42.39 176.94
CA ILE H 192 59.65 43.45 174.95
CA ALA H 193 62.05 44.63 172.27
CA ILE H 194 60.06 43.74 169.15
CA ASN H 195 57.48 41.32 167.74
CA LEU H 196 55.94 39.93 164.60
CA LEU H 197 55.83 40.93 161.09
CA PRO H 198 54.32 43.60 158.76
CA SER H 199 53.19 40.94 156.22
CA ARG H 200 50.94 38.27 154.40
CA ASP H 201 51.15 35.48 151.61
CA ILE H 202 50.00 34.28 148.03
CA GLN H 203 48.81 36.93 145.46
CA TYR H 204 47.68 35.99 141.87
CA LEU H 205 46.36 32.47 141.28
CA PRO H 206 44.79 29.62 139.09
CA ILE H 207 42.52 30.25 136.12
CA LEU H 208 45.66 31.18 134.19
CA LYS H 209 47.63 27.86 133.94
CA MET H 210 45.62 27.29 130.85
CA SER H 211 42.73 29.16 129.25
CA THR H 212 42.37 28.33 125.50
CA ILE H 213 44.61 25.38 124.59
CA THR H 214 44.38 22.25 122.38
CA GLY H 215 43.37 19.28 121.49
CA PRO H 216 42.31 21.42 119.03
CA VAL H 217 44.72 21.24 117.87
CA PRO H 218 44.56 17.99 116.71
CA ARG H 219 45.23 15.83 113.92
CA GLU H 220 43.37 17.99 111.50
CA PHE H 221 40.02 16.53 110.77
CA LYS H 222 38.04 17.25 113.30
CA SER H 223 35.25 18.10 111.46
CA GLN H 224 33.43 14.77 112.01
CA LYS I 28 30.89 14.31 59.79
CA LEU I 29 33.37 16.78 61.21
CA GLN I 30 31.35 19.19 63.34
CA ASP I 31 30.03 15.97 64.74
CA THR I 32 33.48 14.57 65.29
CA LEU I 33 34.55 17.82 66.89
CA VAL I 34 31.39 17.65 68.99
CA ARG I 35 32.94 14.45 70.20
CA GLN I 36 35.85 16.53 71.55
CA GLU I 37 33.78 19.51 72.64
CA ARG I 38 31.97 17.09 74.98
CA PRO I 39 34.88 15.59 77.01
CA ILE I 40 36.17 19.11 76.46
CA ARG I 41 34.20 19.79 79.64
CA LYS I 42 34.56 16.43 81.43
CA SER I 43 38.35 16.79 81.59
CA ILE I 44 37.55 20.12 83.33
CA GLU I 45 34.60 18.89 85.43
CA ASP I 46 36.65 16.29 87.28
CA LEU I 47 39.95 18.11 87.78
CA ARG I 48 38.05 21.13 89.22
CA ASN I 49 35.77 19.55 91.80
CA THR I 50 38.70 17.23 92.45
CA VAL I 51 40.62 20.44 93.09
CA ASP I 52 37.78 22.19 94.95
CA SER I 53 39.14 19.81 97.57
CA VAL I 54 42.87 20.18 97.08
CA SER I 55 42.07 23.83 97.46
CA ARG I 56 39.91 24.13 100.65
CA THR I 57 42.51 21.78 102.07
CA SER I 58 45.75 23.59 101.04
CA SER I 59 43.67 26.62 102.05
CA SER I 60 42.63 26.17 105.69
CA THR I 61 45.75 24.12 106.53
CA PHE I 62 47.12 27.65 106.42
CA GLN I 63 45.43 29.33 109.34
CA TYR I 64 45.56 26.02 111.29
CA ILE I 65 49.34 26.56 111.09
CA THR I 66 49.18 30.31 111.40
CA LEU I 67 48.13 29.87 115.02
CA LEU I 68 50.41 27.09 116.12
CA LYS I 69 52.93 29.80 115.33
CA ASN I 70 51.27 32.14 117.80
CA MET I 71 50.34 29.53 120.37
CA TRP I 72 53.96 28.33 120.32
CA LYS I 73 54.87 31.98 120.85
CA GLY I 74 51.83 32.30 123.09
CA ARG I 75 53.45 30.42 125.96
CA GLN I 76 57.10 31.51 125.72
CA ASN I 77 55.88 35.10 126.35
CA GLN I 78 53.47 34.10 129.14
CA VAL I 79 56.01 31.91 130.92
CA GLN I 80 58.49 34.65 131.84
CA ASP I 81 55.50 36.38 133.38
CA ASN I 82 54.31 33.17 135.04
CA GLU I 83 57.69 31.65 135.97
CA ASN I 84 58.49 35.19 137.00
CA VAL I 85 55.39 35.51 139.20
CA VAL I 86 56.15 32.16 140.74
CA ASN I 87 59.88 33.05 140.88
CA GLU I 88 58.73 36.29 142.53
CA TYR I 89 56.19 34.71 144.87
CA SER I 90 58.83 32.39 146.31
CA SER I 91 61.22 35.31 146.97
CA HIS I 92 58.59 36.54 149.40
CA LEU I 93 57.91 33.20 151.06
CA GLU I 94 61.63 33.36 151.67
CA LYS I 95 61.42 35.79 154.54
CA HIS I 96 58.25 34.10 155.77
CA GLN I 97 60.43 31.19 156.74
CA LEU I 98 63.01 33.05 158.73
CA TYR I 99 59.98 34.35 160.60
CA ILE I 100 59.63 30.98 162.21
CA ASP I 101 63.28 30.06 162.33
CA GLU I 102 64.13 33.53 163.68
CA THR I 103 61.36 32.50 166.08
CA VAL I 104 60.05 29.07 167.02
CA LYS I 105 63.79 28.63 166.95
CA ASN I 106 65.15 31.98 168.03
CA ASN I 107 63.49 35.28 168.85
CA ILE I 108 60.65 33.51 170.63
CA PRO I 109 62.30 31.20 173.08
CA THR I 110 64.24 34.17 174.35
CA LYS I 111 61.05 35.74 175.77
CA LEU I 112 61.05 32.74 178.08
CA ARG I 113 64.15 32.07 180.21
CA VAL I 114 63.58 35.71 180.98
CA LEU I 115 59.83 35.43 181.37
CA ARG I 116 60.75 32.13 183.08
CA SER I 117 63.35 33.24 185.61
CA ILE I 118 61.63 36.25 187.32
CA LEU I 119 58.15 34.67 187.45
CA GLU I 120 60.22 31.92 189.08
CA ASN I 121 62.60 34.24 190.99
CA LEU I 122 59.39 35.68 192.42
CA ARG I 123 58.00 32.14 193.11
CA SER I 124 60.33 32.11 196.17
CA LYS I 125 60.69 35.82 196.94
CA ILE I 126 57.12 35.29 198.14
CA GLN I 127 58.63 32.55 200.29
CA LYS I 128 61.32 34.78 201.75
CA LEU I 129 58.54 37.14 202.72
CA GLU I 130 55.93 34.45 203.55
CA SER I 131 58.41 33.38 206.24
CA ASP I 132 59.71 36.76 207.38
CA VAL I 133 56.15 37.53 208.31
CA SER I 134 55.57 34.30 210.24
CA THR I 135 58.89 35.18 211.83
CA GLN I 136 58.31 38.76 213.00
CA MET I 137 54.85 37.36 213.70
CA GLU I 138 56.60 35.13 216.19
CA TYR I 139 59.21 37.69 217.16
CA CYS I 140 56.00 39.50 218.09
CA ARG I 141 54.63 37.12 220.74
CA THR I 142 56.62 39.03 223.29
CA PRO I 143 56.60 42.88 223.21
CA CYS I 144 59.41 45.36 223.48
CA THR I 145 59.73 46.72 227.05
CA VAL I 146 61.41 49.60 228.82
CA THR I 147 62.13 50.47 232.42
CA CYS I 148 61.84 54.20 232.57
CA ASN I 149 62.58 55.47 236.03
CA ILE I 150 60.98 58.94 236.11
CA PRO I 151 63.45 61.80 236.44
CA VAL I 152 63.42 63.84 239.59
CA VAL I 153 62.78 67.26 238.01
CA SER I 154 59.47 68.30 236.40
CA GLY I 155 57.16 71.01 235.09
CA LYS I 156 54.26 71.77 232.77
CA GLU I 157 56.77 71.50 229.95
CA CYS I 158 60.53 70.99 229.45
CA GLU I 159 61.82 74.57 229.60
CA LYS I 160 60.49 74.45 233.16
CA ILE I 161 62.84 71.63 233.77
CA ILE I 162 66.03 73.07 232.23
CA ARG I 163 65.67 76.41 234.07
CA ASN I 164 64.42 74.16 236.85
CA GLU I 165 67.86 72.53 236.39
CA GLY I 166 67.15 69.11 234.82
CA GLU I 167 69.83 69.25 232.17
CA THR I 168 70.27 65.76 230.61
CA SER I 169 68.33 65.31 227.44
CA GLU I 170 66.16 62.35 228.39
CA MET I 171 62.68 61.18 229.43
CA TYR I 172 61.18 63.55 231.90
CA LEU I 173 57.65 63.81 233.11
CA ILE I 174 55.41 66.85 232.82
CA GLN I 175 52.09 68.30 233.93
CA PRO I 176 51.04 71.43 232.03
CA GLU I 177 47.64 71.69 233.73
CA ASP I 178 47.02 71.01 237.40
CA SER I 179 44.20 68.86 236.08
CA SER I 180 46.46 67.42 233.37
CA LYS I 181 47.32 64.07 234.94
CA PRO I 182 51.08 64.24 234.18
CA TYR I 183 52.43 62.33 231.24
CA ARG I 184 55.98 61.49 230.14
CA VAL I 185 57.73 63.14 227.23
CA TYR I 186 61.28 63.14 225.99
CA CYS I 187 62.94 66.57 226.10
CA ASP I 188 66.16 67.61 224.40
CA MET I 189 68.05 69.81 226.80
CA LYS I 190 71.06 70.60 224.66
CA THR I 191 70.08 71.10 221.00
CA GLU I 192 69.49 74.84 220.96
CA LYS I 193 69.08 76.18 224.53
CA GLY I 194 67.16 73.08 225.45
CA GLY I 195 63.66 72.99 226.92
CA TRP I 196 62.44 71.54 223.65
CA THR I 197 59.71 69.04 224.28
CA VAL I 198 59.83 66.39 221.52
CA ILE I 199 56.37 66.47 219.88
CA GLN I 200 56.93 63.76 217.35
CA ASN I 201 59.95 61.54 216.75
CA ARG I 202 61.19 59.88 213.51
CA GLN I 203 64.62 58.17 213.35
CA ASP I 204 64.33 54.51 212.28
CA GLY I 205 60.70 53.94 211.41
CA SER I 206 60.48 51.59 214.36
CA VAL I 207 56.80 52.55 214.55
CA ASP I 208 53.59 52.48 212.59
CA PHE I 209 52.49 55.99 211.79
CA GLY I 210 49.94 54.28 209.64
CA ARG I 211 47.44 55.06 212.37
CA LYS I 212 43.92 56.49 212.58
CA TRP I 213 42.50 59.51 214.43
CA ASP I 214 42.29 58.71 218.14
CA PRO I 215 45.83 57.31 218.08
CA TYR I 216 46.96 60.66 216.67
CA LYS I 217 45.11 63.20 218.78
CA GLN I 218 45.92 60.93 221.72
CA GLY I 219 49.54 60.46 220.74
CA PHE I 220 51.59 57.39 219.95
CA GLY I 221 55.11 55.99 219.72
CA ASN I 222 57.62 55.18 222.44
CA ILE I 223 58.69 58.36 224.30
CA ALA I 224 62.14 57.02 224.77
CA THR I 225 64.13 53.93 225.66
CA ASN I 226 66.69 52.85 228.26
CA ALA I 227 70.25 53.41 227.07
CA GLU I 228 73.17 50.97 227.10
CA GLY I 229 72.68 49.82 230.67
CA LYS I 230 71.42 52.89 232.58
CA LYS I 231 68.17 52.75 234.58
CA TYR I 232 66.62 55.77 232.87
CA CYS I 233 65.78 55.69 229.14
CA GLY I 234 68.19 58.39 227.98
CA VAL I 235 67.25 57.22 224.50
CA PRO I 236 64.42 59.02 222.60
CA GLY I 237 61.59 57.08 221.04
CA GLU I 238 59.86 57.67 217.70
CA TYR I 239 56.38 59.05 218.50
CA TRP I 240 53.64 61.52 217.84
CA LEU I 241 53.02 63.31 221.09
CA GLY I 242 49.25 63.51 220.59
CA ASN I 243 47.53 66.46 218.99
CA ASP I 244 45.53 67.17 222.18
CA ARG I 245 48.62 67.61 224.27
CA ILE I 246 50.42 69.33 221.40
CA SER I 247 47.79 72.02 221.20
CA GLN I 248 47.38 72.28 224.94
CA LEU I 249 51.11 72.87 225.10
CA THR I 250 50.91 75.22 222.14
CA ASN I 251 47.76 76.90 223.49
CA MET I 252 49.86 77.97 226.44
CA GLY I 253 50.98 80.84 224.24
CA PRO I 254 54.54 81.32 222.96
CA THR I 255 55.38 77.91 221.55
CA LYS I 256 58.31 78.29 219.17
CA LEU I 257 58.43 75.30 216.81
CA LEU I 258 61.60 73.66 215.54
CA ILE I 259 61.82 70.73 213.22
CA GLU I 260 65.04 68.97 212.37
CA MET I 261 65.89 66.26 209.80
CA GLU I 262 68.80 64.33 208.37
CA ASP I 263 70.10 63.09 205.09
CA TRP I 264 70.85 59.41 204.59
CA LYS I 265 73.97 61.02 203.08
CA GLY I 266 74.71 62.67 206.41
CA ASP I 267 73.34 66.14 205.84
CA LYS I 268 70.69 67.61 208.19
CA VAL I 269 68.50 70.68 208.40
CA THR I 270 66.43 72.74 210.79
CA ALA I 271 63.00 74.25 210.26
CA LEU I 272 62.16 76.79 212.94
CA TYR I 273 58.58 77.87 212.90
CA GLU I 274 58.75 80.51 215.65
CA GLY I 275 55.02 80.42 216.07
CA PHE I 276 53.55 76.95 215.95
CA THR I 277 49.94 76.93 217.36
CA VAL I 278 47.85 73.80 216.87
CA GLN I 279 44.20 73.89 217.93
CA ASN I 280 41.58 71.51 219.19
CA GLU I 281 39.70 68.47 217.92
CA ALA I 282 36.55 70.49 217.30
CA ASN I 283 38.85 72.87 215.38
CA LYS I 284 40.32 69.95 213.47
CA TYR I 285 43.50 70.76 215.29
CA GLN I 286 43.90 73.62 212.88
CA LEU I 287 47.67 73.82 212.68
CA SER I 288 49.40 77.01 211.48
CA VAL I 289 52.68 78.77 212.32
CA SER I 290 53.84 82.37 212.47
CA LYS I 291 57.39 82.81 211.22
CA TYR I 292 59.82 80.29 209.80
CA LYS I 293 63.61 80.41 209.65
CA GLY I 294 65.76 77.50 208.57
CA THR I 295 67.70 75.68 205.90
CA ALA I 296 64.92 73.59 204.32
CA GLY I 297 62.23 76.00 202.99
CA ASN I 298 58.96 76.94 204.64
CA ALA I 299 57.02 73.82 203.79
CA LEU I 300 53.96 74.85 205.81
CA ILE I 301 53.07 78.38 204.79
CA GLU I 302 54.67 78.21 201.34
CA GLY I 303 53.76 75.02 199.47
CA ALA I 304 56.44 73.15 197.48
CA SER I 305 59.54 75.16 196.58
CA GLN I 306 59.30 73.60 193.13
CA LEU I 307 55.65 73.97 192.18
CA VAL I 308 54.65 77.53 191.42
CA GLY I 309 51.42 79.49 191.50
CA GLU I 310 48.31 77.47 192.50
CA ASN I 311 50.54 74.42 192.39
CA ARG I 312 52.84 75.78 195.09
CA THR I 313 49.83 77.24 196.90
CA MET I 314 48.14 73.84 196.72
CA THR I 315 50.65 72.78 199.37
CA ILE I 316 50.48 75.22 202.24
CA HIS I 317 49.45 73.80 205.63
CA ASN I 318 49.23 77.03 207.53
CA SER I 319 45.56 77.07 208.40
CA MET I 320 45.17 73.39 207.62
CA PHE I 321 42.87 71.02 209.47
CA PHE I 322 44.48 67.79 210.70
CA SER I 323 43.51 64.76 208.66
CA THR I 324 44.34 61.03 209.06
CA TYR I 325 43.72 58.08 206.80
CA ASP I 326 40.39 57.54 208.59
CA ARG I 327 39.64 61.23 209.27
CA ASP I 328 39.93 63.61 206.30
CA ASN I 329 40.15 67.37 206.02
CA ASP I 330 42.75 67.94 203.32
CA GLY I 331 42.28 70.09 200.24
CA TRP I 332 39.62 67.90 198.68
CA LYS I 333 36.28 67.61 196.96
CA THR I 334 33.94 64.90 198.34
CA THR I 335 34.84 62.57 195.50
CA ASP I 336 36.83 59.65 194.16
CA PRO I 337 39.42 58.50 196.73
CA ARG I 338 41.89 59.42 193.99
CA LYS I 339 41.67 62.72 195.85
CA GLN I 340 41.94 62.14 199.62
CA CYS I 341 45.57 62.88 200.46
CA SER I 342 45.75 60.64 203.51
CA LYS I 343 45.10 57.19 202.14
CA GLU I 344 44.87 53.85 203.95
CA ASP I 345 47.94 53.10 206.10
CA GLY I 346 48.96 56.64 205.25
CA GLY I 347 50.09 58.89 208.08
CA GLY I 348 47.41 61.36 209.08
CA TRP I 349 48.62 64.96 209.50
CA TRP I 350 47.57 68.52 208.40
CA TYR I 351 46.76 67.98 204.72
CA ASN I 352 45.69 70.57 202.08
CA ARG I 353 45.59 69.57 198.44
CA CYS I 354 47.99 67.13 200.08
CA HIS I 355 51.57 67.78 200.92
CA ALA I 356 54.63 69.96 200.61
CA ALA I 357 56.09 67.81 203.41
CA ASN I 358 54.88 65.00 205.61
CA PRO I 359 57.06 64.04 208.63
CA ASN I 360 54.33 61.56 209.51
CA GLY I 361 54.99 59.63 206.30
CA ARG I 362 56.29 56.12 205.89
CA TYR I 363 59.96 55.66 206.67
CA TYR I 364 60.90 54.45 203.20
CA TRP I 365 64.06 52.45 203.62
CA GLY I 366 67.01 54.36 202.26
CA GLY I 367 64.59 57.20 201.70
CA ALA I 368 64.43 58.03 197.99
CA TYR I 369 61.72 55.91 196.50
CA THR I 370 59.19 55.43 193.70
CA TRP I 371 55.48 54.67 193.21
CA ASP I 372 56.11 51.08 192.17
CA MET I 373 57.01 51.18 195.83
CA ALA I 374 54.28 53.40 197.29
CA LYS I 375 51.46 51.03 198.25
CA HIS I 376 49.12 53.76 196.94
CA GLY I 377 51.58 55.37 194.57
CA THR I 378 51.05 58.40 196.77
CA ASP I 379 54.03 60.37 197.89
CA ASP I 380 53.91 58.19 201.05
CA GLY I 381 57.42 58.94 202.25
CA VAL I 382 58.34 61.15 205.20
CA VAL I 383 59.01 64.38 203.24
CA TRP I 384 60.24 67.92 203.26
CA MET I 385 60.01 68.83 199.58
CA ASN I 386 61.53 72.27 199.94
CA TRP I 387 64.82 70.46 200.55
CA GLN I 388 64.98 66.93 199.16
CA GLY I 389 62.33 67.18 196.49
CA SER I 390 59.81 64.40 196.72
CA TRP I 391 59.69 60.58 196.83
CA TYR I 392 62.35 60.66 199.50
CA SER I 393 61.24 59.42 202.95
CA MET I 394 63.71 61.34 205.08
CA LYS I 395 66.68 59.87 206.95
CA LYS I 396 65.70 61.56 210.21
CA MET I 397 63.21 64.23 211.21
CA SER I 398 61.30 65.11 214.38
CA LYS I 399 59.26 68.04 215.74
CA MET I 400 59.94 69.93 219.03
CA ILE I 401 58.64 72.89 221.03
CA ARG I 402 60.19 75.35 223.54
CA PRO I 403 57.98 78.44 224.17
CA TYR I 404 58.59 81.80 222.57
CA PHE I 405 60.28 84.69 224.34
CA PRO I 406 62.22 86.95 221.94
CA GLU I 407 61.74 87.64 218.21
CA ASP J 27 30.06 32.31 65.52
CA PHE J 28 28.14 30.57 68.14
CA LEU J 29 30.84 28.11 68.59
CA ASN J 30 33.96 30.53 69.63
CA ASN J 31 31.37 32.35 71.69
CA TYR J 32 31.00 29.17 73.37
CA GLN J 33 34.14 27.21 74.53
CA THR J 34 35.16 30.67 75.58
CA SER J 35 32.81 29.72 78.42
CA VAL J 36 34.49 26.41 79.25
CA ASP J 37 37.96 27.93 78.77
CA LYS J 38 36.76 30.75 80.98
CA ASP J 39 36.49 27.82 83.41
CA LEU J 40 40.11 27.01 83.00
CA ARG J 41 41.42 30.54 83.62
CA THR J 42 39.40 30.00 86.76
CA LEU J 43 40.66 26.57 87.81
CA GLU J 44 44.09 27.91 86.84
CA GLY J 45 44.96 30.95 88.89
CA ILE J 46 43.03 29.02 91.53
CA LEU J 47 45.44 26.13 91.79
CA TYR J 48 48.21 28.74 91.74
CA GLN J 49 46.98 30.67 94.80
CA VAL J 50 46.87 27.37 96.59
CA GLU J 51 50.37 26.80 95.20
CA ASN J 52 50.89 30.28 96.66
CA LYS J 53 49.16 29.70 99.97
CA THR J 54 50.43 26.32 101.09
CA SER J 55 53.47 27.57 99.19
CA GLU J 56 54.24 29.33 102.45
CA ALA J 57 53.76 27.76 105.46
CA ARG J 58 57.19 26.49 104.29
CA GLU J 59 59.40 29.60 105.20
CA LEU J 60 57.01 30.14 108.06
CA VAL J 61 57.63 26.57 109.32
CA LYS J 62 61.30 26.88 109.05
CA ALA J 63 61.57 29.75 110.54
CA ILE J 64 59.31 27.93 113.02
CA GLN J 65 62.14 25.64 114.14
CA ILE J 66 65.30 27.71 114.25
CA SER J 67 62.93 30.15 115.96
CA TYR J 68 61.42 27.28 117.94
CA ASN J 69 65.02 26.17 118.41
CA PRO J 70 67.27 26.74 121.51
CA ASP J 71 65.13 25.49 123.47
CA GLN J 72 65.38 28.08 126.73
CA PRO J 73 62.00 27.14 128.14
CA SER J 74 66.02 24.51 129.64
CA LYS J 75 67.02 27.88 131.12
CA PRO J 76 63.64 28.54 132.71
CA ASN J 77 62.93 25.26 134.51
CA ASN J 78 62.12 27.52 137.47
CA ILE J 79 58.68 25.86 137.52
CA GLU J 80 60.10 22.33 137.56
CA SER J 81 62.49 23.75 140.17
CA ALA J 82 59.96 25.60 142.32
CA THR J 83 57.61 22.56 142.33
CA LYS J 84 60.63 20.81 143.83
CA ASN J 85 61.93 23.66 145.99
CA SER J 86 58.52 23.83 147.68
CA LYS J 87 59.18 20.23 148.68
CA SER J 88 62.18 21.74 150.52
CA MET J 89 60.06 23.97 152.71
CA MET J 90 58.19 20.82 153.72
CA GLU J 91 61.43 19.88 155.58
CA GLU J 92 62.38 22.84 157.74
CA ILE J 93 58.71 23.61 157.82
CA MET J 94 57.47 20.29 159.10
CA LYS J 95 60.24 20.13 161.74
CA TYR J 96 58.81 23.46 163.16
CA GLU J 97 55.37 22.12 163.94
CA THR J 98 57.07 20.42 166.90
CA LEU J 99 59.25 23.15 168.39
CA ILE J 100 56.07 25.15 168.70
CA SER J 101 54.36 22.23 170.53
CA THR J 102 57.41 22.30 172.87
CA HIS J 103 57.04 25.94 173.71
CA GLU J 104 53.22 25.90 174.02
CA SER J 105 53.41 23.54 176.96
CA THR J 106 56.49 25.41 178.30
CA ILE J 107 54.39 28.51 178.22
CA ARG J 108 51.77 26.97 180.59
CA PHE J 109 54.38 25.80 183.14
CA LEU J 110 55.17 29.44 183.07
CA GLN J 111 51.58 30.58 183.46
CA GLU J 112 51.59 27.75 186.05
CA ILE J 113 54.23 29.57 188.12
CA TYR J 114 52.90 33.08 188.01
CA ASN J 115 49.28 32.10 188.62
CA SER J 116 50.30 30.28 191.76
CA ASN J 117 52.25 33.46 192.31
CA SER J 118 49.47 36.01 192.54
CA GLN J 119 47.62 33.70 194.98
CA LYS J 120 50.54 33.29 197.39
CA ILE J 121 50.97 37.03 197.00
CA VAL J 122 47.26 37.41 197.86
CA ASN J 123 47.76 35.25 200.90
CA LEU J 124 50.91 37.12 201.84
CA ARG J 125 48.64 40.19 202.08
CA ASP J 126 46.24 39.22 204.82
CA LYS J 127 49.04 37.95 207.04
CA VAL J 128 50.95 41.21 206.75
CA VAL J 129 47.63 42.59 207.98
CA GLN J 130 47.55 40.14 210.85
CA LEU J 131 51.05 41.50 211.47
CA GLU J 132 50.42 45.23 211.52
CA ALA J 133 47.66 44.12 213.89
CA ASN J 134 50.51 43.57 216.43
CA CYS J 135 53.22 46.22 216.09
CA GLN J 136 50.74 48.79 217.35
CA GLU J 137 51.25 48.76 221.14
CA PRO J 138 54.40 50.74 221.99
CA CYS J 139 57.11 48.99 224.02
CA GLN J 140 56.12 48.08 227.55
CA ASP J 141 57.41 50.07 230.45
CA THR J 142 58.05 48.67 233.88
CA VAL J 143 58.07 51.82 236.00
CA LYS J 144 54.42 51.95 236.96
CA ILE J 145 53.22 54.67 239.31
CA HIS J 146 50.36 53.97 241.74
CA ASP J 147 47.21 56.09 241.81
CA VAL J 148 46.44 57.24 245.33
CA THR J 149 48.48 59.94 246.96
CA GLY J 150 48.32 62.46 249.78
CA ARG J 151 50.49 64.84 251.81
CA ASP J 152 53.00 62.00 252.17
CA CYS J 153 53.47 58.25 251.53
CA GLN J 154 52.15 57.31 254.92
CA ASP J 155 49.04 59.23 253.93
CA VAL J 156 48.74 56.75 251.06
CA ALA J 157 50.20 53.94 253.08
CA ASN J 158 47.28 54.47 255.45
CA LYS J 159 45.07 55.49 252.52
CA GLY J 160 45.61 51.89 251.49
CA ALA J 161 49.02 51.83 249.76
CA LYS J 162 50.35 48.37 250.65
CA GLU J 163 53.38 48.36 248.34
CA SER J 164 56.58 50.34 248.03
CA GLY J 165 57.34 52.26 244.87
CA LEU J 166 56.78 55.59 243.21
CA TYR J 167 53.73 57.61 244.22
CA PHE J 168 52.37 61.16 243.86
CA ILE J 169 51.73 63.48 246.82
CA ARG J 170 50.96 67.06 247.78
CA PRO J 171 51.54 68.42 251.30
CA LEU J 172 48.86 71.00 252.03
CA LYS J 173 50.91 74.22 251.75
CA ALA J 174 52.35 72.70 248.58
CA LYS J 175 51.31 73.93 245.15
CA GLN J 176 51.41 71.19 242.51
CA GLN J 177 51.79 67.60 243.71
CA PHE J 178 54.88 65.51 242.95
CA LEU J 179 56.12 61.94 242.85
CA VAL J 180 58.63 60.61 245.36
CA TYR J 181 60.00 57.26 246.46
CA CYS J 182 57.86 55.69 249.20
CA GLU J 183 59.39 52.88 251.23
CA ILE J 184 56.78 50.83 253.08
CA ASP J 185 56.54 47.66 255.20
CA GLY J 186 54.15 45.26 256.91
CA SER J 187 53.64 47.65 259.79
CA GLY J 188 52.30 50.15 257.28
CA ASN J 189 54.91 52.95 257.27
CA GLY J 190 54.83 55.67 254.64
CA TRP J 191 58.63 56.00 254.76
CA THR J 192 58.82 58.72 252.14
CA VAL J 193 62.44 59.10 251.07
CA PHE J 194 64.17 62.22 249.84
CA GLN J 195 67.60 60.85 249.29
CA LYS J 196 69.34 57.54 248.74
CA ARG J 197 72.57 56.54 247.05
CA LEU J 198 74.39 53.39 246.02
CA ASP J 199 76.67 53.78 243.00
CA GLY J 200 78.06 56.67 241.01
CA SER J 201 75.18 57.88 238.91
CA LEU J 202 74.78 61.46 240.17
CA ASP J 203 77.58 63.99 240.13
CA PHE J 204 76.12 65.37 243.32
CA LYS J 205 78.15 68.54 242.69
CA LYS J 206 74.94 70.38 241.78
CA ASN J 207 73.46 73.74 242.66
CA TRP J 208 70.74 75.33 244.76
CA ILE J 209 67.87 75.08 242.34
CA GLN J 210 69.09 71.72 241.18
CA TYR J 211 69.11 70.94 244.88
CA LYS J 212 66.17 73.22 245.56
CA GLU J 213 64.14 71.12 243.19
CA GLY J 214 66.25 68.01 243.39
CA PHE J 215 67.79 65.67 240.83
CA GLY J 216 68.53 62.05 240.06
CA HIS J 217 65.76 59.58 239.36
CA LEU J 218 63.17 57.58 241.13
CA SER J 219 62.83 53.89 240.60
CA PRO J 220 59.92 51.87 242.07
CA THR J 221 62.84 49.78 243.29
CA GLY J 222 64.92 52.60 244.70
CA ASN J 223 68.02 51.27 242.95
CA THR J 224 67.78 54.86 241.76
CA GLU J 225 70.42 57.26 243.20
CA PHE J 226 68.48 60.52 243.86
CA TRP J 227 68.10 63.83 245.72
CA LEU J 228 64.45 64.71 246.29
CA GLY J 229 65.16 68.44 246.23
CA ASN J 230 65.40 70.70 249.29
CA GLU J 231 62.13 72.57 248.98
CA LYS J 232 59.99 69.54 248.20
CA ILE J 233 61.32 67.73 251.20
CA HIS J 234 60.78 70.86 253.26
CA LEU J 235 57.20 71.09 252.04
CA ILE J 236 56.66 67.73 253.75
CA SER J 237 59.30 68.37 256.42
CA THR J 238 57.06 71.28 257.42
CA GLN J 239 53.29 70.65 257.20
CA SER J 240 50.21 70.52 259.46
CA THR J 241 52.35 70.84 262.60
CA ILE J 242 52.77 67.07 263.09
CA PRO J 243 55.64 64.77 264.23
CA TYR J 244 58.32 64.10 261.56
CA VAL J 245 61.39 61.78 261.82
CA LEU J 246 64.49 61.80 259.63
CA ARG J 247 65.80 58.15 259.67
CA ILE J 248 69.16 57.45 258.03
CA GLN J 249 69.84 53.78 257.18
CA LEU J 250 73.48 53.47 256.24
CA GLU J 251 75.60 50.65 254.75
CA ASP J 252 79.28 49.83 254.50
CA TRP J 253 81.25 47.93 251.88
CA ASN J 254 80.66 44.89 254.08
CA GLY J 255 76.90 44.50 254.26
CA ARG J 256 76.41 46.39 257.48
CA THR J 257 73.43 48.62 258.10
CA SER J 258 72.96 51.16 260.88
CA THR J 259 69.82 53.27 261.23
CA ALA J 260 70.20 56.67 262.90
CA ASP J 261 66.86 58.47 263.36
CA TYR J 262 66.53 62.08 264.39
CA ALA J 263 63.57 63.43 266.32
CA SER J 264 61.28 66.02 264.75
CA PHE J 265 62.60 66.67 261.27
CA LYS J 266 62.23 70.21 260.06
CA VAL J 267 63.87 71.91 257.10
CA THR J 268 63.53 75.61 256.29
CA GLY J 269 62.12 77.26 253.19
CA GLU J 270 64.42 78.94 250.68
CA ASN J 271 63.72 82.04 252.80
CA ASP J 272 66.21 80.43 255.12
CA LYS J 273 68.37 78.52 252.70
CA TYR J 274 66.37 75.36 253.44
CA ARG J 275 67.82 75.14 256.90
CA LEU J 276 68.11 71.90 258.83
CA THR J 277 66.19 71.21 262.02
CA TYR J 278 65.20 68.44 264.49
CA ALA J 279 64.35 68.55 268.14
CA TYR J 280 66.83 66.02 269.44
CA PHE J 281 68.63 62.87 268.27
CA ILE J 282 67.46 59.32 269.23
CA GLY J 283 68.34 55.61 269.31
CA GLY J 284 70.36 55.28 266.12
CA ASP J 285 73.39 52.93 266.03
CA ALA J 286 75.08 55.01 263.33
CA GLY J 287 75.52 57.69 265.95
CA ASP J 288 74.70 61.42 265.86
CA ALA J 289 77.05 62.91 263.23
CA PHE J 290 74.79 65.96 263.31
CA ASP J 291 75.84 66.54 266.93
CA GLY J 292 79.23 67.51 265.56
CA TYR J 293 82.42 65.52 266.22
CA ASP J 294 86.08 65.68 267.09
CA PHE J 295 88.75 64.46 264.77
CA GLY J 296 91.16 66.36 266.91
CA ASP J 297 91.99 68.52 263.92
CA ASP J 298 91.08 71.21 266.46
CA SER J 299 89.06 71.61 269.67
CA SER J 300 86.30 73.59 268.03
CA ASP J 301 85.64 70.50 265.93
CA LYS J 302 82.42 69.42 267.64
CA PHE J 303 80.97 72.92 267.19
CA PHE J 304 82.49 73.34 263.79
CA THR J 305 80.51 70.38 262.47
CA SER J 306 77.47 70.92 264.60
CA HIS J 307 74.87 69.98 262.07
CA ASN J 308 71.39 70.65 263.43
CA GLY J 309 70.11 74.10 262.66
CA MET J 310 71.76 74.93 259.38
CA GLN J 311 70.86 76.67 256.19
CA PHE J 312 71.42 73.93 253.67
CA SER J 313 73.85 75.02 250.97
CA THR J 314 75.78 74.44 247.77
CA TRP J 315 78.77 75.59 245.81
CA ASP J 316 77.03 78.69 244.45
CA SER J 317 74.90 79.93 247.39
CA ASP J 318 77.26 79.64 250.35
CA ASN J 319 75.52 79.07 253.70
CA ASP J 320 78.43 77.36 255.42
CA LYS J 321 79.39 78.67 258.84
CA TYR J 322 82.96 78.63 257.59
CA ASP J 323 84.87 81.19 255.53
CA GLY J 324 84.57 80.45 251.84
CA ASN J 325 82.22 77.49 251.17
CA CYS J 326 82.45 73.74 251.91
CA ALA J 327 79.78 72.91 249.34
CA GLU J 328 82.20 73.47 246.46
CA GLN J 329 85.59 72.08 247.61
CA ASP J 330 83.72 69.14 249.11
CA GLY J 331 81.70 69.47 245.93
CA SER J 332 78.12 68.94 247.15
CA GLY J 333 74.68 70.16 248.01
CA TRP J 334 74.41 69.61 251.71
CA TRP J 335 73.94 71.84 254.68
CA MET J 336 77.47 72.61 255.97
CA ASN J 337 78.78 74.69 258.90
CA LYS J 338 82.59 75.03 259.03
CA CYS J 339 81.90 71.81 257.12
CA HIS J 340 80.76 68.42 258.27
CA ALA J 341 80.53 65.82 260.97
CA GLY J 342 78.42 63.79 258.61
CA HIS J 343 77.49 64.81 255.05
CA LEU J 344 76.09 62.30 252.60
CA ASN J 345 76.49 64.05 249.30
CA GLY J 346 80.22 63.63 249.13
CA VAL J 347 82.12 62.36 246.16
CA TYR J 348 80.96 58.75 246.27
CA TYR J 349 84.29 57.03 246.58
CA GLN J 350 84.32 53.36 245.60
CA GLY J 351 85.31 50.75 248.16
CA GLY J 352 84.62 53.38 250.75
CA THR J 353 88.25 53.71 251.63
CA TYR J 354 90.06 56.76 250.30
CA SER J 355 92.54 59.51 251.09
CA LYS J 356 94.02 62.99 251.13
CA THR J 357 95.59 61.92 247.84
CA SER J 358 92.14 61.24 246.41
CA THR J 359 91.21 64.90 245.89
CA PRO J 360 93.82 67.60 245.25
CA ASN J 361 93.75 69.23 248.70
CA GLY J 362 92.26 66.05 250.09
CA TYR J 363 88.78 66.20 251.62
CA ASP J 364 86.44 64.05 253.66
CA ASN J 365 84.48 65.07 250.59
CA GLY J 366 82.92 61.65 250.54
CA ILE J 367 79.77 60.08 251.97
CA ILE J 368 81.10 60.03 255.59
CA TRP J 369 79.50 59.79 259.03
CA ALA J 370 82.33 59.94 261.64
CA THR J 371 79.72 58.97 264.22
CA TRP J 372 79.72 55.53 262.57
CA LYS J 373 82.80 55.25 260.33
CA SER J 374 86.10 56.81 259.34
CA ARG J 375 86.68 60.30 258.00
CA TRP J 376 87.98 58.41 254.99
CA TYR J 377 85.52 55.60 254.45
CA SER J 378 82.73 56.53 252.01
CA MET J 379 79.58 54.48 252.48
CA LYS J 380 78.00 52.16 249.97
CA LYS J 381 74.50 53.24 250.84
CA THR J 382 72.43 56.15 252.19
CA THR J 383 68.69 56.66 252.49
CA MET J 384 67.50 59.75 254.45
CA LYS J 385 63.70 59.46 254.54
CA ILE J 386 61.05 60.72 256.93
CA ILE J 387 57.72 59.91 258.56
CA PRO J 388 55.44 61.02 261.42
CA LEU J 389 57.22 60.52 264.73
CA ASN J 390 53.78 59.23 265.72
CA ARG J 391 54.58 56.07 263.69
CA LEU J 392 57.61 53.94 264.51
CA ALA J 393 58.14 54.67 268.21
CA ILE J 394 61.27 52.53 268.58
CA GLY J 395 61.79 49.61 266.19
CA GLU J 396 59.94 46.33 265.65
CA ASN K 45 37.56 8.43 48.71
CA THR K 46 36.10 11.68 49.16
CA LYS K 47 32.85 14.15 48.72
CA CYS K 48 32.48 18.12 49.66
CA PRO K 49 32.16 21.50 48.11
CA SER K 50 34.27 24.94 48.26
CA GLY K 51 33.49 27.87 48.54
CA CYS K 52 32.86 31.55 46.47
CA ARG K 53 33.63 29.64 43.51
CA MET K 54 30.17 28.86 43.63
CA LYS K 55 29.58 32.27 43.09
CA GLY K 56 31.75 34.33 40.59
CA LEU K 57 31.38 31.03 38.95
CA ILE K 58 27.24 31.37 38.96
CA ASP K 59 28.28 34.19 37.61
CA GLU K 60 30.12 32.79 34.80
CA VAL K 61 26.94 30.85 34.37
CA ASP K 62 23.31 32.60 34.10
CA GLN K 63 25.04 35.30 31.60
CA ASP K 64 25.65 32.75 28.98
CA PHE K 65 22.25 31.41 29.48
CA THR K 66 20.51 34.58 29.72
CA SER K 67 22.21 34.39 26.28
CA ARG K 68 20.76 30.97 24.70
CA ILE K 69 16.82 31.42 25.11
CA ASN K 70 17.62 34.75 23.85
CA LYS K 71 17.58 32.82 21.06
CA LEU K 72 13.51 32.40 20.82
CA ARG K 73 13.52 36.52 20.41
CA ASP K 74 15.54 36.86 17.23
CA SER K 75 12.28 34.71 17.02
CA LEU K 76 9.73 36.20 17.41
CA PHE K 77 10.62 39.14 14.67
CA ASN K 78 11.55 36.83 11.96
CA TYR K 79 8.44 34.91 12.40
CA GLN K 80 6.41 37.98 12.24
CA LYS K 81 7.61 38.38 9.39
CA ASN K 82 6.83 35.07 7.99
CA SER K 83 5.45 33.44 8.59
CA LYS K 84 2.49 34.62 8.86
CA ASP K 85 1.91 37.10 6.22
CA SER K 86 4.61 35.72 4.15
CA ASN K 87 3.22 32.32 4.45
CA THR K 88 -0.12 33.49 3.45
CA LEU K 89 1.22 35.04 0.39
CA THR K 90 2.88 31.92 -0.61
CA LYS K 91 -0.24 30.01 -0.13
CA ASN K 92 -2.34 32.82 -1.54
CA ILE K 93 -0.60 32.58 -4.78
CA VAL K 94 -0.20 29.40 -5.03
CA GLU K 95 -3.98 29.48 -4.51
CA LEU K 96 -4.08 32.19 -7.31
CA MET K 97 -3.45 29.52 -9.89
CA ARG K 98 -6.77 28.69 -8.35
CA GLY K 99 -7.74 30.06 -11.71
CA ASP K 100 -4.96 31.06 -13.98
CA PHE K 101 -5.65 27.46 -15.04
CA ALA K 102 -9.21 27.83 -14.68
CA LYS K 103 -9.50 29.46 -17.78
CA ALA K 104 -7.56 27.00 -19.86
CA ASN K 105 -9.54 24.29 -18.16
CA ASN K 106 -12.37 25.11 -20.64
CA ASN K 107 -10.59 27.45 -22.94
CA ASP K 108 -9.43 24.09 -23.89
CA ASN K 109 -12.19 21.20 -22.99
CA THR K 110 -14.01 23.49 -25.76
CA PHE K 111 -11.35 22.88 -28.46
CA LYS K 112 -12.15 19.35 -27.58
CA GLN K 113 -15.74 19.84 -28.56
CA ILE K 114 -14.38 22.23 -31.18
CA ASN K 115 -11.83 20.06 -33.07
CA GLU K 116 -14.07 17.12 -33.40
CA ASP K 117 -16.73 19.05 -35.06
CA LEU K 118 -13.84 17.53 -37.59
CA ARG K 119 -13.13 13.41 -37.49
CA SER K 120 -16.66 12.11 -38.02
CA ARG K 121 -17.62 14.55 -40.82
CA ILE K 122 -14.26 14.40 -42.48
CA GLU K 123 -14.61 11.19 -42.96
CA ILE K 124 -17.87 11.23 -44.82
CA LEU K 125 -15.82 13.95 -46.34
CA ARG K 126 -12.41 12.38 -46.85
CA ARG K 127 -14.72 9.73 -48.20
CA LYS K 128 -17.06 11.67 -50.47
CA VAL K 129 -14.07 13.45 -51.92
CA ILE K 130 -12.72 10.22 -53.22
CA GLU K 131 -15.61 8.07 -54.46
CA GLN K 132 -15.89 11.10 -56.51
CA VAL K 133 -12.24 11.98 -57.06
CA GLN K 134 -12.07 8.38 -58.14
CA ARG K 135 -14.75 8.59 -60.79
CA ILE K 136 -13.38 11.39 -62.81
CA ASN K 137 -10.25 9.32 -62.34
CA LEU K 138 -12.39 6.66 -63.90
CA LEU K 139 -13.71 9.18 -66.55
CA GLN K 140 -10.60 10.86 -68.15
CA LYS K 141 -9.90 7.12 -68.36
CA ASN K 142 -13.06 6.01 -70.19
CA VAL K 143 -13.08 8.97 -72.68
CA ARG K 144 -9.48 8.23 -73.75
CA ASP K 145 -11.16 5.10 -75.06
CA GLN K 146 -14.14 6.82 -76.69
CA LEU K 147 -11.73 9.43 -78.21
CA VAL K 148 -9.04 6.90 -79.29
CA ASP K 149 -11.86 4.82 -80.88
CA MET K 150 -12.73 8.07 -82.54
CA LYS K 151 -9.18 8.32 -83.74
CA ARG K 152 -9.54 4.88 -85.25
CA LEU K 153 -13.20 5.02 -86.47
CA GLU K 154 -12.49 8.32 -88.17
CA VAL K 155 -9.41 6.75 -89.76
CA ASP K 156 -10.94 3.99 -90.90
CA ILE K 157 -14.20 5.36 -92.38
CA ASP K 158 -11.99 7.92 -94.13
CA ILE K 159 -10.46 4.93 -95.86
CA LYS K 160 -13.77 3.08 -96.15
CA ILE K 161 -14.82 6.00 -98.39
CA ARG K 162 -12.00 6.68 -100.85
CA SER K 163 -12.35 2.97 -101.56
CA CYS K 164 -15.91 3.74 -102.53
CA LYS K 165 -14.67 6.28 -105.07
CA GLY K 166 -13.59 3.57 -107.48
CA SER K 167 -16.80 1.54 -107.35
CA CYS K 168 -19.64 4.06 -107.60
CA SER K 169 -20.35 7.40 -109.27
CA ARG K 170 -19.34 10.51 -107.28
CA ALA K 171 -16.70 10.67 -104.52
CA LEU K 172 -16.57 12.82 -101.39
CA GLU K 173 -12.97 14.18 -101.22
CA HIS K 174 -12.68 13.58 -97.49
CA LYS K 175 -9.37 13.86 -95.61
CA VAL K 176 -9.10 13.16 -91.86
CA ASP K 177 -7.28 15.96 -90.03
CA LEU K 178 -5.54 13.92 -87.37
CA GLU K 179 -4.09 16.96 -85.58
CA ASP K 180 -7.36 17.88 -83.86
CA TYR K 181 -7.74 14.23 -82.93
CA LYS K 182 -3.99 14.16 -82.11
CA ASN K 183 -4.65 17.13 -79.85
CA GLN K 184 -7.65 15.75 -77.95
CA GLN K 185 -5.41 12.76 -77.25
CA LYS K 186 -2.62 14.94 -75.86
CA GLN K 187 -4.75 17.42 -73.92
CA LEU K 188 -6.83 14.67 -72.31
CA GLU K 189 -3.68 12.69 -71.46
CA GLN K 190 -2.05 15.80 -70.02
CA VAL K 191 -5.37 16.45 -68.25
CA ILE K 192 -5.17 13.65 -65.69
CA ALA K 193 -2.31 15.56 -64.11
CA ILE K 194 -2.93 14.78 -60.43
CA ASN K 195 -5.67 13.96 -57.91
CA LEU K 196 -6.51 13.89 -54.19
CA LEU K 197 -3.57 12.85 -51.97
CA PRO K 198 -3.14 12.27 -48.21
CA SER K 199 -0.63 12.16 -46.26
CA ARG K 200 -2.57 11.19 -43.97
CA ASP K 201 -4.95 12.74 -41.24
CA ILE K 202 -5.06 12.71 -37.59
CA GLN K 203 -2.50 10.83 -35.42
CA TYR K 204 -2.34 11.03 -31.59
CA LEU K 205 -5.83 11.02 -29.64
CA PRO K 206 -8.03 12.12 -26.79
CA ILE K 207 -6.63 9.53 -24.25
CA LEU K 208 -4.43 11.97 -23.10
CA LYS K 209 -6.48 15.11 -22.70
CA MET K 210 -6.01 14.05 -19.08
CA SER K 211 -5.77 10.71 -17.55
CA THR K 212 -3.97 11.35 -14.28
CA ILE K 213 -5.42 14.65 -12.60
CA THR K 214 -7.92 16.17 -10.31
CA GLY K 215 -7.78 19.21 -8.23
CA PRO K 216 -5.66 18.96 -5.73
CA VAL K 217 -4.80 20.98 -4.66
CA PRO K 218 -5.64 22.14 -2.04
CA ARG K 219 -3.90 20.13 -0.31
CA GLU K 220 -3.39 19.92 3.01
CA PHE K 221 -6.27 19.00 5.18
CA LYS K 222 -9.34 20.80 4.68
CA SER K 223 -10.78 18.97 7.54
CA GLN K 224 -14.15 20.22 6.77
CA LYS L 28 18.73 29.27 51.10
CA LEU L 29 21.24 29.26 48.67
CA GLN L 30 20.28 25.96 47.68
CA ASP L 31 16.30 27.00 47.43
CA THR L 32 16.83 29.88 46.03
CA LEU L 33 18.70 28.38 43.11
CA VAL L 34 15.51 26.38 43.51
CA ARG L 35 14.15 29.63 42.14
CA GLN L 36 16.53 30.62 39.32
CA GLU L 37 16.86 27.53 37.08
CA ARG L 38 13.35 26.34 38.08
CA PRO L 39 11.00 28.84 36.36
CA ILE L 40 13.77 29.72 33.90
CA ARG L 41 14.06 26.10 32.83
CA LYS L 42 10.23 26.01 33.03
CA SER L 43 9.89 29.27 31.05
CA ILE L 44 12.26 27.92 28.39
CA GLU L 45 9.67 25.10 28.45
CA ASP L 46 7.43 28.00 27.77
CA LEU L 47 9.07 26.31 24.92
CA ARG L 48 8.52 22.78 24.10
CA ASN L 49 5.80 23.85 23.77
CA THR L 50 5.64 27.63 22.25
CA VAL L 51 7.81 25.24 20.27
CA ASP L 52 6.98 21.27 20.45
CA SER L 53 3.93 21.64 17.96
CA VAL L 54 5.69 24.35 15.99
CA SER L 55 6.82 20.84 14.51
CA ARG L 56 4.75 18.77 12.05
CA THR L 57 3.22 21.93 10.97
CA SER L 58 6.44 23.14 9.42
CA SER L 59 6.82 19.36 8.75
CA SER L 60 3.48 18.11 7.38
CA THR L 61 3.79 21.52 4.98
CA PHE L 62 6.69 19.75 3.14
CA GLN L 63 5.71 16.49 1.76
CA TYR L 64 2.49 18.27 0.75
CA ILE L 65 3.91 21.23 -1.14
CA THR L 66 7.27 19.45 -2.58
CA LEU L 67 4.03 17.58 -4.37
CA LEU L 68 3.13 20.79 -5.36
CA LYS L 69 6.34 22.11 -6.96
CA ASN L 70 5.49 19.31 -9.32
CA MET L 71 1.59 19.12 -10.42
CA TRP L 72 3.15 22.32 -12.65
CA LYS L 73 6.16 21.37 -14.65
CA GLY L 74 5.22 18.20 -14.66
CA ARG L 75 2.40 20.34 -16.29
CA GLN L 76 3.61 24.13 -16.96
CA ASN L 77 6.99 22.75 -18.75
CA GLN L 78 5.46 19.83 -19.34
CA VAL L 79 3.39 22.40 -21.60
CA GLN L 80 6.41 24.48 -23.51
CA ASP L 81 6.97 21.12 -25.19
CA ASN L 82 3.41 19.66 -25.89
CA GLU L 83 1.67 22.57 -26.81
CA ASN L 84 4.07 24.06 -29.43
CA VAL L 85 3.88 20.49 -30.61
CA VAL L 86 0.63 20.47 -31.72
CA ASN L 87 0.87 23.56 -32.98
CA GLU L 88 3.52 22.24 -35.33
CA TYR L 89 1.28 18.88 -35.48
CA SER L 90 -1.22 21.17 -36.60
CA SER L 91 0.25 23.97 -38.48
CA HIS L 92 -0.60 21.26 -41.15
CA LEU L 93 -4.33 20.50 -41.20
CA GLU L 94 -2.97 23.40 -43.78
CA LYS L 95 -2.58 20.31 -45.36
CA HIS L 96 -5.16 20.74 -46.98
CA GLN L 97 -6.56 24.19 -47.57
CA LEU L 98 -4.41 24.09 -51.10
CA TYR L 99 -6.37 21.03 -51.38
CA ILE L 100 -9.44 23.11 -51.31
CA ASP L 101 -7.35 25.67 -52.85
CA GLU L 102 -5.24 23.31 -55.58
CA THR L 103 -8.66 21.52 -55.87
CA VAL L 104 -12.09 23.13 -56.04
CA LYS L 105 -10.46 26.07 -57.85
CA ASN L 106 -7.29 25.04 -59.74
CA ASN L 107 -6.77 21.49 -60.23
CA ILE L 108 -10.53 20.56 -60.21
CA PRO L 109 -12.45 22.77 -62.88
CA THR L 110 -10.11 22.24 -65.16
CA LYS L 111 -10.46 18.43 -65.37
CA LEU L 112 -14.06 19.25 -66.24
CA ARG L 113 -13.80 22.48 -68.29
CA VAL L 114 -11.83 20.42 -70.81
CA LEU L 115 -13.61 17.17 -69.97
CA ARG L 116 -16.66 18.56 -71.75
CA SER L 117 -15.04 20.69 -74.48
CA ILE L 118 -13.65 17.42 -75.79
CA LEU L 119 -16.27 14.79 -74.78
CA GLU L 120 -18.67 17.34 -76.23
CA ASN L 121 -16.29 17.65 -79.18
CA LEU L 122 -16.71 13.92 -79.99
CA ARG L 123 -20.50 13.94 -80.01
CA SER L 124 -20.10 16.47 -82.87
CA LYS L 125 -17.42 14.63 -84.86
CA ILE L 126 -20.09 11.97 -85.12
CA GLN L 127 -22.57 14.06 -87.13
CA LYS L 128 -20.02 15.07 -89.77
CA LEU L 129 -19.37 11.38 -90.16
CA GLU L 130 -22.95 10.16 -89.65
CA SER L 131 -23.79 12.27 -92.72
CA ASP L 132 -20.70 11.59 -94.85
CA VAL L 133 -21.73 7.96 -94.70
CA SER L 134 -25.34 8.56 -95.67
CA THR L 135 -23.81 10.70 -98.43
CA GLN L 136 -21.29 8.31 -100.01
CA MET L 137 -24.03 5.80 -99.26
CA GLU L 138 -26.09 7.87 -101.67
CA TYR L 139 -23.18 8.69 -103.92
CA CYS L 140 -23.11 4.90 -104.10
CA ARG L 141 -26.56 4.26 -105.64
CA THR L 142 -24.92 4.62 -109.02
CA PRO L 143 -21.59 2.79 -109.68
CA CYS L 144 -18.43 4.04 -111.33
CA THR L 145 -18.24 2.96 -114.99
CA VAL L 146 -15.66 2.69 -117.71
CA THR L 147 -15.76 2.19 -121.47
CA CYS L 148 -12.68 0.13 -122.19
CA ASN L 149 -12.36 -0.53 -125.89
CA ILE L 150 -10.02 -3.52 -126.09
CA PRO L 151 -6.69 -2.75 -127.74
CA VAL L 152 -5.88 -4.35 -131.06
CA VAL L 153 -2.68 -6.18 -130.02
CA SER L 154 -2.59 -9.21 -127.72
CA GLY L 155 -0.69 -12.13 -126.23
CA LYS L 156 -0.42 -14.50 -123.28
CA GLU L 157 1.17 -11.62 -121.41
CA CYS L 158 2.36 -8.05 -122.06
CA GLU L 159 5.93 -8.66 -123.31
CA LYS L 160 4.23 -10.44 -126.21
CA ILE L 161 2.44 -7.22 -126.93
CA ILE L 162 5.42 -4.85 -126.83
CA ARG L 163 7.60 -7.05 -129.07
CA ASN L 164 4.32 -7.68 -130.83
CA GLU L 165 4.37 -3.87 -131.18
CA GLY L 166 1.59 -2.58 -128.85
CA GLU L 167 3.59 0.26 -127.33
CA THR L 168 1.23 2.54 -125.35
CA SER L 169 1.10 1.76 -121.65
CA GLU L 170 -2.60 0.98 -121.32
CA MET L 171 -5.26 -1.69 -120.86
CA TYR L 172 -4.62 -4.56 -123.19
CA LEU L 173 -6.11 -7.97 -123.15
CA ILE L 174 -4.27 -11.27 -122.81
CA GLN L 175 -4.64 -15.01 -122.96
CA PRO L 176 -1.72 -16.98 -121.49
CA GLU L 177 -3.35 -20.38 -121.97
CA ASP L 178 -5.32 -21.39 -125.06
CA SER L 179 -7.87 -22.54 -122.50
CA SER L 180 -7.39 -19.37 -120.46
CA LYS L 181 -10.49 -17.38 -121.52
CA PRO L 182 -8.61 -14.10 -122.11
CA TYR L 183 -8.84 -11.40 -119.46
CA ARG L 184 -7.87 -7.73 -119.42
CA VAL L 185 -4.84 -6.37 -117.60
CA TYR L 186 -3.08 -3.06 -117.66
CA CYS L 187 0.50 -3.20 -118.88
CA ASP L 188 3.17 -0.56 -118.61
CA MET L 189 5.09 -0.48 -121.82
CA LYS L 190 7.61 2.23 -121.00
CA THR L 191 8.80 1.94 -117.39
CA GLU L 192 11.83 -0.26 -117.89
CA LYS L 193 11.71 -1.99 -121.29
CA GLY L 194 7.99 -2.43 -120.94
CA GLY L 195 6.11 -5.73 -121.13
CA TRP L 196 5.36 -5.34 -117.44
CA THR L 197 1.96 -6.86 -116.63
CA VAL L 198 0.67 -4.88 -113.59
CA ILE L 199 -0.14 -7.54 -111.01
CA GLN L 200 -1.45 -5.28 -108.28
CA ASN L 201 -2.08 -1.53 -108.33
CA ARG L 202 -2.00 0.97 -105.45
CA GLN L 203 -2.10 4.74 -106.03
CA ASP L 204 -5.04 6.41 -104.27
CA GLY L 205 -6.68 3.70 -102.20
CA SER L 206 -9.76 3.96 -104.38
CA VAL L 207 -10.36 0.30 -103.62
CA ASP L 208 -11.02 -1.96 -100.66
CA PHE L 209 -8.19 -4.40 -100.26
CA GLY L 210 -10.02 -5.37 -97.11
CA ARG L 211 -11.16 -8.46 -98.96
CA LYS L 212 -11.37 -12.20 -98.34
CA TRP L 213 -9.77 -15.13 -100.15
CA ASP L 214 -11.77 -15.77 -103.32
CA PRO L 215 -11.62 -12.04 -104.13
CA TYR L 216 -7.84 -12.36 -103.84
CA LYS L 217 -7.03 -15.56 -105.69
CA GLN L 218 -9.58 -14.42 -108.25
CA GLY L 219 -8.28 -10.86 -108.42
CA PHE L 220 -9.91 -7.51 -107.75
CA GLY L 221 -9.71 -3.79 -108.46
CA ASN L 222 -10.28 -1.84 -111.65
CA ILE L 223 -7.63 -2.74 -114.24
CA ALA L 224 -7.65 0.75 -115.60
CA THR L 225 -9.83 3.74 -116.47
CA ASN L 226 -10.67 5.86 -119.53
CA ALA L 227 -8.38 8.92 -119.68
CA GLU L 228 -9.36 12.57 -120.24
CA GLY L 229 -11.70 11.92 -123.14
CA LYS L 230 -10.12 9.04 -125.09
CA LYS L 231 -12.11 5.86 -125.84
CA TYR L 232 -9.55 3.52 -124.33
CA CYS L 233 -8.80 3.55 -120.60
CA GLY L 234 -5.16 4.69 -120.80
CA VAL L 235 -5.42 5.15 -117.06
CA PRO L 236 -4.41 2.23 -114.76
CA GLY L 237 -6.65 1.05 -111.97
CA GLU L 238 -5.74 -0.04 -108.44
CA TYR L 239 -6.17 -3.82 -108.29
CA TRP L 240 -4.86 -7.20 -107.28
CA LEU L 241 -4.53 -9.28 -110.42
CA GLY L 242 -5.71 -12.48 -108.79
CA ASN L 243 -3.29 -15.01 -107.32
CA ASP L 244 -4.42 -17.72 -109.72
CA ARG L 245 -3.52 -15.70 -112.78
CA ILE L 246 -0.44 -14.30 -111.06
CA SER L 247 0.86 -17.81 -110.48
CA GLN L 248 -0.18 -19.02 -113.90
CA LEU L 249 1.70 -16.06 -115.31
CA THR L 250 4.66 -16.76 -113.05
CA ASN L 251 4.40 -20.55 -113.53
CA MET L 252 5.25 -19.78 -117.15
CA GLY L 253 8.85 -19.73 -116.04
CA PRO L 254 11.06 -16.60 -116.09
CA THR L 255 8.85 -14.05 -114.39
CA LYS L 256 11.07 -11.18 -113.19
CA LEU L 257 9.25 -9.21 -110.50
CA LEU L 258 9.49 -5.44 -110.07
CA ILE L 259 7.75 -3.43 -107.37
CA GLU L 260 7.74 0.35 -107.32
CA MET L 261 6.53 2.82 -104.69
CA GLU L 262 6.36 6.57 -104.02
CA ASP L 263 6.86 8.95 -101.12
CA TRP L 264 4.11 11.37 -100.23
CA LYS L 265 7.15 13.67 -100.15
CA GLY L 266 7.88 12.85 -103.76
CA ASP L 267 10.53 10.16 -103.48
CA LYS L 268 10.04 6.73 -105.07
CA VAL L 269 11.81 3.40 -105.14
CA THR L 270 12.01 0.13 -107.05
CA ALA L 271 12.12 -3.41 -105.73
CA LEU L 272 13.25 -5.84 -108.44
CA TYR L 273 12.85 -9.44 -107.43
CA GLU L 274 14.20 -11.04 -110.57
CA GLY L 275 12.64 -14.36 -109.68
CA PHE L 276 9.05 -13.98 -108.50
CA THR L 277 7.23 -17.37 -108.60
CA VAL L 278 3.87 -17.63 -106.88
CA GLN L 279 2.21 -21.08 -106.65
CA ASN L 280 -1.30 -22.48 -106.52
CA GLU L 281 -4.22 -22.43 -104.12
CA ALA L 282 -3.51 -25.96 -102.92
CA ASN L 283 0.02 -24.69 -102.36
CA LYS L 284 -1.32 -21.68 -100.50
CA TYR L 285 0.03 -19.65 -103.40
CA GLN L 286 3.41 -20.16 -101.82
CA LEU L 287 5.12 -16.93 -102.94
CA SER L 288 8.94 -16.64 -102.97
CA VAL L 289 11.45 -14.81 -105.15
CA SER L 290 14.99 -15.51 -106.36
CA LYS L 291 17.14 -12.37 -106.41
CA TYR L 292 16.32 -8.83 -105.38
CA LYS L 293 17.94 -5.59 -106.54
CA GLY L 294 16.61 -2.14 -105.70
CA THR L 295 16.63 0.90 -103.45
CA ALA L 296 14.26 -0.19 -100.71
CA GLY L 297 15.69 -3.35 -99.08
CA ASN L 298 14.68 -6.94 -99.75
CA ALA L 299 11.54 -7.05 -97.67
CA LEU L 300 10.61 -10.57 -98.75
CA ILE L 301 13.63 -12.75 -98.18
CA GLU L 302 15.20 -10.52 -95.52
CA GLY L 303 12.68 -9.48 -92.86
CA ALA L 304 12.67 -5.90 -91.57
CA SER L 305 15.93 -3.97 -92.10
CA GLN L 306 15.56 -2.72 -88.53
CA LEU L 307 14.75 -5.85 -86.55
CA VAL L 308 17.74 -8.19 -86.18
CA GLY L 309 18.15 -11.90 -85.60
CA GLU L 310 14.92 -13.87 -85.14
CA ASN L 311 13.12 -10.50 -85.16
CA ARG L 312 14.37 -9.71 -88.67
CA THR L 313 13.88 -13.35 -89.67
CA MET L 314 10.35 -13.27 -88.34
CA THR L 315 9.53 -11.12 -91.34
CA ILE L 316 10.70 -12.98 -94.42
CA HIS L 317 8.00 -13.91 -96.93
CA ASN L 318 10.16 -15.98 -99.25
CA SER L 319 8.45 -19.39 -98.93
CA MET L 320 5.38 -17.87 -97.29
CA PHE L 321 1.85 -19.11 -97.83
CA PHE L 322 -0.72 -16.53 -98.93
CA SER L 323 -3.08 -15.52 -96.11
CA THR L 324 -6.08 -13.16 -96.03
CA TYR L 325 -8.22 -11.91 -93.16
CA ASP L 326 -10.52 -14.91 -93.66
CA ARG L 327 -7.82 -17.38 -94.72
CA ASP L 328 -4.74 -17.63 -92.48
CA ASN L 329 -1.28 -19.07 -93.11
CA ASP L 330 1.07 -16.54 -91.51
CA GLY L 331 3.71 -17.30 -88.92
CA TRP L 332 1.27 -18.25 -86.20
CA LYS L 333 0.25 -20.67 -83.49
CA THR L 334 -3.42 -21.71 -83.46
CA THR L 335 -4.20 -19.28 -80.66
CA ASP L 336 -5.53 -15.92 -79.52
CA PRO L 337 -6.34 -13.71 -82.53
CA ARG L 338 -3.71 -11.41 -80.98
CA LYS L 339 -1.53 -13.54 -83.24
CA GLN L 340 -3.12 -13.80 -86.71
CA CYS L 341 -1.33 -11.17 -88.81
CA SER L 342 -4.16 -10.62 -91.29
CA LYS L 343 -7.00 -9.35 -89.13
CA GLU L 344 -10.54 -8.35 -90.13
CA ASP L 345 -10.70 -5.78 -92.93
CA GLY L 346 -6.96 -6.39 -93.18
CA GLY L 347 -5.45 -7.02 -96.59
CA GLY L 348 -4.64 -10.70 -97.11
CA TRP L 349 -1.18 -11.39 -98.56
CA TRP L 350 1.83 -13.70 -97.90
CA TYR L 351 2.18 -13.38 -94.13
CA ASN L 352 4.89 -14.95 -91.87
CA ARG L 353 5.11 -13.82 -88.24
CA CYS L 354 3.40 -10.98 -90.07
CA HIS L 355 5.04 -8.30 -92.12
CA ALA L 356 8.26 -6.66 -93.26
CA ALA L 357 6.07 -4.95 -95.89
CA ASN L 358 2.47 -5.21 -97.03
CA PRO L 359 1.53 -3.50 -100.36
CA ASN L 360 -1.96 -4.86 -99.83
CA GLY L 361 -2.36 -2.79 -96.68
CA ARG L 362 -4.79 0.04 -96.08
CA TYR L 363 -4.00 3.27 -97.88
CA TYR L 364 -3.60 5.36 -94.78
CA TRP L 365 -4.30 8.95 -95.77
CA GLY L 366 -1.02 10.86 -95.84
CA GLY L 367 0.69 7.58 -95.07
CA ALA L 368 2.51 7.89 -91.74
CA TYR L 369 0.09 6.79 -89.09
CA THR L 370 -0.39 5.39 -85.60
CA TRP L 371 -2.34 2.68 -83.73
CA ASP L 372 -4.92 5.06 -82.31
CA MET L 373 -5.62 5.04 -86.04
CA ALA L 374 -5.18 1.36 -86.87
CA LYS L 375 -8.65 -0.17 -86.39
CA HIS L 376 -6.77 -3.18 -85.01
CA GLY L 377 -3.69 -1.29 -83.88
CA THR L 378 -1.92 -3.60 -86.30
CA ASP L 379 0.56 -2.17 -88.76
CA ASP L 380 -2.34 -2.01 -91.20
CA GLY L 381 -0.74 0.49 -93.57
CA VAL L 382 0.60 -0.34 -97.02
CA VAL L 383 4.27 -0.72 -96.15
CA TRP L 384 7.81 -1.48 -97.13
CA MET L 385 9.66 -1.21 -93.84
CA ASN L 386 13.13 -1.62 -95.34
CA TRP L 387 12.63 1.92 -96.62
CA GLN L 388 10.02 4.00 -94.71
CA GLY L 389 10.11 2.14 -91.41
CA SER L 390 6.63 1.18 -90.32
CA TRP L 391 3.28 2.81 -89.63
CA TYR L 392 3.49 4.55 -92.99
CA SER L 393 0.93 3.42 -95.57
CA MET L 394 2.90 4.23 -98.69
CA LYS L 395 2.20 7.07 -101.14
CA LYS L 396 2.18 4.75 -104.12
CA MET L 397 3.26 1.20 -104.81
CA SER L 398 2.30 -1.55 -107.26
CA LYS L 399 3.62 -4.92 -108.44
CA MET L 400 4.48 -5.87 -112.05
CA ILE L 401 5.93 -8.79 -114.04
CA ARG L 402 7.87 -9.11 -117.34
CA PRO L 403 9.49 -12.56 -117.79
CA TYR L 404 13.15 -13.23 -117.14
CA PHE L 405 15.76 -13.50 -119.87
CA PRO L 406 19.22 -12.33 -118.73
CA GLU L 407 20.79 -12.30 -115.25
CA ASP M 27 28.16 18.86 42.71
CA PHE M 28 24.69 17.66 42.39
CA LEU M 29 23.95 21.00 41.10
CA ASN M 30 26.55 21.08 38.50
CA ASN M 31 25.49 17.80 37.19
CA TYR M 32 21.99 18.92 36.97
CA GLN M 33 23.62 21.26 34.84
CA THR M 34 25.47 19.30 32.33
CA SER M 35 22.72 16.99 31.19
CA VAL M 36 20.59 19.86 30.34
CA ASP M 37 22.78 21.21 28.23
CA LYS M 38 22.44 18.35 26.08
CA ASP M 39 18.85 18.56 25.34
CA LEU M 40 18.70 22.10 24.89
CA ARG M 41 21.28 21.34 22.38
CA THR M 42 19.34 18.49 21.10
CA LEU M 43 16.08 20.65 21.16
CA GLU M 44 18.40 23.19 19.33
CA GLY M 45 18.90 20.36 16.41
CA ILE M 46 15.85 20.04 16.31
CA LEU M 47 14.29 23.26 15.86
CA TYR M 48 17.12 23.25 13.58
CA GLN M 49 16.01 22.08 10.87
CA VAL M 50 12.62 23.63 11.03
CA GLU M 51 14.85 26.50 10.15
CA ASN M 52 16.78 24.23 7.84
CA LYS M 53 13.53 23.07 6.22
CA THR M 54 11.34 26.20 6.14
CA SER M 55 14.57 27.76 5.06
CA GLU M 56 15.19 25.01 2.10
CA ALA M 57 11.34 25.62 1.41
CA ARG M 58 11.54 28.61 0.79
CA GLU M 59 14.37 28.26 -1.53
CA LEU M 60 12.75 26.38 -3.60
CA VAL M 61 9.63 28.58 -3.54
CA LYS M 62 11.74 31.45 -4.89
CA ALA M 63 13.17 29.39 -7.81
CA ILE M 64 9.60 28.20 -8.49
CA GLN M 65 8.50 31.83 -8.93
CA ILE M 66 11.54 32.51 -11.21
CA SER M 67 10.64 29.50 -13.45
CA TYR M 68 7.08 30.73 -13.79
CA ASN M 69 7.82 33.72 -15.46
CA PRO M 70 8.16 33.27 -19.24
CA ASP M 71 6.37 30.03 -20.09
CA GLN M 72 3.07 31.87 -20.32
CA PRO M 73 1.00 30.54 -20.96
CA SER M 74 -0.51 33.68 -22.58
CA LYS M 75 2.15 33.53 -25.13
CA PRO M 76 1.07 30.02 -26.09
CA ASN M 77 -1.68 32.08 -27.37
CA ASN M 78 -1.61 29.71 -30.01
CA ILE M 79 -4.34 27.19 -28.07
CA GLU M 80 -7.48 29.65 -28.14
CA SER M 81 -6.33 31.07 -31.45
CA ALA M 82 -6.02 27.58 -32.87
CA THR M 83 -9.53 26.74 -31.63
CA LYS M 84 -10.76 29.62 -33.42
CA ASN M 85 -8.89 29.63 -36.72
CA SER M 86 -10.61 26.28 -36.63
CA LYS M 87 -14.09 27.51 -36.27
CA SER M 88 -12.91 28.99 -39.30
CA MET M 89 -12.20 25.15 -40.06
CA MET M 90 -16.31 24.97 -39.96
CA GLU M 91 -17.11 27.84 -42.54
CA GLU M 92 -14.76 27.06 -45.54
CA ILE M 93 -15.74 23.24 -44.94
CA MET M 94 -19.85 23.68 -45.03
CA LYS M 95 -19.01 25.29 -48.67
CA TYR M 96 -17.25 22.10 -49.76
CA GLU M 97 -20.19 19.88 -48.82
CA THR M 98 -22.67 21.69 -51.07
CA LEU M 99 -20.15 22.19 -53.83
CA ILE M 100 -19.69 18.44 -53.52
CA SER M 101 -23.35 18.19 -54.56
CA THR M 102 -23.15 20.36 -57.72
CA HIS M 103 -20.15 18.20 -58.76
CA GLU M 104 -21.95 14.82 -58.73
CA SER M 105 -24.98 15.81 -60.81
CA THR M 106 -23.25 17.89 -63.47
CA ILE M 107 -20.94 14.87 -63.72
CA ARG M 108 -23.69 12.42 -64.72
CA PHE M 109 -24.84 14.27 -67.86
CA LEU M 110 -21.29 13.93 -69.19
CA GLN M 111 -21.34 10.48 -67.57
CA GLU M 112 -24.09 10.13 -70.09
CA ILE M 113 -22.46 11.98 -73.01
CA TYR M 114 -19.48 9.60 -72.81
CA ASN M 115 -22.36 7.11 -72.32
CA SER M 116 -24.47 8.15 -75.33
CA ASN M 117 -21.27 8.11 -77.38
CA SER M 118 -21.44 4.30 -76.95
CA GLN M 119 -24.74 3.50 -78.69
CA LYS M 120 -24.88 5.74 -81.77
CA ILE M 121 -21.27 4.72 -82.28
CA VAL M 122 -22.43 1.09 -81.95
CA ASN M 123 -25.11 1.79 -84.53
CA LEU M 124 -22.67 3.58 -86.81
CA ARG M 125 -20.76 0.29 -86.86
CA ASP M 126 -23.27 -2.04 -88.48
CA LYS M 127 -24.09 0.51 -91.16
CA VAL M 128 -20.47 0.93 -92.15
CA VAL M 129 -20.73 -2.84 -92.50
CA GLN M 130 -23.80 -2.54 -94.66
CA LEU M 131 -21.60 -0.11 -96.63
CA GLU M 132 -18.49 -2.19 -97.22
CA ALA M 133 -21.11 -4.71 -98.34
CA ASN M 134 -21.41 -2.43 -101.41
CA CYS M 135 -18.04 -1.08 -102.47
CA GLN M 136 -16.99 -4.63 -103.40
CA GLU M 137 -17.96 -4.94 -107.07
CA PRO M 138 -15.38 -3.14 -109.25
CA CYS M 139 -16.62 -0.46 -111.60
CA GLN M 140 -18.86 -1.68 -114.41
CA ASP M 141 -17.48 -1.98 -117.93
CA THR M 142 -19.52 -1.52 -121.03
CA VAL M 143 -17.35 -3.28 -123.59
CA LYS M 144 -18.79 -6.79 -123.39
CA ILE M 145 -17.49 -9.47 -125.76
CA HIS M 146 -19.80 -12.24 -126.99
CA ASP M 147 -18.99 -15.91 -126.47
CA VAL M 148 -19.31 -17.83 -129.73
CA THR M 149 -16.68 -17.42 -132.40
CA GLY M 150 -15.33 -19.22 -135.47
CA ARG M 151 -13.09 -18.71 -138.48
CA ASP M 152 -14.88 -15.38 -139.05
CA CYS M 153 -17.88 -13.30 -137.86
CA GLN M 154 -20.20 -14.76 -140.40
CA ASP M 155 -19.22 -18.12 -138.91
CA VAL M 156 -20.67 -16.79 -135.66
CA ALA M 157 -23.27 -14.75 -137.47
CA ASN M 158 -24.49 -18.08 -138.87
CA LYS M 159 -23.48 -19.82 -135.65
CA GLY M 160 -26.20 -17.65 -134.16
CA ALA M 161 -24.57 -14.25 -133.60
CA LYS M 162 -27.46 -11.82 -134.17
CA GLU M 163 -25.76 -8.65 -132.93
CA SER M 164 -22.80 -6.57 -134.05
CA GLY M 165 -19.90 -5.98 -131.72
CA LEU M 166 -16.63 -7.50 -130.66
CA TYR M 167 -16.15 -11.26 -131.05
CA PHE M 168 -13.34 -13.81 -130.97
CA ILE M 169 -12.40 -16.01 -133.97
CA ARG M 170 -9.75 -18.33 -135.32
CA PRO M 171 -9.38 -19.08 -139.05
CA LEU M 172 -8.22 -22.69 -139.34
CA LYS M 173 -4.58 -22.15 -140.40
CA ALA M 174 -4.48 -19.57 -137.60
CA LYS M 175 -2.72 -20.29 -134.32
CA GLN M 176 -4.32 -18.52 -131.35
CA GLN M 177 -7.75 -16.95 -131.88
CA PHE M 178 -8.34 -13.21 -131.81
CA LEU M 179 -11.06 -10.63 -131.34
CA VAL M 180 -12.17 -8.36 -134.20
CA TYR M 181 -15.03 -6.00 -135.00
CA CYS M 182 -17.95 -7.84 -136.57
CA GLU M 183 -20.57 -5.78 -138.36
CA ILE M 184 -23.83 -7.67 -138.95
CA ASP M 185 -27.35 -7.01 -140.23
CA GLY M 186 -30.83 -8.51 -140.56
CA SER M 187 -29.74 -10.53 -143.55
CA GLY M 188 -27.22 -12.24 -141.29
CA ASN M 189 -23.84 -11.02 -142.63
CA GLY M 190 -20.63 -11.68 -140.68
CA TRP M 191 -19.09 -8.49 -142.05
CA THR M 192 -15.78 -8.85 -140.21
CA VAL M 193 -13.91 -5.59 -140.38
CA PHE M 194 -10.19 -5.09 -140.45
CA GLN M 195 -10.08 -1.35 -140.69
CA LYS M 196 -12.28 1.69 -140.13
CA ARG M 197 -11.54 5.30 -139.33
CA LEU M 198 -13.43 8.45 -138.31
CA ASP M 199 -11.40 10.95 -136.33
CA GLY M 200 -7.76 11.38 -135.47
CA SER M 201 -7.07 8.78 -132.82
CA LEU M 202 -4.34 6.75 -134.52
CA ASP M 203 -1.17 8.16 -135.98
CA PHE M 204 -1.40 5.60 -138.70
CA LYS M 205 2.33 6.20 -139.40
CA LYS M 206 3.17 2.86 -137.86
CA ASN M 207 5.39 -0.04 -138.84
CA TRP M 208 5.30 -3.52 -140.27
CA ILE M 209 4.80 -5.43 -137.05
CA GLN M 210 2.55 -2.73 -135.73
CA TYR M 211 0.70 -3.19 -139.00
CA LYS M 212 1.61 -6.86 -139.17
CA GLU M 213 -0.28 -7.34 -135.98
CA GLY M 214 -2.39 -4.22 -136.19
CA PHE M 215 -3.18 -1.37 -133.84
CA GLY M 216 -5.93 0.94 -132.64
CA HIS M 217 -8.86 -0.32 -130.64
CA LEU M 218 -12.03 -2.27 -131.08
CA SER M 219 -15.29 -0.87 -129.77
CA PRO M 220 -18.52 -2.96 -129.88
CA THR M 221 -19.77 0.26 -131.47
CA GLY M 222 -16.98 0.63 -133.99
CA ASN M 223 -16.56 4.31 -133.09
CA THR M 224 -13.08 2.91 -132.59
CA GLU M 225 -10.49 3.93 -135.22
CA PHE M 226 -8.42 0.75 -135.87
CA TRP M 227 -6.19 -1.36 -138.12
CA LEU M 228 -6.80 -5.08 -137.70
CA GLY M 229 -3.21 -5.96 -138.58
CA ASN M 230 -2.11 -7.32 -141.95
CA GLU M 231 -1.39 -10.92 -140.95
CA LYS M 232 -4.59 -11.39 -138.97
CA ILE M 233 -6.65 -10.16 -141.87
CA HIS M 234 -4.67 -12.32 -144.22
CA LEU M 235 -5.31 -15.36 -142.04
CA ILE M 236 -8.99 -14.84 -142.78
CA SER M 237 -8.38 -13.31 -146.21
CA THR M 238 -6.80 -16.69 -147.04
CA GLN M 239 -8.60 -19.71 -145.49
CA SER M 240 -10.38 -22.91 -146.63
CA THR M 241 -10.34 -21.76 -150.27
CA ILE M 242 -13.70 -19.98 -150.16
CA PRO M 243 -15.10 -16.71 -151.63
CA TYR M 244 -14.02 -13.48 -149.86
CA VAL M 245 -15.11 -9.88 -150.61
CA LEU M 246 -13.39 -6.65 -149.56
CA ARG M 247 -16.24 -4.04 -149.27
CA ILE M 248 -15.21 -0.40 -148.67
CA GLN M 249 -17.98 1.85 -147.36
CA LEU M 250 -16.76 5.46 -147.60
CA GLU M 251 -18.10 8.77 -146.27
CA ASP M 252 -17.50 12.45 -147.02
CA TRP M 253 -17.71 15.54 -144.87
CA ASN M 254 -21.29 15.78 -146.09
CA GLY M 255 -22.99 12.56 -145.03
CA ARG M 256 -22.43 10.66 -148.25
CA THR M 257 -21.60 7.00 -148.32
CA SER M 258 -20.39 4.94 -151.26
CA THR M 259 -19.59 1.26 -151.00
CA ALA M 260 -17.01 -0.20 -153.38
CA ASP M 261 -16.71 -4.02 -153.11
CA TYR M 262 -13.88 -5.98 -154.69
CA ALA M 263 -14.28 -9.58 -155.79
CA SER M 264 -12.27 -12.33 -154.14
CA PHE M 265 -10.18 -10.71 -151.41
CA LYS M 266 -6.77 -12.23 -150.90
CA VAL M 267 -3.83 -10.81 -148.99
CA THR M 268 -0.42 -12.49 -148.81
CA GLY M 269 1.53 -13.75 -145.82
CA GLU M 270 4.54 -11.88 -144.52
CA ASN M 271 6.41 -14.20 -146.85
CA ASP M 272 5.14 -11.83 -149.50
CA LYS M 273 4.90 -8.60 -147.60
CA TYR M 274 1.19 -9.20 -146.98
CA ARG M 275 0.43 -8.58 -150.63
CA LEU M 276 -2.94 -7.46 -151.85
CA THR M 277 -5.14 -9.54 -154.11
CA TYR M 278 -8.70 -9.78 -155.57
CA ALA M 279 -9.98 -11.35 -158.74
CA TYR M 280 -11.78 -8.39 -160.21
CA PHE M 281 -13.64 -5.27 -159.09
CA ILE M 282 -17.47 -5.08 -158.90
CA GLY M 283 -20.51 -2.77 -158.54
CA GLY M 284 -19.17 -0.18 -156.12
CA ASP M 285 -20.18 3.50 -156.52
CA ALA M 286 -16.97 4.70 -154.95
CA GLY M 287 -15.22 3.46 -158.07
CA ASP M 288 -12.12 1.23 -158.43
CA ALA M 289 -9.22 3.26 -157.01
CA PHE M 290 -7.29 0.00 -157.00
CA ASP M 291 -7.50 -0.09 -160.77
CA GLY M 292 -5.08 2.82 -160.77
CA TYR M 293 -5.95 6.32 -161.93
CA ASP M 294 -4.87 9.33 -163.97
CA PHE M 295 -4.35 12.67 -162.40
CA GLY M 296 -2.45 13.60 -165.51
CA ASP M 297 0.66 14.08 -163.41
CA ASP M 298 1.96 11.65 -166.01
CA SER M 299 0.68 9.01 -168.42
CA SER M 300 1.96 6.03 -166.46
CA ASP M 301 -0.34 7.19 -163.69
CA LYS M 302 -2.93 4.43 -164.00
CA PHE M 303 -0.15 1.80 -163.89
CA PHE M 304 1.76 3.65 -161.25
CA THR M 305 -1.11 3.42 -158.82
CA SER M 306 -2.35 0.06 -159.97
CA HIS M 307 -3.34 -1.30 -156.62
CA ASN M 308 -4.29 -4.97 -156.94
CA GLY M 309 -1.42 -7.36 -156.52
CA MET M 310 0.85 -5.53 -154.13
CA GLN M 311 3.07 -6.39 -151.21
CA PHE M 312 1.58 -4.29 -148.44
CA SER M 313 4.18 -1.96 -146.99
CA THR M 314 5.26 0.67 -144.47
CA TRP M 315 7.88 3.29 -143.77
CA ASP M 316 10.47 0.73 -142.60
CA SER M 317 9.99 -2.27 -144.93
CA ASP M 318 9.64 -0.67 -148.35
CA ASN M 319 7.48 -2.71 -150.76
CA ASP M 320 6.48 0.20 -152.99
CA LYS M 321 6.94 -0.20 -156.73
CA TYR M 322 8.54 3.21 -156.71
CA ASP M 323 12.05 4.34 -155.84
CA GLY M 324 12.41 5.17 -152.17
CA ASN M 325 9.17 4.45 -150.21
CA CYS M 326 5.64 5.97 -150.27
CA ALA M 327 4.82 4.50 -146.90
CA GLU M 328 6.99 7.07 -145.09
CA GLN M 329 6.55 10.38 -146.94
CA ASP M 330 2.84 9.65 -147.15
CA GLY M 331 3.38 8.35 -143.65
CA SER M 332 1.36 5.13 -143.53
CA GLY M 333 1.00 1.40 -143.53
CA TRP M 334 -0.69 0.57 -146.76
CA TRP M 335 0.24 -1.36 -149.87
CA MET M 336 1.78 1.23 -152.28
CA ASN M 337 3.14 0.89 -155.82
CA LYS M 338 4.71 4.11 -157.17
CA CYS M 339 2.20 5.18 -154.55
CA HIS M 340 -1.56 5.32 -154.63
CA ALA M 341 -4.77 5.66 -156.54
CA GLY M 342 -6.58 5.07 -153.31
CA HIS M 343 -4.92 4.59 -149.92
CA LEU M 344 -6.89 4.90 -146.71
CA ASN M 345 -4.21 5.22 -144.11
CA GLY M 346 -3.29 8.76 -145.02
CA VAL M 347 -2.84 11.63 -142.63
CA TYR M 348 -6.51 12.00 -141.66
CA TYR M 349 -7.01 15.61 -142.60
CA GLN M 350 -9.97 17.35 -141.03
CA GLY M 351 -12.74 18.74 -143.21
CA GLY M 352 -11.41 16.51 -145.91
CA THR M 353 -10.13 19.46 -147.89
CA TYR M 354 -6.40 20.04 -147.81
CA SER M 355 -3.39 20.93 -149.93
CA LYS M 356 0.24 20.89 -151.08
CA THR M 357 0.82 23.37 -148.28
CA SER M 358 -0.52 20.91 -145.73
CA THR M 359 2.56 18.69 -145.68
CA PRO M 360 6.05 20.02 -146.42
CA ASN M 361 6.45 18.57 -149.93
CA GLY M 362 2.70 18.25 -150.15
CA TYR M 363 1.18 14.80 -150.52
CA ASP M 364 -2.18 13.20 -151.21
CA ASN M 365 -0.99 11.60 -148.01
CA GLY M 366 -4.54 11.68 -146.78
CA ILE M 367 -7.44 9.20 -146.82
CA ILE M 368 -8.16 9.65 -150.57
CA TRP M 369 -9.90 7.61 -153.26
CA ALA M 370 -9.61 9.49 -156.59
CA THR M 371 -12.14 7.08 -158.02
CA TRP M 372 -14.70 8.79 -155.75
CA LYS M 373 -13.24 12.11 -154.63
CA SER M 374 -10.42 14.61 -155.04
CA ARG M 375 -6.71 13.96 -154.61
CA TRP M 376 -7.03 16.55 -151.86
CA TYR M 377 -10.22 15.65 -150.04
CA SER M 378 -9.62 13.31 -147.10
CA MET M 379 -12.64 11.21 -146.16
CA LYS M 380 -14.46 11.31 -142.89
CA LYS M 381 -14.97 7.57 -142.79
CA THR M 382 -13.48 4.26 -143.96
CA THR M 383 -14.36 0.65 -143.19
CA MET M 384 -12.68 -2.08 -145.30
CA LYS M 385 -14.20 -5.35 -144.10
CA ILE M 386 -14.72 -8.73 -145.73
CA ILE M 387 -17.01 -11.72 -146.04
CA PRO M 388 -17.69 -14.77 -148.23
CA LEU M 389 -18.55 -13.69 -151.78
CA ASN M 390 -21.15 -16.42 -151.34
CA ARG M 391 -23.10 -14.01 -149.13
CA LEU M 392 -24.20 -10.59 -150.40
CA ALA M 393 -24.47 -11.22 -154.15
CA ILE M 394 -25.42 -7.62 -155.05
CA GLY M 395 -27.15 -5.46 -152.42
CA GLU M 396 -30.54 -5.66 -150.70
CA UNK N 1 50.71 35.84 50.21
CA UNK N 2 48.49 38.08 48.32
CA UNK N 3 46.16 37.06 46.13
CA UNK N 4 43.05 36.13 46.33
CA UNK N 5 39.85 34.89 48.10
CA UNK N 6 37.32 37.74 46.52
CA UNK N 7 37.14 41.00 48.72
CA UNK N 8 35.96 42.96 50.34
CA UNK N 9 32.98 41.73 50.95
CA UNK N 10 34.52 39.90 54.18
CA UNK N 11 35.58 43.55 55.28
CA UNK N 12 32.28 43.61 55.11
CA UNK N 13 28.58 43.08 56.15
CA UNK N 14 25.93 41.40 58.38
CA UNK N 15 37.44 22.40 53.87
CA UNK N 16 35.95 19.08 52.63
CA UNK N 17 32.65 17.30 53.60
CA UNK N 18 31.58 20.22 55.84
CA UNK N 19 29.31 18.05 58.14
CA UNK N 20 14.49 32.65 57.05
CA UNK N 21 10.66 32.43 58.24
CA UNK N 22 9.35 28.72 58.60
CA UNK N 23 7.22 25.54 58.92
CA UNK N 24 8.44 21.70 59.44
CA UNK N 25 12.04 20.32 60.90
CA UNK N 26 13.59 16.62 61.50
CA UNK N 27 14.50 13.05 60.46
CA UNK N 28 16.29 9.59 60.82
CA UNK N 29 19.83 10.76 62.06
CA UNK N 30 17.62 11.74 64.45
CA UNK N 31 16.74 8.73 66.20
CA UNK N 32 20.07 8.60 67.21
CA UNK N 33 19.92 12.15 67.99
CA UNK N 34 21.00 13.96 70.21
CA UNK N 35 22.51 17.87 69.71
CA UNK N 36 22.94 20.91 67.93
CA UNK N 37 23.95 23.10 64.63
CA UNK N 38 25.69 21.88 61.16
CA UNK N 39 25.73 25.22 59.25
CA UNK N 40 22.78 26.98 59.62
CA UNK N 41 20.31 29.41 61.02
CA UNK N 42 23.76 30.99 59.86
CA UNK N 43 26.01 31.73 62.32
CA UNK N 44 27.10 28.37 63.67
CA UNK N 45 30.68 29.17 63.73
CA UNK N 46 54.40 29.58 41.58
CA UNK N 47 53.56 26.69 43.74
CA UNK N 48 52.32 25.50 46.90
CA UNK N 49 49.93 25.63 48.58
CA UNK N 50 47.21 26.66 50.73
CA UNK N 51 45.88 24.07 51.27
CA UNK N 52 46.62 21.69 47.90
CA UNK N 53 47.10 18.50 47.75
CA UNK N 54 43.84 17.81 49.17
CA UNK N 55 41.12 17.06 46.60
CA UNK N 56 43.34 14.88 44.61
CA UNK N 57 45.54 13.21 47.57
CA UNK N 58 43.81 10.69 48.56
CA UNK N 59 40.39 9.07 47.83
CA UNK N 60 31.40 33.84 52.51
CA UNK N 61 28.75 30.95 51.76
CA UNK N 62 25.87 30.46 52.76
CA UNK N 63 23.47 27.56 52.57
CA UNK N 64 20.81 26.60 52.46
CA UNK N 65 36.84 4.40 60.52
CA UNK N 66 34.10 1.58 61.39
CA UNK N 67 30.45 2.54 60.24
CA UNK N 68 26.65 2.79 59.73
CA UNK N 69 24.58 5.15 57.17
CA UNK N 70 23.17 6.93 56.61
CA UNK N 71 19.14 7.32 56.29
CA UNK N 72 15.68 7.85 58.00
CA UNK N 73 12.33 9.51 57.22
CA UNK N 74 11.72 10.82 53.96
CA UNK N 75 13.34 8.04 52.83
CA UNK N 76 11.06 5.07 53.24
CA UNK N 77 8.97 6.85 51.45
CA UNK N 78 11.80 8.53 49.00
CA UNK N 79 13.55 10.86 46.98
CA UNK N 80 15.36 14.29 47.05
CA UNK N 81 17.16 17.35 46.82
CA UNK N 82 19.70 20.21 48.24
CA UNK N 83 21.35 20.57 51.93
CA UNK N 84 24.88 20.81 52.14
CA UNK N 85 26.19 17.39 52.04
CA UNK N 86 26.92 14.19 50.91
CA UNK N 87 28.43 15.80 48.44
CA UNK N 88 28.87 18.14 47.52
CA UNK N 89 25.25 19.69 47.02
CA UNK N 90 27.09 21.79 44.62
#